data_6D8B
#
_entry.id   6D8B
#
_cell.length_a   202.642
_cell.length_b   116.891
_cell.length_c   119.628
_cell.angle_alpha   90.00
_cell.angle_beta   124.16
_cell.angle_gamma   90.00
#
_symmetry.space_group_name_H-M   'C 1 2 1'
#
loop_
_entity.id
_entity.type
_entity.pdbx_description
1 polymer 'Hemagglutinin HA1 chain'
2 polymer 'Hemagglutinin HA2 chain'
3 non-polymer 2-acetamido-2-deoxy-beta-D-glucopyranose
#
loop_
_entity_poly.entity_id
_entity_poly.type
_entity_poly.pdbx_seq_one_letter_code
_entity_poly.pdbx_strand_id
1 'polypeptide(L)'
;DKICLGHHAVSNGTKVNTLTERGVEVVNATETVERTNIPRICSKGKRTVDLGQCGLLGTITGPPQCDQFLEFSADLIIER
REGSDVCYPGKFVNEEALRQILRESGGIDKETMGFTYNGIRTNGVTSACKRSGSSFYAEMKWLLSNTDNAAFPQMTKSYK
NTRKSPAIIVWGIHHSVSTAEQTKLYGSGNKLVTVGSSNYQQSFVPSPGARPQVNGLSGRIDFHWLILNPNDTVTFSFNG
AFIAPDRASFLRGKSMGIQSGVQVDANCEGDCYHSGGTIISNLPFQNIDSRAVGKCPRYVKQRSLLLATGMKNVPEIPKG
R
;
A,C,E
2 'polypeptide(L)'
;GLFGAIAGFIENGWEGLIDGWYGFRHQNAQGEGTAADYKSTQSAIDQITGKLNRLIAKTNQQFELIDNEFNEVEKQIGNV
INWTRDSITEVWSYNAELLIAMENQHTIDLADSEMDKLYERVKRQLRENAEEDGTGCFEIFHKCDDDCMASIRNNTYDHR
KYREEAMQNRIQIDPVKLSSGYKDVILWFSFGASCFILLAIVMGLVFICVKNGNMRCTICI
;
B,D,F
#
loop_
_chem_comp.id
_chem_comp.type
_chem_comp.name
_chem_comp.formula
NAG D-saccharide, beta linking 2-acetamido-2-deoxy-beta-D-glucopyranose 'C8 H15 N O6'
#
# COMPACT_ATOMS: atom_id res chain seq x y z
N ASP A 1 -41.74 27.09 40.96
CA ASP A 1 -41.98 25.89 40.16
C ASP A 1 -41.37 25.97 38.77
N LYS A 2 -40.49 25.00 38.51
CA LYS A 2 -39.80 24.93 37.25
C LYS A 2 -39.24 23.53 36.97
N ILE A 3 -38.79 23.35 35.73
CA ILE A 3 -38.18 22.10 35.29
C ILE A 3 -36.86 22.38 34.55
N CYS A 4 -35.82 21.62 34.90
CA CYS A 4 -34.53 21.69 34.24
C CYS A 4 -34.16 20.38 33.55
N LEU A 5 -33.52 20.49 32.39
CA LEU A 5 -32.87 19.35 31.75
C LEU A 5 -31.36 19.40 31.95
N GLY A 6 -30.74 18.23 31.89
CA GLY A 6 -29.32 18.10 32.10
C GLY A 6 -28.83 16.76 31.62
N HIS A 7 -27.55 16.49 31.90
CA HIS A 7 -26.92 15.25 31.48
C HIS A 7 -25.92 14.83 32.55
N HIS A 8 -25.49 13.57 32.46
CA HIS A 8 -24.64 13.02 33.51
C HIS A 8 -23.16 13.39 33.29
N ALA A 9 -22.37 13.13 34.32
CA ALA A 9 -20.93 13.39 34.33
C ALA A 9 -20.34 12.55 35.46
N VAL A 10 -19.01 12.63 35.63
CA VAL A 10 -18.31 11.84 36.62
C VAL A 10 -17.04 12.58 37.03
N SER A 11 -16.44 12.12 38.13
CA SER A 11 -15.27 12.78 38.72
C SER A 11 -14.08 12.72 37.79
N ASN A 12 -13.83 11.56 37.20
CA ASN A 12 -12.75 11.40 36.23
C ASN A 12 -13.28 10.80 34.94
N GLY A 13 -13.11 11.55 33.84
CA GLY A 13 -13.33 11.01 32.52
C GLY A 13 -12.06 10.40 31.95
N THR A 14 -12.14 10.05 30.67
CA THR A 14 -11.01 9.59 29.89
C THR A 14 -10.74 10.61 28.79
N LYS A 15 -9.46 10.94 28.57
CA LYS A 15 -9.12 11.93 27.57
C LYS A 15 -8.92 11.26 26.21
N VAL A 16 -9.49 11.88 25.18
CA VAL A 16 -9.49 11.37 23.83
C VAL A 16 -9.05 12.51 22.91
N ASN A 17 -8.93 12.20 21.62
CA ASN A 17 -8.56 13.17 20.61
C ASN A 17 -9.68 13.29 19.59
N THR A 18 -9.79 14.47 18.98
CA THR A 18 -10.82 14.72 17.97
C THR A 18 -10.18 15.43 16.78
N LEU A 19 -11.01 15.73 15.78
CA LEU A 19 -10.57 16.55 14.66
C LEU A 19 -10.12 17.94 15.11
N THR A 20 -10.66 18.44 16.22
CA THR A 20 -10.40 19.81 16.64
C THR A 20 -9.65 19.92 17.95
N GLU A 21 -9.49 18.82 18.67
CA GLU A 21 -8.92 18.92 19.99
C GLU A 21 -8.02 17.73 20.32
N ARG A 22 -7.07 17.93 21.22
CA ARG A 22 -6.30 16.85 21.83
C ARG A 22 -6.60 16.85 23.32
N GLY A 23 -6.93 15.68 23.86
CA GLY A 23 -7.18 15.51 25.28
C GLY A 23 -8.44 16.16 25.83
N VAL A 24 -9.58 15.90 25.19
CA VAL A 24 -10.88 16.24 25.76
C VAL A 24 -11.39 15.12 26.66
N GLU A 25 -12.05 15.49 27.76
CA GLU A 25 -12.54 14.48 28.69
C GLU A 25 -13.94 14.07 28.28
N VAL A 26 -14.13 12.78 28.06
CA VAL A 26 -15.41 12.20 27.72
C VAL A 26 -15.73 11.25 28.87
N VAL A 27 -17.00 10.92 29.00
CA VAL A 27 -17.43 10.09 30.13
C VAL A 27 -16.74 8.73 30.08
N ASN A 28 -16.88 8.02 28.97
CA ASN A 28 -16.30 6.69 28.82
C ASN A 28 -15.69 6.56 27.43
N ALA A 29 -14.54 5.90 27.38
CA ALA A 29 -13.88 5.55 26.12
C ALA A 29 -13.41 4.11 26.18
N THR A 30 -12.96 3.59 25.05
CA THR A 30 -12.43 2.23 24.99
C THR A 30 -11.26 2.17 24.02
N GLU A 31 -10.25 1.38 24.38
CA GLU A 31 -9.05 1.26 23.58
C GLU A 31 -9.31 0.60 22.23
N THR A 32 -8.47 0.92 21.24
CA THR A 32 -8.63 0.42 19.88
C THR A 32 -7.37 -0.24 19.34
N VAL A 33 -6.22 -0.08 19.98
CA VAL A 33 -4.97 -0.70 19.55
C VAL A 33 -4.62 -1.77 20.57
N GLU A 34 -4.46 -3.01 20.12
CA GLU A 34 -4.09 -4.09 21.02
C GLU A 34 -2.61 -4.00 21.42
N ARG A 35 -2.35 -4.05 22.73
CA ARG A 35 -0.98 -4.11 23.23
C ARG A 35 -0.62 -5.40 23.96
N THR A 36 -1.61 -6.19 24.38
CA THR A 36 -1.34 -7.35 25.21
C THR A 36 -1.10 -8.56 24.32
N ASN A 37 0.06 -9.18 24.48
CA ASN A 37 0.44 -10.42 23.83
C ASN A 37 0.12 -11.56 24.78
N ILE A 38 -0.03 -12.75 24.22
CA ILE A 38 -0.03 -13.97 25.03
C ILE A 38 1.19 -14.79 24.61
N PRO A 39 2.09 -15.10 25.54
CA PRO A 39 3.43 -15.58 25.14
C PRO A 39 3.45 -17.06 24.80
N ARG A 40 2.46 -17.53 24.07
CA ARG A 40 2.38 -18.93 23.70
C ARG A 40 1.76 -19.05 22.31
N ILE A 41 2.00 -20.19 21.66
CA ILE A 41 1.43 -20.47 20.35
C ILE A 41 0.07 -21.13 20.60
N CYS A 42 -0.96 -20.31 20.73
CA CYS A 42 -2.31 -20.78 20.97
C CYS A 42 -2.79 -21.67 19.83
N SER A 43 -2.81 -22.98 20.06
CA SER A 43 -2.95 -23.95 18.97
C SER A 43 -4.14 -24.89 19.15
N LYS A 44 -5.11 -24.53 19.98
CA LYS A 44 -6.20 -25.47 20.23
C LYS A 44 -7.10 -25.57 19.01
N GLY A 45 -7.55 -26.79 18.71
CA GLY A 45 -8.38 -27.06 17.55
C GLY A 45 -7.63 -27.41 16.28
N LYS A 46 -6.32 -27.18 16.22
CA LYS A 46 -5.57 -27.26 14.97
C LYS A 46 -4.55 -28.39 15.01
N ARG A 47 -4.38 -29.07 13.89
CA ARG A 47 -3.33 -30.07 13.72
C ARG A 47 -1.99 -29.34 13.64
N THR A 48 -1.22 -29.39 14.73
CA THR A 48 0.03 -28.66 14.84
C THR A 48 1.22 -29.59 14.69
N VAL A 49 2.28 -29.07 14.08
CA VAL A 49 3.55 -29.78 13.94
C VAL A 49 4.66 -28.81 14.34
N ASP A 50 5.23 -29.02 15.53
CA ASP A 50 6.37 -28.25 16.00
C ASP A 50 7.63 -28.98 15.51
N LEU A 51 8.25 -28.45 14.46
CA LEU A 51 9.43 -29.09 13.88
C LEU A 51 10.58 -29.19 14.85
N GLY A 52 10.62 -28.34 15.88
CA GLY A 52 11.71 -28.32 16.83
C GLY A 52 13.07 -28.21 16.17
N GLN A 53 13.86 -29.28 16.25
CA GLN A 53 15.23 -29.27 15.75
C GLN A 53 15.34 -29.69 14.30
N CYS A 54 14.22 -30.03 13.65
CA CYS A 54 14.22 -30.32 12.22
C CYS A 54 13.97 -29.04 11.44
N GLY A 55 14.83 -28.75 10.47
CA GLY A 55 14.57 -27.67 9.55
C GLY A 55 13.50 -28.06 8.55
N LEU A 56 12.68 -27.07 8.17
CA LEU A 56 11.57 -27.32 7.25
C LEU A 56 12.06 -27.98 5.97
N LEU A 57 13.18 -27.53 5.42
CA LEU A 57 13.70 -28.12 4.19
C LEU A 57 14.28 -29.50 4.44
N GLY A 58 14.72 -29.78 5.67
CA GLY A 58 15.09 -31.13 6.06
C GLY A 58 14.00 -32.16 5.89
N THR A 59 12.73 -31.74 5.87
CA THR A 59 11.65 -32.69 5.64
C THR A 59 11.69 -33.29 4.24
N ILE A 60 12.34 -32.62 3.28
CA ILE A 60 12.42 -33.17 1.94
C ILE A 60 13.59 -34.15 1.83
N THR A 61 14.72 -33.84 2.44
CA THR A 61 15.95 -34.61 2.27
C THR A 61 16.14 -35.63 3.38
N GLY A 62 15.77 -35.30 4.61
CA GLY A 62 15.69 -36.26 5.67
C GLY A 62 17.00 -36.53 6.39
N PRO A 63 17.61 -35.51 6.98
CA PRO A 63 18.71 -35.75 7.92
C PRO A 63 18.15 -36.22 9.26
N PRO A 64 18.97 -36.86 10.10
CA PRO A 64 18.44 -37.52 11.32
C PRO A 64 17.48 -36.68 12.15
N GLN A 65 17.73 -35.38 12.33
CA GLN A 65 16.76 -34.52 13.02
C GLN A 65 15.34 -34.73 12.50
N CYS A 66 15.20 -34.99 11.20
CA CYS A 66 13.89 -34.96 10.54
C CYS A 66 13.29 -36.34 10.29
N ASP A 67 13.81 -37.40 10.93
CA ASP A 67 13.27 -38.73 10.68
C ASP A 67 11.81 -38.84 11.08
N GLN A 68 11.41 -38.15 12.14
CA GLN A 68 10.02 -38.16 12.56
C GLN A 68 9.13 -37.23 11.72
N PHE A 69 9.70 -36.55 10.71
CA PHE A 69 8.99 -35.47 10.00
C PHE A 69 8.96 -35.67 8.49
N LEU A 70 9.23 -36.87 7.98
CA LEU A 70 9.36 -37.03 6.54
C LEU A 70 8.04 -37.06 5.80
N GLU A 71 6.93 -37.32 6.49
CA GLU A 71 5.61 -37.37 5.86
C GLU A 71 4.57 -36.71 6.76
N PHE A 72 4.89 -35.53 7.29
CA PHE A 72 4.07 -34.91 8.30
C PHE A 72 2.79 -34.34 7.68
N SER A 73 1.90 -33.85 8.55
CA SER A 73 0.57 -33.41 8.14
C SER A 73 0.09 -32.39 9.16
N ALA A 74 -0.21 -31.17 8.72
CA ALA A 74 -0.43 -30.09 9.66
C ALA A 74 -1.43 -29.08 9.11
N ASP A 75 -2.15 -28.44 10.04
CA ASP A 75 -2.78 -27.16 9.80
C ASP A 75 -1.84 -26.01 10.08
N LEU A 76 -0.95 -26.18 11.06
CA LEU A 76 -0.04 -25.15 11.52
C LEU A 76 1.36 -25.76 11.65
N ILE A 77 2.35 -25.08 11.07
CA ILE A 77 3.74 -25.55 11.07
C ILE A 77 4.59 -24.51 11.78
N ILE A 78 5.35 -24.95 12.78
CA ILE A 78 6.18 -24.07 13.61
C ILE A 78 7.64 -24.39 13.36
N GLU A 79 8.39 -23.42 12.87
CA GLU A 79 9.83 -23.55 12.78
C GLU A 79 10.48 -22.98 14.03
N ARG A 80 11.66 -23.50 14.33
CA ARG A 80 12.37 -23.20 15.56
C ARG A 80 13.78 -22.75 15.20
N ARG A 81 14.35 -21.85 16.01
CA ARG A 81 15.72 -21.40 15.71
C ARG A 81 16.71 -22.56 15.72
N GLU A 82 16.50 -23.56 16.59
CA GLU A 82 17.47 -24.63 16.70
C GLU A 82 17.44 -25.58 15.51
N GLY A 83 16.49 -25.41 14.59
CA GLY A 83 16.27 -26.40 13.55
C GLY A 83 17.28 -26.28 12.41
N SER A 84 17.70 -27.43 11.90
CA SER A 84 18.73 -27.52 10.87
C SER A 84 18.17 -28.24 9.66
N ASP A 85 18.44 -27.71 8.46
CA ASP A 85 17.97 -28.33 7.23
C ASP A 85 18.90 -29.43 6.72
N VAL A 86 19.95 -29.77 7.47
CA VAL A 86 21.12 -30.37 6.85
C VAL A 86 21.95 -31.05 7.93
N CYS A 87 22.67 -32.10 7.55
CA CYS A 87 23.63 -32.74 8.44
C CYS A 87 25.03 -32.64 7.82
N TYR A 88 25.26 -33.29 6.69
CA TYR A 88 26.43 -33.00 5.87
C TYR A 88 26.34 -31.54 5.45
N PRO A 89 27.29 -30.71 5.83
CA PRO A 89 27.18 -29.26 5.59
C PRO A 89 26.81 -28.89 4.16
N GLY A 90 26.00 -27.86 4.03
CA GLY A 90 25.45 -27.49 2.74
C GLY A 90 24.30 -26.53 2.89
N LYS A 91 23.67 -26.26 1.76
CA LYS A 91 22.64 -25.25 1.67
C LYS A 91 21.74 -25.62 0.49
N PHE A 92 20.54 -25.06 0.48
CA PHE A 92 19.65 -25.17 -0.67
C PHE A 92 19.81 -23.94 -1.55
N VAL A 93 19.96 -24.17 -2.85
CA VAL A 93 19.87 -23.09 -3.82
C VAL A 93 18.40 -22.74 -3.98
N ASN A 94 18.10 -21.43 -3.96
CA ASN A 94 16.73 -20.94 -4.12
C ASN A 94 15.88 -21.40 -2.93
N GLU A 95 16.33 -21.07 -1.72
CA GLU A 95 15.87 -21.79 -0.54
C GLU A 95 14.56 -21.25 0.02
N GLU A 96 14.42 -19.92 0.15
CA GLU A 96 13.24 -19.39 0.82
C GLU A 96 11.97 -19.65 0.02
N ALA A 97 12.08 -19.74 -1.31
CA ALA A 97 10.93 -20.13 -2.12
C ALA A 97 10.41 -21.51 -1.70
N LEU A 98 11.34 -22.46 -1.49
CA LEU A 98 10.93 -23.78 -1.03
C LEU A 98 10.25 -23.71 0.33
N ARG A 99 10.71 -22.82 1.20
CA ARG A 99 10.14 -22.72 2.54
C ARG A 99 8.71 -22.20 2.48
N GLN A 100 8.52 -21.07 1.79
CA GLN A 100 7.18 -20.51 1.59
C GLN A 100 6.24 -21.52 0.96
N ILE A 101 6.77 -22.47 0.19
CA ILE A 101 5.94 -23.54 -0.37
C ILE A 101 5.53 -24.51 0.74
N LEU A 102 6.53 -25.10 1.41
CA LEU A 102 6.28 -26.10 2.44
C LEU A 102 5.41 -25.54 3.57
N ARG A 103 5.63 -24.29 3.96
CA ARG A 103 4.85 -23.69 5.05
C ARG A 103 3.35 -23.75 4.76
N GLU A 104 2.96 -23.52 3.51
CA GLU A 104 1.55 -23.47 3.13
C GLU A 104 1.06 -24.80 2.55
N SER A 105 1.86 -25.87 2.65
CA SER A 105 1.56 -27.13 1.98
C SER A 105 0.57 -28.01 2.72
N GLY A 106 0.32 -27.75 4.01
CA GLY A 106 -0.44 -28.70 4.81
C GLY A 106 0.21 -30.05 4.99
N GLY A 107 1.52 -30.15 4.79
CA GLY A 107 2.25 -31.38 4.94
C GLY A 107 2.74 -31.92 3.60
N ILE A 108 3.51 -32.99 3.68
CA ILE A 108 4.10 -33.62 2.51
C ILE A 108 3.82 -35.13 2.55
N ASP A 109 3.59 -35.70 1.38
CA ASP A 109 3.42 -37.13 1.21
C ASP A 109 4.49 -37.61 0.23
N LYS A 110 5.34 -38.51 0.67
CA LYS A 110 6.43 -39.00 -0.17
C LYS A 110 5.96 -40.15 -1.05
N GLU A 111 6.79 -40.47 -2.04
CA GLU A 111 6.56 -41.54 -3.00
C GLU A 111 7.86 -41.80 -3.74
N THR A 112 8.19 -43.07 -3.94
CA THR A 112 9.43 -43.39 -4.60
C THR A 112 9.41 -42.93 -6.05
N MET A 113 10.61 -42.66 -6.56
CA MET A 113 10.80 -42.56 -8.00
C MET A 113 11.42 -43.82 -8.57
N GLY A 114 11.70 -44.82 -7.71
CA GLY A 114 11.97 -46.18 -8.10
C GLY A 114 13.36 -46.48 -8.60
N PHE A 115 14.11 -45.47 -9.03
CA PHE A 115 15.45 -45.61 -9.61
C PHE A 115 16.30 -46.72 -9.00
N THR A 116 16.81 -47.59 -9.86
CA THR A 116 17.89 -48.52 -9.55
C THR A 116 19.04 -48.17 -10.46
N TYR A 117 20.22 -48.74 -10.19
CA TYR A 117 21.37 -48.34 -11.00
C TYR A 117 22.34 -49.49 -11.20
N ASN A 118 23.17 -49.34 -12.23
CA ASN A 118 24.08 -50.37 -12.71
C ASN A 118 25.42 -49.73 -13.00
N GLY A 119 26.47 -50.23 -12.36
CA GLY A 119 27.82 -49.77 -12.62
C GLY A 119 28.34 -48.72 -11.69
N ILE A 120 27.65 -48.49 -10.56
CA ILE A 120 28.01 -47.48 -9.57
C ILE A 120 27.69 -48.06 -8.20
N ARG A 121 28.26 -47.46 -7.16
CA ARG A 121 27.83 -47.71 -5.80
C ARG A 121 26.89 -46.61 -5.36
N THR A 122 25.94 -46.97 -4.51
CA THR A 122 24.75 -46.18 -4.25
C THR A 122 24.61 -45.80 -2.80
N ASN A 123 25.66 -45.93 -2.01
CA ASN A 123 25.53 -46.11 -0.57
C ASN A 123 26.55 -45.28 0.21
N GLY A 124 26.95 -44.13 -0.32
CA GLY A 124 27.94 -43.32 0.35
C GLY A 124 27.37 -42.64 1.58
N VAL A 125 28.23 -42.44 2.58
CA VAL A 125 27.81 -42.22 3.96
C VAL A 125 28.84 -41.31 4.63
N THR A 126 28.52 -40.78 5.81
CA THR A 126 29.36 -39.77 6.46
C THR A 126 29.12 -39.73 7.96
N SER A 127 30.14 -39.28 8.69
CA SER A 127 30.08 -39.16 10.15
C SER A 127 29.28 -37.96 10.61
N ALA A 128 29.01 -36.99 9.74
CA ALA A 128 28.15 -35.89 10.11
C ALA A 128 26.72 -36.40 10.39
N CYS A 129 26.11 -37.07 9.41
CA CYS A 129 24.76 -37.61 9.60
C CYS A 129 24.82 -38.98 10.24
N LYS A 130 24.82 -39.04 11.56
CA LYS A 130 24.75 -40.34 12.21
C LYS A 130 23.36 -40.67 12.75
N ARG A 131 23.00 -41.93 12.49
CA ARG A 131 21.91 -42.69 13.10
C ARG A 131 22.60 -43.74 13.96
N SER A 132 22.50 -45.01 13.58
CA SER A 132 23.46 -46.02 14.00
C SER A 132 24.73 -45.88 13.14
N GLY A 133 25.83 -45.50 13.78
CA GLY A 133 27.06 -45.21 13.08
C GLY A 133 26.84 -44.08 12.08
N SER A 134 27.84 -43.88 11.24
CA SER A 134 27.74 -42.87 10.20
C SER A 134 26.67 -43.28 9.18
N SER A 135 25.87 -42.31 8.74
CA SER A 135 24.74 -42.55 7.84
C SER A 135 24.61 -41.45 6.80
N PHE A 136 23.38 -41.14 6.38
CA PHE A 136 23.17 -40.17 5.31
C PHE A 136 21.70 -39.73 5.30
N TYR A 137 21.44 -38.68 4.50
CA TYR A 137 20.10 -38.15 4.27
C TYR A 137 19.14 -39.26 3.85
N ALA A 138 18.10 -39.48 4.66
CA ALA A 138 17.20 -40.63 4.47
C ALA A 138 16.57 -40.65 3.08
N GLU A 139 16.26 -39.48 2.53
CA GLU A 139 15.52 -39.44 1.27
C GLU A 139 16.41 -39.35 0.04
N MET A 140 17.73 -39.40 0.20
CA MET A 140 18.65 -39.27 -0.92
C MET A 140 19.73 -40.34 -0.80
N LYS A 141 20.59 -40.41 -1.81
CA LYS A 141 21.60 -41.45 -1.86
C LYS A 141 22.85 -40.91 -2.54
N TRP A 142 24.00 -41.17 -1.92
CA TRP A 142 25.30 -40.75 -2.44
C TRP A 142 25.74 -41.70 -3.55
N LEU A 143 25.72 -41.22 -4.80
CA LEU A 143 26.11 -42.02 -5.94
C LEU A 143 27.60 -41.82 -6.21
N LEU A 144 28.32 -42.94 -6.33
CA LEU A 144 29.78 -42.98 -6.37
C LEU A 144 30.22 -43.91 -7.48
N SER A 145 31.54 -43.96 -7.74
CA SER A 145 32.13 -44.98 -8.59
C SER A 145 32.48 -46.22 -7.77
N ASN A 146 32.38 -47.39 -8.40
CA ASN A 146 32.42 -48.66 -7.69
C ASN A 146 33.62 -48.78 -6.76
N THR A 147 34.79 -48.33 -7.21
CA THR A 147 36.00 -48.40 -6.42
C THR A 147 36.87 -47.21 -6.75
N ASP A 148 37.80 -46.89 -5.86
CA ASP A 148 38.60 -45.67 -5.88
C ASP A 148 39.04 -45.27 -7.30
N ASN A 149 38.70 -44.04 -7.68
CA ASN A 149 38.95 -43.44 -9.00
C ASN A 149 38.32 -44.18 -10.19
N ALA A 150 37.55 -45.25 -9.96
CA ALA A 150 36.93 -45.88 -11.13
C ALA A 150 36.05 -44.89 -11.90
N ALA A 151 35.83 -45.20 -13.17
CA ALA A 151 35.01 -44.36 -14.03
C ALA A 151 33.55 -44.38 -13.56
N PHE A 152 32.91 -43.23 -13.63
CA PHE A 152 31.48 -43.08 -13.42
C PHE A 152 30.72 -43.16 -14.73
N PRO A 153 30.09 -44.30 -15.05
CA PRO A 153 29.25 -44.39 -16.25
C PRO A 153 28.36 -43.19 -16.49
N GLN A 154 28.43 -42.58 -17.67
CA GLN A 154 27.53 -41.52 -18.10
C GLN A 154 26.08 -42.01 -18.16
N MET A 155 25.24 -41.61 -17.19
CA MET A 155 23.94 -42.24 -16.92
C MET A 155 22.77 -41.30 -17.20
N THR A 156 21.63 -41.93 -17.46
CA THR A 156 20.39 -41.23 -17.75
C THR A 156 19.30 -41.80 -16.86
N LYS A 157 18.65 -40.96 -16.07
CA LYS A 157 17.52 -41.45 -15.29
C LYS A 157 16.33 -40.50 -15.42
N SER A 158 15.12 -41.06 -15.39
CA SER A 158 13.92 -40.27 -15.56
C SER A 158 12.81 -40.73 -14.63
N TYR A 159 12.02 -39.76 -14.15
CA TYR A 159 10.84 -40.00 -13.34
C TYR A 159 9.66 -39.24 -13.93
N LYS A 160 8.50 -39.91 -13.97
CA LYS A 160 7.23 -39.35 -14.42
C LYS A 160 6.31 -39.15 -13.24
N ASN A 161 5.84 -37.91 -13.07
CA ASN A 161 4.82 -37.59 -12.07
C ASN A 161 3.51 -38.24 -12.50
N THR A 162 3.22 -39.43 -11.95
CA THR A 162 2.00 -40.17 -12.26
C THR A 162 0.74 -39.54 -11.66
N ARG A 163 0.87 -38.62 -10.70
CA ARG A 163 -0.25 -38.17 -9.89
C ARG A 163 -0.90 -36.94 -10.53
N LYS A 164 -1.98 -36.41 -9.92
CA LYS A 164 -2.59 -35.23 -10.53
C LYS A 164 -2.23 -33.98 -9.75
N SER A 165 -1.26 -34.05 -8.85
CA SER A 165 -0.74 -32.91 -8.11
C SER A 165 0.73 -32.74 -8.47
N PRO A 166 1.29 -31.53 -8.33
CA PRO A 166 2.70 -31.35 -8.73
C PRO A 166 3.66 -31.87 -7.67
N ALA A 167 4.76 -32.44 -8.15
CA ALA A 167 5.76 -33.03 -7.28
C ALA A 167 6.87 -32.05 -6.96
N ILE A 168 7.56 -32.31 -5.85
CA ILE A 168 8.83 -31.66 -5.52
C ILE A 168 9.95 -32.66 -5.79
N ILE A 169 10.79 -32.34 -6.75
CA ILE A 169 11.98 -33.11 -7.04
C ILE A 169 13.14 -32.39 -6.39
N VAL A 170 14.03 -33.15 -5.75
CA VAL A 170 15.21 -32.55 -5.14
C VAL A 170 16.41 -33.43 -5.41
N TRP A 171 17.42 -32.85 -6.05
CA TRP A 171 18.75 -33.42 -6.21
C TRP A 171 19.72 -32.41 -5.63
N GLY A 172 21.01 -32.73 -5.70
CA GLY A 172 22.05 -31.87 -5.19
C GLY A 172 23.39 -32.22 -5.80
N ILE A 173 24.39 -31.36 -5.54
CA ILE A 173 25.72 -31.51 -6.12
C ILE A 173 26.76 -31.53 -5.01
N HIS A 174 27.71 -32.45 -5.12
CA HIS A 174 28.75 -32.60 -4.12
C HIS A 174 30.00 -31.86 -4.57
N HIS A 175 30.36 -30.84 -3.81
CA HIS A 175 31.59 -30.07 -4.01
C HIS A 175 32.65 -30.63 -3.09
N SER A 176 33.66 -31.27 -3.68
CA SER A 176 34.64 -32.03 -2.92
C SER A 176 35.78 -31.14 -2.46
N VAL A 177 36.43 -31.53 -1.36
CA VAL A 177 37.46 -30.69 -0.75
C VAL A 177 38.57 -30.39 -1.75
N SER A 178 38.90 -31.35 -2.62
CA SER A 178 39.91 -31.14 -3.64
C SER A 178 39.51 -31.83 -4.93
N THR A 179 40.10 -31.37 -6.04
CA THR A 179 40.00 -32.12 -7.29
C THR A 179 40.62 -33.49 -7.14
N ALA A 180 41.68 -33.59 -6.33
CA ALA A 180 42.26 -34.89 -5.99
C ALA A 180 41.20 -35.87 -5.53
N GLU A 181 40.47 -35.51 -4.48
CA GLU A 181 39.54 -36.42 -3.82
C GLU A 181 38.15 -36.42 -4.46
N GLN A 182 37.84 -35.42 -5.31
CA GLN A 182 36.78 -35.59 -6.30
C GLN A 182 36.98 -36.88 -7.06
N THR A 183 38.23 -37.18 -7.38
CA THR A 183 38.54 -38.30 -8.24
C THR A 183 38.34 -39.62 -7.49
N LYS A 184 38.89 -39.73 -6.27
CA LYS A 184 38.67 -40.92 -5.44
C LYS A 184 37.19 -41.27 -5.30
N LEU A 185 36.30 -40.28 -5.33
CA LEU A 185 34.87 -40.55 -5.35
C LEU A 185 34.41 -40.89 -6.78
N TYR A 186 34.27 -39.89 -7.65
CA TYR A 186 33.51 -40.07 -8.88
C TYR A 186 34.40 -40.21 -10.12
N GLY A 187 35.65 -40.62 -9.98
CA GLY A 187 36.55 -40.59 -11.11
C GLY A 187 36.93 -39.18 -11.54
N SER A 188 37.61 -39.12 -12.69
CA SER A 188 38.31 -37.92 -13.12
C SER A 188 37.52 -37.14 -14.16
N GLY A 189 38.12 -36.03 -14.61
CA GLY A 189 37.59 -35.22 -15.70
C GLY A 189 36.52 -34.23 -15.28
N ASN A 190 36.23 -33.32 -16.21
CA ASN A 190 35.11 -32.39 -16.06
C ASN A 190 33.82 -33.14 -15.72
N LYS A 191 33.18 -32.74 -14.64
CA LYS A 191 31.98 -33.40 -14.17
C LYS A 191 30.76 -32.54 -14.48
N LEU A 192 29.82 -33.13 -15.22
CA LEU A 192 28.60 -32.47 -15.68
C LEU A 192 27.40 -33.25 -15.18
N VAL A 193 26.50 -32.58 -14.45
CA VAL A 193 25.17 -33.10 -14.24
C VAL A 193 24.19 -32.08 -14.81
N THR A 194 23.24 -32.57 -15.59
CA THR A 194 22.32 -31.72 -16.30
C THR A 194 20.91 -32.21 -16.03
N VAL A 195 19.98 -31.27 -15.97
CA VAL A 195 18.65 -31.55 -15.43
C VAL A 195 17.64 -30.71 -16.17
N GLY A 196 16.76 -31.36 -16.92
CA GLY A 196 15.64 -30.66 -17.50
C GLY A 196 14.33 -31.41 -17.40
N SER A 197 13.28 -30.73 -16.99
CA SER A 197 11.94 -31.30 -17.03
C SER A 197 11.44 -31.26 -18.46
N SER A 198 10.38 -30.50 -18.69
CA SER A 198 10.15 -29.83 -19.95
C SER A 198 9.84 -28.36 -19.74
N ASN A 199 9.33 -28.00 -18.58
CA ASN A 199 9.11 -26.61 -18.19
C ASN A 199 10.36 -25.98 -17.54
N TYR A 200 11.51 -26.66 -17.52
CA TYR A 200 12.70 -26.14 -16.86
C TYR A 200 13.92 -26.78 -17.50
N GLN A 201 14.94 -25.98 -17.81
CA GLN A 201 16.12 -26.59 -18.41
C GLN A 201 17.19 -26.02 -17.52
N GLN A 202 18.33 -26.71 -17.40
CA GLN A 202 19.49 -26.26 -16.64
C GLN A 202 20.54 -27.36 -16.50
N SER A 203 21.72 -27.00 -16.00
CA SER A 203 22.76 -28.00 -15.76
C SER A 203 23.73 -27.46 -14.73
N PHE A 204 24.57 -28.35 -14.23
CA PHE A 204 25.38 -28.08 -13.05
C PHE A 204 26.77 -28.69 -13.16
N VAL A 205 27.71 -28.02 -12.52
CA VAL A 205 29.11 -28.41 -12.46
C VAL A 205 29.50 -28.48 -10.99
N PRO A 206 30.29 -29.47 -10.56
CA PRO A 206 30.85 -29.40 -9.21
C PRO A 206 31.86 -28.28 -9.12
N SER A 207 32.42 -28.07 -7.94
CA SER A 207 33.28 -26.93 -7.76
C SER A 207 34.28 -27.19 -6.64
N PRO A 208 35.13 -28.21 -6.78
CA PRO A 208 35.94 -28.64 -5.64
C PRO A 208 36.98 -27.60 -5.23
N GLY A 209 37.30 -27.61 -3.96
CA GLY A 209 38.16 -26.61 -3.34
C GLY A 209 37.91 -26.54 -1.86
N ALA A 210 38.90 -26.01 -1.16
CA ALA A 210 38.83 -25.93 0.30
C ALA A 210 37.83 -24.89 0.78
N ARG A 211 37.24 -25.20 1.93
CA ARG A 211 36.39 -24.32 2.73
C ARG A 211 36.51 -24.80 4.17
N PRO A 212 36.17 -23.97 5.16
CA PRO A 212 36.50 -24.32 6.54
C PRO A 212 35.58 -25.39 7.10
N GLN A 213 36.05 -25.99 8.19
CA GLN A 213 35.45 -27.21 8.73
C GLN A 213 34.15 -26.88 9.45
N VAL A 214 33.12 -27.66 9.15
CA VAL A 214 31.80 -27.50 9.73
C VAL A 214 31.22 -28.89 9.89
N ASN A 215 30.86 -29.26 11.13
CA ASN A 215 30.54 -30.65 11.49
C ASN A 215 31.74 -31.57 11.30
N GLY A 216 32.95 -31.03 11.38
CA GLY A 216 34.13 -31.79 11.05
C GLY A 216 34.62 -31.59 9.61
N LEU A 217 33.70 -31.52 8.63
CA LEU A 217 34.07 -31.53 7.22
C LEU A 217 34.38 -30.15 6.67
N SER A 218 35.18 -30.19 5.61
CA SER A 218 35.43 -29.07 4.75
C SER A 218 34.73 -29.21 3.40
N GLY A 219 33.84 -30.20 3.21
CA GLY A 219 33.08 -30.32 1.98
C GLY A 219 31.64 -29.78 2.07
N ARG A 220 31.01 -29.60 0.90
CA ARG A 220 29.63 -29.10 0.85
C ARG A 220 28.82 -29.85 -0.19
N ILE A 221 27.60 -30.22 0.18
CA ILE A 221 26.56 -30.58 -0.78
C ILE A 221 25.60 -29.40 -0.91
N ASP A 222 25.37 -28.92 -2.13
CA ASP A 222 24.34 -27.91 -2.37
C ASP A 222 23.16 -28.53 -3.12
N PHE A 223 21.99 -28.50 -2.46
CA PHE A 223 20.79 -29.14 -2.97
C PHE A 223 20.05 -28.22 -3.93
N HIS A 224 19.45 -28.80 -4.97
CA HIS A 224 18.62 -28.07 -5.92
C HIS A 224 17.26 -28.75 -6.05
N TRP A 225 16.32 -28.07 -6.69
CA TRP A 225 14.93 -28.53 -6.67
C TRP A 225 14.13 -27.88 -7.78
N LEU A 226 13.08 -28.58 -8.22
CA LEU A 226 12.14 -28.10 -9.23
C LEU A 226 10.76 -28.68 -8.95
N ILE A 227 9.73 -27.90 -9.25
CA ILE A 227 8.34 -28.39 -9.21
C ILE A 227 8.03 -29.08 -10.53
N LEU A 228 7.94 -30.41 -10.49
CA LEU A 228 7.49 -31.23 -11.62
C LEU A 228 5.97 -31.30 -11.60
N ASN A 229 5.34 -31.08 -12.78
CA ASN A 229 3.91 -31.00 -12.95
C ASN A 229 3.34 -32.30 -13.50
N PRO A 230 2.02 -32.53 -13.36
CA PRO A 230 1.46 -33.85 -13.69
C PRO A 230 1.78 -34.35 -15.10
N ASN A 231 1.95 -35.66 -15.23
CA ASN A 231 2.11 -36.19 -16.55
C ASN A 231 3.39 -35.70 -17.25
N ASP A 232 4.22 -34.92 -16.54
CA ASP A 232 5.53 -34.49 -17.02
C ASP A 232 6.72 -35.36 -16.54
N THR A 233 7.80 -35.34 -17.33
CA THR A 233 9.01 -36.06 -16.97
C THR A 233 10.15 -35.09 -16.73
N VAL A 234 11.01 -35.47 -15.78
CA VAL A 234 12.30 -34.82 -15.57
C VAL A 234 13.36 -35.89 -15.77
N THR A 235 14.38 -35.54 -16.53
CA THR A 235 15.48 -36.45 -16.83
C THR A 235 16.76 -35.95 -16.19
N PHE A 236 17.49 -36.89 -15.59
CA PHE A 236 18.70 -36.61 -14.81
C PHE A 236 19.87 -37.21 -15.59
N SER A 237 20.55 -36.37 -16.36
CA SER A 237 21.74 -36.78 -17.10
C SER A 237 22.94 -36.34 -16.27
N PHE A 238 23.80 -37.29 -15.92
CA PHE A 238 24.83 -36.98 -14.93
C PHE A 238 26.00 -37.94 -15.02
N ASN A 239 27.16 -37.46 -14.55
CA ASN A 239 28.44 -38.14 -14.70
C ASN A 239 29.16 -38.33 -13.38
N GLY A 240 28.61 -37.85 -12.27
CA GLY A 240 29.27 -37.82 -10.98
C GLY A 240 28.90 -36.58 -10.19
N ALA A 241 29.57 -36.41 -9.05
CA ALA A 241 29.25 -35.39 -8.05
C ALA A 241 27.75 -35.22 -7.83
N PHE A 242 27.01 -36.32 -7.87
CA PHE A 242 25.56 -36.32 -7.84
C PHE A 242 25.10 -36.97 -6.55
N ILE A 243 24.14 -36.34 -5.85
CA ILE A 243 23.39 -37.02 -4.79
C ILE A 243 21.96 -37.13 -5.31
N ALA A 244 21.42 -38.35 -5.30
CA ALA A 244 20.26 -38.64 -6.14
C ALA A 244 19.00 -38.77 -5.29
N PRO A 245 17.85 -38.27 -5.78
CA PRO A 245 16.62 -38.37 -5.01
C PRO A 245 16.07 -39.79 -5.06
N ASP A 246 15.82 -40.37 -3.88
CA ASP A 246 15.12 -41.65 -3.84
C ASP A 246 13.61 -41.46 -3.93
N ARG A 247 13.07 -40.52 -3.16
CA ARG A 247 11.63 -40.24 -3.17
C ARG A 247 11.37 -38.79 -3.57
N ALA A 248 10.27 -38.59 -4.29
CA ALA A 248 9.73 -37.27 -4.54
C ALA A 248 8.68 -36.93 -3.48
N SER A 249 8.38 -35.63 -3.37
CA SER A 249 7.48 -35.13 -2.36
C SER A 249 6.25 -34.49 -3.00
N PHE A 250 5.09 -34.74 -2.41
CA PHE A 250 3.82 -34.19 -2.87
C PHE A 250 3.16 -33.47 -1.71
N LEU A 251 2.39 -32.43 -2.01
CA LEU A 251 1.83 -31.59 -0.97
C LEU A 251 0.41 -32.05 -0.63
N ARG A 252 0.08 -31.98 0.67
CA ARG A 252 -1.11 -32.61 1.20
C ARG A 252 -2.35 -31.72 1.07
N GLY A 253 -2.18 -30.41 1.25
CA GLY A 253 -3.32 -29.51 1.27
C GLY A 253 -2.95 -28.07 1.58
N LYS A 254 -3.55 -27.51 2.61
CA LYS A 254 -3.32 -26.14 3.04
C LYS A 254 -2.78 -26.11 4.47
N SER A 255 -1.95 -25.11 4.75
CA SER A 255 -1.55 -24.84 6.12
C SER A 255 -1.02 -23.41 6.20
N MET A 256 -0.69 -22.99 7.41
CA MET A 256 0.03 -21.76 7.65
C MET A 256 1.26 -22.08 8.49
N GLY A 257 2.41 -21.53 8.10
CA GLY A 257 3.65 -21.71 8.83
C GLY A 257 4.06 -20.43 9.54
N ILE A 258 4.63 -20.60 10.74
CA ILE A 258 5.12 -19.49 11.54
C ILE A 258 6.52 -19.85 12.06
N GLN A 259 7.21 -18.82 12.54
CA GLN A 259 8.50 -18.95 13.20
C GLN A 259 8.36 -18.41 14.61
N SER A 260 8.78 -19.19 15.61
CA SER A 260 8.56 -18.76 16.99
C SER A 260 9.50 -19.49 17.93
N GLY A 261 9.59 -18.96 19.15
CA GLY A 261 10.41 -19.50 20.21
C GLY A 261 9.65 -19.74 21.50
N VAL A 262 8.32 -19.70 21.46
CA VAL A 262 7.51 -19.88 22.66
C VAL A 262 6.70 -21.18 22.55
N GLN A 263 6.19 -21.61 23.70
CA GLN A 263 5.56 -22.90 23.87
C GLN A 263 4.22 -23.00 23.14
N VAL A 264 3.97 -24.17 22.53
CA VAL A 264 2.63 -24.53 22.11
C VAL A 264 1.73 -24.60 23.33
N ASP A 265 0.47 -24.18 23.17
CA ASP A 265 -0.53 -24.29 24.24
C ASP A 265 -1.88 -24.61 23.61
N ALA A 266 -2.41 -25.80 23.89
CA ALA A 266 -3.66 -26.25 23.33
C ALA A 266 -4.87 -25.88 24.18
N ASN A 267 -4.74 -24.91 25.09
CA ASN A 267 -5.88 -24.44 25.86
C ASN A 267 -6.47 -23.14 25.34
N CYS A 268 -5.71 -22.41 24.52
CA CYS A 268 -6.15 -21.12 23.97
C CYS A 268 -6.23 -21.21 22.46
N GLU A 269 -7.29 -20.61 21.90
CA GLU A 269 -7.45 -20.50 20.45
C GLU A 269 -6.91 -19.17 19.95
N GLY A 270 -6.29 -19.19 18.77
CA GLY A 270 -5.87 -17.96 18.12
C GLY A 270 -5.49 -18.10 16.66
N ASP A 271 -5.73 -17.04 15.89
CA ASP A 271 -5.43 -17.03 14.46
C ASP A 271 -4.38 -16.01 14.05
N CYS A 272 -3.88 -15.20 14.98
CA CYS A 272 -2.84 -14.22 14.69
C CYS A 272 -1.59 -14.58 15.48
N TYR A 273 -0.52 -14.93 14.78
CA TYR A 273 0.70 -15.41 15.41
C TYR A 273 1.87 -14.49 15.06
N HIS A 274 2.77 -14.34 16.04
CA HIS A 274 4.10 -13.80 15.80
C HIS A 274 5.07 -14.62 16.63
N SER A 275 6.36 -14.31 16.52
CA SER A 275 7.38 -15.19 17.07
C SER A 275 7.38 -15.20 18.60
N GLY A 276 6.82 -14.17 19.23
CA GLY A 276 6.70 -14.11 20.67
C GLY A 276 5.35 -14.50 21.24
N GLY A 277 4.45 -15.02 20.43
CA GLY A 277 3.24 -15.62 20.96
C GLY A 277 2.07 -15.42 20.01
N THR A 278 0.92 -15.09 20.59
CA THR A 278 -0.34 -15.04 19.88
C THR A 278 -1.10 -13.79 20.31
N ILE A 279 -1.64 -13.06 19.35
CA ILE A 279 -2.40 -11.85 19.60
C ILE A 279 -3.87 -12.23 19.54
N ILE A 280 -4.50 -12.39 20.70
CA ILE A 280 -5.93 -12.63 20.79
C ILE A 280 -6.59 -11.28 21.06
N SER A 281 -7.38 -10.82 20.10
CA SER A 281 -8.00 -9.51 20.15
C SER A 281 -9.02 -9.41 19.02
N ASN A 282 -10.11 -8.70 19.29
CA ASN A 282 -11.04 -8.27 18.26
C ASN A 282 -10.82 -6.82 17.85
N LEU A 283 -9.76 -6.19 18.33
CA LEU A 283 -9.53 -4.78 18.08
C LEU A 283 -9.05 -4.57 16.64
N PRO A 284 -9.36 -3.41 16.04
CA PRO A 284 -8.97 -3.22 14.62
C PRO A 284 -7.47 -3.10 14.42
N PHE A 285 -6.73 -2.62 15.41
CA PHE A 285 -5.31 -2.32 15.25
C PHE A 285 -4.49 -2.96 16.36
N GLN A 286 -3.20 -3.16 16.10
CA GLN A 286 -2.28 -3.71 17.08
C GLN A 286 -0.94 -2.99 16.98
N ASN A 287 -0.24 -2.89 18.11
CA ASN A 287 1.08 -2.28 18.20
C ASN A 287 2.14 -3.26 18.67
N ILE A 288 1.92 -4.56 18.44
CA ILE A 288 2.73 -5.61 19.05
C ILE A 288 3.87 -6.04 18.12
N ASP A 289 3.55 -6.46 16.90
CA ASP A 289 4.57 -6.99 15.99
C ASP A 289 4.10 -6.74 14.55
N SER A 290 4.86 -5.96 13.80
CA SER A 290 4.48 -5.59 12.44
C SER A 290 4.65 -6.73 11.44
N ARG A 291 5.30 -7.83 11.83
CA ARG A 291 5.45 -9.00 10.98
C ARG A 291 4.56 -10.15 11.42
N ALA A 292 3.61 -9.90 12.33
CA ALA A 292 2.61 -10.91 12.67
C ALA A 292 1.95 -11.45 11.41
N VAL A 293 1.54 -12.72 11.48
CA VAL A 293 0.91 -13.40 10.35
C VAL A 293 -0.34 -14.10 10.84
N GLY A 294 -1.13 -14.58 9.87
CA GLY A 294 -2.42 -15.16 10.16
C GLY A 294 -3.54 -14.17 9.88
N LYS A 295 -4.55 -14.14 10.74
CA LYS A 295 -5.68 -13.23 10.61
C LYS A 295 -5.57 -12.25 11.78
N CYS A 296 -5.01 -11.08 11.50
CA CYS A 296 -4.52 -10.17 12.51
C CYS A 296 -5.22 -8.82 12.45
N PRO A 297 -5.25 -8.08 13.55
CA PRO A 297 -5.47 -6.64 13.45
C PRO A 297 -4.31 -5.99 12.71
N ARG A 298 -4.56 -4.78 12.20
CA ARG A 298 -3.56 -4.07 11.43
C ARG A 298 -2.51 -3.48 12.35
N TYR A 299 -1.24 -3.66 12.00
CA TYR A 299 -0.18 -3.02 12.76
C TYR A 299 -0.21 -1.52 12.52
N VAL A 300 -0.21 -0.75 13.61
CA VAL A 300 -0.10 0.70 13.55
C VAL A 300 1.09 1.12 14.41
N LYS A 301 1.59 2.32 14.12
CA LYS A 301 2.72 2.85 14.87
C LYS A 301 2.35 3.20 16.31
N GLN A 302 1.10 3.59 16.55
CA GLN A 302 0.71 4.21 17.82
C GLN A 302 0.51 3.17 18.92
N ARG A 303 0.98 3.52 20.12
CA ARG A 303 0.77 2.64 21.28
C ARG A 303 -0.69 2.60 21.69
N SER A 304 -1.42 3.71 21.53
CA SER A 304 -2.80 3.81 21.99
C SER A 304 -3.56 4.84 21.17
N LEU A 305 -4.85 4.59 21.01
CA LEU A 305 -5.79 5.49 20.33
C LEU A 305 -7.17 5.18 20.91
N LEU A 306 -7.68 6.08 21.73
CA LEU A 306 -8.89 5.83 22.49
C LEU A 306 -10.13 6.34 21.76
N LEU A 307 -11.18 5.52 21.78
CA LEU A 307 -12.42 5.79 21.04
C LEU A 307 -13.52 6.13 22.03
N ALA A 308 -14.06 7.34 21.91
CA ALA A 308 -15.11 7.77 22.82
C ALA A 308 -16.35 6.89 22.68
N THR A 309 -16.90 6.50 23.84
CA THR A 309 -18.17 5.80 23.89
C THR A 309 -19.20 6.53 24.74
N GLY A 310 -18.87 7.71 25.25
CA GLY A 310 -19.81 8.53 25.97
C GLY A 310 -19.69 9.98 25.52
N MET A 311 -20.51 10.83 26.14
CA MET A 311 -20.55 12.24 25.78
C MET A 311 -19.40 13.00 26.40
N LYS A 312 -19.36 14.31 26.13
CA LYS A 312 -18.45 15.20 26.83
C LYS A 312 -18.69 15.14 28.32
N ASN A 313 -17.61 15.00 29.09
CA ASN A 313 -17.68 15.04 30.54
C ASN A 313 -17.46 16.48 30.98
N VAL A 314 -18.52 17.11 31.47
CA VAL A 314 -18.42 18.45 32.06
C VAL A 314 -18.76 18.34 33.55
N PRO A 315 -17.83 18.62 34.44
CA PRO A 315 -18.18 18.78 35.85
C PRO A 315 -18.25 20.25 36.26
N GLU A 316 -18.23 20.52 37.55
CA GLU A 316 -18.32 21.89 38.04
C GLU A 316 -16.95 22.47 38.34
N GLY B 1 -18.71 22.60 20.79
CA GLY B 1 -18.89 21.26 20.23
C GLY B 1 -20.26 21.07 19.59
N LEU B 2 -20.59 21.95 18.66
CA LEU B 2 -21.81 21.86 17.84
C LEU B 2 -23.09 21.91 18.66
N PHE B 3 -24.22 22.11 17.97
CA PHE B 3 -25.57 22.00 18.53
C PHE B 3 -25.84 22.80 19.80
N GLY B 4 -24.79 23.32 20.45
CA GLY B 4 -24.95 24.33 21.47
C GLY B 4 -25.36 23.88 22.85
N ALA B 5 -25.64 22.60 23.08
CA ALA B 5 -26.19 22.18 24.36
C ALA B 5 -25.11 21.81 25.37
N ILE B 6 -24.53 20.62 25.24
CA ILE B 6 -23.53 20.14 26.18
C ILE B 6 -22.27 20.98 26.09
N ALA B 7 -21.68 21.30 27.24
CA ALA B 7 -20.66 22.33 27.38
C ALA B 7 -21.08 23.54 26.57
N GLY B 8 -22.25 24.03 26.92
CA GLY B 8 -22.83 25.11 26.19
C GLY B 8 -23.85 25.76 27.07
N PHE B 9 -25.04 25.93 26.50
CA PHE B 9 -26.07 26.68 27.19
C PHE B 9 -26.62 25.92 28.43
N ILE B 10 -26.38 24.61 28.56
CA ILE B 10 -26.61 23.90 29.82
C ILE B 10 -25.27 23.93 30.55
N GLU B 11 -25.09 24.91 31.45
CA GLU B 11 -23.83 25.01 32.18
C GLU B 11 -23.58 23.76 33.05
N ASN B 12 -22.62 22.94 32.63
CA ASN B 12 -22.16 21.69 33.26
C ASN B 12 -23.25 20.70 33.66
N GLY B 13 -22.85 19.42 33.79
CA GLY B 13 -23.77 18.33 33.99
C GLY B 13 -23.81 17.80 35.42
N TRP B 14 -24.49 16.66 35.58
CA TRP B 14 -24.98 16.18 36.87
C TRP B 14 -24.32 14.86 37.24
N GLU B 15 -23.43 14.88 38.23
CA GLU B 15 -22.90 13.62 38.76
C GLU B 15 -23.96 12.80 39.48
N GLY B 16 -25.05 13.44 39.94
CA GLY B 16 -26.06 12.73 40.69
C GLY B 16 -26.92 11.81 39.85
N LEU B 17 -27.02 12.07 38.54
CA LEU B 17 -27.74 11.20 37.62
C LEU B 17 -26.93 9.94 37.34
N ILE B 18 -27.38 8.80 37.84
CA ILE B 18 -26.77 7.50 37.55
C ILE B 18 -27.76 6.57 36.84
N ASP B 19 -28.94 7.08 36.49
CA ASP B 19 -29.95 6.25 35.85
C ASP B 19 -29.91 6.31 34.34
N GLY B 20 -29.15 7.24 33.76
CA GLY B 20 -29.11 7.37 32.32
C GLY B 20 -28.17 8.49 31.91
N TRP B 21 -28.31 8.91 30.65
CA TRP B 21 -27.48 10.00 30.13
C TRP B 21 -28.16 11.36 30.27
N TYR B 22 -29.45 11.44 29.93
CA TYR B 22 -30.20 12.68 29.97
C TYR B 22 -31.31 12.60 31.01
N GLY B 23 -31.55 13.69 31.73
CA GLY B 23 -32.51 13.69 32.81
C GLY B 23 -33.27 15.00 32.96
N PHE B 24 -34.31 14.93 33.77
CA PHE B 24 -35.06 16.10 34.23
C PHE B 24 -34.73 16.36 35.70
N ARG B 25 -34.45 17.62 36.05
CA ARG B 25 -34.39 18.06 37.45
C ARG B 25 -35.54 19.03 37.69
N HIS B 26 -36.52 18.62 38.51
CA HIS B 26 -37.70 19.45 38.75
C HIS B 26 -37.67 20.11 40.13
N GLN B 27 -38.54 21.12 40.30
CA GLN B 27 -38.75 21.77 41.60
C GLN B 27 -40.12 22.39 41.62
N ASN B 28 -40.97 21.97 42.56
CA ASN B 28 -42.38 22.35 42.57
C ASN B 28 -42.83 22.47 44.02
N ALA B 29 -44.14 22.35 44.24
CA ALA B 29 -44.75 22.21 45.56
C ALA B 29 -43.92 21.37 46.52
N GLN B 30 -43.81 20.06 46.24
CA GLN B 30 -43.13 19.16 47.16
C GLN B 30 -41.64 19.40 47.25
N GLY B 31 -41.02 20.02 46.25
CA GLY B 31 -39.59 20.21 46.24
C GLY B 31 -38.87 19.60 45.05
N GLU B 32 -37.56 19.42 45.17
CA GLU B 32 -36.75 18.94 44.07
C GLU B 32 -36.85 17.42 43.88
N GLY B 33 -36.51 17.00 42.67
CA GLY B 33 -36.26 15.60 42.34
C GLY B 33 -35.56 15.50 41.00
N THR B 34 -35.33 14.26 40.57
CA THR B 34 -34.69 13.98 39.28
C THR B 34 -35.07 12.59 38.79
N ALA B 35 -35.05 12.41 37.47
CA ALA B 35 -35.38 11.15 36.82
C ALA B 35 -34.84 11.19 35.40
N ALA B 36 -34.33 10.04 34.94
CA ALA B 36 -33.61 9.94 33.67
C ALA B 36 -34.53 9.51 32.54
N ASP B 37 -34.36 10.15 31.39
CA ASP B 37 -35.19 9.91 30.20
C ASP B 37 -34.61 8.75 29.39
N TYR B 38 -35.10 7.54 29.69
CA TYR B 38 -34.74 6.33 28.96
C TYR B 38 -34.68 6.50 27.44
N LYS B 39 -35.77 6.98 26.83
CA LYS B 39 -35.91 6.93 25.38
C LYS B 39 -34.85 7.77 24.68
N SER B 40 -34.49 8.92 25.23
CA SER B 40 -33.37 9.69 24.66
C SER B 40 -32.03 9.03 24.95
N THR B 41 -31.85 8.55 26.19
CA THR B 41 -30.63 7.84 26.55
C THR B 41 -30.38 6.65 25.64
N GLN B 42 -31.42 5.85 25.39
CA GLN B 42 -31.24 4.64 24.58
C GLN B 42 -30.87 4.98 23.14
N SER B 43 -31.31 6.13 22.63
CA SER B 43 -30.94 6.50 21.26
C SER B 43 -29.44 6.75 21.15
N ALA B 44 -28.85 7.36 22.17
CA ALA B 44 -27.40 7.57 22.17
C ALA B 44 -26.66 6.24 22.28
N ILE B 45 -26.96 5.46 23.33
CA ILE B 45 -26.28 4.19 23.56
C ILE B 45 -26.40 3.29 22.34
N ASP B 46 -27.60 3.19 21.76
CA ASP B 46 -27.78 2.36 20.58
C ASP B 46 -26.96 2.88 19.40
N GLN B 47 -26.79 4.19 19.27
CA GLN B 47 -25.98 4.73 18.18
C GLN B 47 -24.50 4.51 18.42
N ILE B 48 -24.03 4.65 19.66
CA ILE B 48 -22.64 4.34 19.98
C ILE B 48 -22.37 2.86 19.73
N THR B 49 -23.33 2.00 20.06
CA THR B 49 -23.15 0.57 19.85
C THR B 49 -22.98 0.24 18.38
N GLY B 50 -23.79 0.85 17.52
CA GLY B 50 -23.58 0.74 16.08
C GLY B 50 -22.15 0.99 15.66
N LYS B 51 -21.55 2.07 16.16
CA LYS B 51 -20.16 2.36 15.84
C LYS B 51 -19.24 1.26 16.36
N LEU B 52 -19.51 0.78 17.58
CA LEU B 52 -18.62 -0.18 18.23
C LEU B 52 -18.62 -1.53 17.51
N ASN B 53 -19.73 -1.90 16.87
CA ASN B 53 -19.76 -3.13 16.10
C ASN B 53 -19.17 -2.97 14.70
N ARG B 54 -19.15 -1.74 14.17
CA ARG B 54 -18.45 -1.49 12.92
C ARG B 54 -16.94 -1.65 13.07
N LEU B 55 -16.39 -1.36 14.24
CA LEU B 55 -14.94 -1.26 14.42
C LEU B 55 -14.32 -2.38 15.25
N ILE B 56 -15.04 -2.95 16.21
CA ILE B 56 -14.58 -4.17 16.89
C ILE B 56 -15.10 -5.32 16.02
N ALA B 57 -14.25 -5.70 15.08
CA ALA B 57 -14.68 -6.45 13.91
C ALA B 57 -13.49 -7.23 13.37
N LYS B 58 -13.79 -8.16 12.48
CA LYS B 58 -12.98 -9.34 12.22
C LYS B 58 -12.69 -9.39 10.73
N THR B 59 -11.51 -8.95 10.30
CA THR B 59 -11.11 -9.27 8.93
C THR B 59 -10.71 -10.74 8.87
N ASN B 60 -11.06 -11.40 7.76
CA ASN B 60 -10.73 -12.80 7.56
C ASN B 60 -9.60 -12.98 6.56
N GLN B 61 -8.85 -11.93 6.25
CA GLN B 61 -7.81 -12.03 5.24
C GLN B 61 -6.52 -12.44 5.94
N GLN B 62 -6.04 -13.62 5.57
CA GLN B 62 -4.84 -14.19 6.13
C GLN B 62 -3.63 -13.67 5.36
N PHE B 63 -2.55 -13.39 6.08
CA PHE B 63 -1.27 -13.06 5.46
C PHE B 63 -0.22 -14.04 5.98
N GLU B 64 0.77 -14.30 5.13
CA GLU B 64 1.84 -15.25 5.44
C GLU B 64 3.19 -14.55 5.37
N LEU B 65 4.24 -15.32 5.68
CA LEU B 65 5.60 -14.80 5.58
C LEU B 65 6.02 -14.70 4.13
N ILE B 66 6.78 -13.66 3.81
CA ILE B 66 7.63 -13.60 2.62
C ILE B 66 9.01 -13.17 3.08
N ASP B 67 9.30 -13.44 4.35
CA ASP B 67 10.32 -12.77 5.14
C ASP B 67 10.81 -13.83 6.11
N ASN B 68 11.91 -13.57 6.81
CA ASN B 68 12.49 -14.68 7.56
C ASN B 68 13.34 -14.15 8.71
N GLU B 69 12.92 -14.48 9.92
CA GLU B 69 13.51 -14.01 11.17
C GLU B 69 14.75 -14.79 11.57
N PHE B 70 14.99 -15.96 10.97
CA PHE B 70 16.07 -16.86 11.38
C PHE B 70 17.20 -16.93 10.38
N ASN B 71 16.89 -16.95 9.09
CA ASN B 71 17.89 -16.93 8.02
C ASN B 71 17.44 -15.83 7.06
N GLU B 72 17.96 -14.62 7.28
CA GLU B 72 17.57 -13.45 6.50
C GLU B 72 17.66 -13.71 5.00
N VAL B 73 16.69 -13.17 4.26
CA VAL B 73 16.58 -13.33 2.81
C VAL B 73 17.60 -12.43 2.14
N GLU B 74 17.67 -12.51 0.81
CA GLU B 74 18.67 -11.73 0.10
C GLU B 74 18.35 -10.25 0.23
N LYS B 75 19.39 -9.43 0.17
CA LYS B 75 19.27 -8.08 0.74
C LYS B 75 18.46 -7.15 -0.15
N GLN B 76 18.41 -7.42 -1.45
CA GLN B 76 17.60 -6.57 -2.32
C GLN B 76 16.12 -6.80 -2.11
N ILE B 77 15.67 -8.05 -2.20
CA ILE B 77 14.26 -8.34 -1.98
C ILE B 77 13.86 -8.02 -0.55
N GLY B 78 14.78 -8.18 0.40
CA GLY B 78 14.51 -7.76 1.77
C GLY B 78 14.18 -6.29 1.87
N ASN B 79 14.99 -5.44 1.22
CA ASN B 79 14.75 -4.00 1.29
C ASN B 79 13.43 -3.62 0.62
N VAL B 80 13.10 -4.26 -0.51
CA VAL B 80 11.80 -4.01 -1.14
C VAL B 80 10.67 -4.45 -0.22
N ILE B 81 10.84 -5.59 0.45
CA ILE B 81 9.81 -6.07 1.38
C ILE B 81 9.66 -5.09 2.54
N ASN B 82 10.79 -4.69 3.13
CA ASN B 82 10.75 -3.75 4.25
C ASN B 82 10.22 -2.40 3.81
N TRP B 83 10.64 -1.93 2.64
CA TRP B 83 10.11 -0.69 2.08
C TRP B 83 8.60 -0.76 1.88
N THR B 84 8.11 -1.89 1.36
CA THR B 84 6.68 -2.04 1.12
C THR B 84 5.91 -2.11 2.44
N ARG B 85 6.39 -2.93 3.38
CA ARG B 85 5.72 -3.04 4.68
C ARG B 85 5.62 -1.69 5.39
N ASP B 86 6.67 -0.88 5.30
CA ASP B 86 6.68 0.38 6.03
C ASP B 86 5.75 1.41 5.39
N SER B 87 5.70 1.43 4.05
CA SER B 87 4.74 2.29 3.37
C SER B 87 3.30 1.92 3.76
N ILE B 88 2.99 0.62 3.75
CA ILE B 88 1.67 0.17 4.18
C ILE B 88 1.44 0.47 5.65
N THR B 89 2.48 0.35 6.48
CA THR B 89 2.36 0.71 7.89
C THR B 89 1.98 2.17 8.05
N GLU B 90 2.62 3.06 7.28
CA GLU B 90 2.28 4.48 7.33
C GLU B 90 0.80 4.69 7.02
N VAL B 91 0.29 4.02 5.99
CA VAL B 91 -1.11 4.15 5.60
C VAL B 91 -2.04 3.81 6.77
N TRP B 92 -1.83 2.64 7.38
CA TRP B 92 -2.75 2.20 8.43
C TRP B 92 -2.64 3.04 9.69
N SER B 93 -1.44 3.57 9.97
CA SER B 93 -1.31 4.47 11.11
C SER B 93 -2.01 5.79 10.83
N TYR B 94 -1.99 6.25 9.58
CA TYR B 94 -2.76 7.42 9.20
C TYR B 94 -4.25 7.15 9.31
N ASN B 95 -4.72 6.03 8.76
CA ASN B 95 -6.13 5.71 8.78
C ASN B 95 -6.65 5.57 10.20
N ALA B 96 -5.86 4.94 11.09
CA ALA B 96 -6.33 4.67 12.44
C ALA B 96 -6.53 5.96 13.24
N GLU B 97 -5.50 6.79 13.35
CA GLU B 97 -5.63 8.06 14.07
C GLU B 97 -6.72 8.95 13.46
N LEU B 98 -6.91 8.87 12.14
CA LEU B 98 -7.91 9.74 11.52
C LEU B 98 -9.33 9.22 11.74
N LEU B 99 -9.53 7.91 11.58
CA LEU B 99 -10.85 7.33 11.78
C LEU B 99 -11.42 7.67 13.15
N ILE B 100 -10.61 7.48 14.21
CA ILE B 100 -11.16 7.61 15.55
C ILE B 100 -11.21 9.06 15.99
N ALA B 101 -10.31 9.90 15.48
CA ALA B 101 -10.54 11.33 15.58
C ALA B 101 -11.87 11.70 14.94
N MET B 102 -12.15 11.11 13.77
CA MET B 102 -13.40 11.39 13.06
C MET B 102 -14.61 10.87 13.83
N GLU B 103 -14.53 9.63 14.32
CA GLU B 103 -15.64 9.08 15.10
C GLU B 103 -15.80 9.78 16.44
N ASN B 104 -14.74 10.38 16.97
CA ASN B 104 -14.86 11.08 18.24
C ASN B 104 -15.58 12.41 18.09
N GLN B 105 -15.26 13.16 17.03
CA GLN B 105 -16.00 14.38 16.75
C GLN B 105 -17.47 14.09 16.53
N HIS B 106 -17.78 13.03 15.77
CA HIS B 106 -19.17 12.65 15.57
C HIS B 106 -19.81 12.14 16.85
N THR B 107 -19.04 11.43 17.68
CA THR B 107 -19.58 10.93 18.94
C THR B 107 -19.94 12.07 19.89
N ILE B 108 -18.97 12.94 20.17
CA ILE B 108 -19.25 14.11 21.02
C ILE B 108 -20.48 14.86 20.52
N ASP B 109 -20.54 15.14 19.22
CA ASP B 109 -21.61 15.99 18.69
C ASP B 109 -22.97 15.28 18.66
N LEU B 110 -23.04 13.99 18.31
CA LEU B 110 -24.35 13.33 18.29
C LEU B 110 -24.99 13.31 19.69
N ALA B 111 -24.17 13.19 20.74
CA ALA B 111 -24.70 13.24 22.09
C ALA B 111 -25.22 14.62 22.42
N ASP B 112 -24.47 15.66 22.08
CA ASP B 112 -24.94 17.03 22.26
C ASP B 112 -26.25 17.24 21.51
N SER B 113 -26.36 16.65 20.32
CA SER B 113 -27.60 16.69 19.54
C SER B 113 -28.79 16.11 20.30
N GLU B 114 -28.60 14.95 20.93
CA GLU B 114 -29.72 14.31 21.59
C GLU B 114 -30.23 15.14 22.75
N MET B 115 -29.44 16.09 23.24
CA MET B 115 -29.91 17.00 24.27
C MET B 115 -30.77 18.10 23.65
N ASP B 116 -30.23 18.81 22.66
CA ASP B 116 -31.03 19.78 21.93
C ASP B 116 -32.30 19.15 21.37
N LYS B 117 -32.27 17.85 21.04
CA LYS B 117 -33.47 17.17 20.59
C LYS B 117 -34.52 17.02 21.69
N LEU B 118 -34.10 16.96 22.97
CA LEU B 118 -35.00 16.76 24.11
C LEU B 118 -35.54 18.07 24.65
N TYR B 119 -34.62 18.99 24.99
CA TYR B 119 -34.92 20.37 25.34
C TYR B 119 -36.02 20.90 24.45
N GLU B 120 -35.72 20.94 23.20
CA GLU B 120 -36.53 21.53 22.20
C GLU B 120 -37.70 20.73 21.86
N ARG B 121 -38.06 19.64 22.54
CA ARG B 121 -39.35 18.99 22.31
C ARG B 121 -40.28 19.04 23.52
N VAL B 122 -39.75 19.28 24.71
CA VAL B 122 -40.58 19.57 25.87
C VAL B 122 -41.03 21.03 25.86
N LYS B 123 -40.20 21.93 25.33
CA LYS B 123 -40.65 23.30 25.07
C LYS B 123 -41.85 23.32 24.14
N ARG B 124 -41.93 22.37 23.20
CA ARG B 124 -43.07 22.27 22.30
C ARG B 124 -44.28 21.68 23.02
N GLN B 125 -44.06 20.75 23.95
CA GLN B 125 -45.17 20.32 24.81
C GLN B 125 -45.75 21.51 25.56
N LEU B 126 -44.88 22.33 26.15
CA LEU B 126 -45.29 23.40 27.05
C LEU B 126 -45.73 24.67 26.31
N ARG B 127 -45.78 24.63 24.98
CA ARG B 127 -46.49 25.59 24.16
C ARG B 127 -46.29 27.05 24.57
N GLU B 128 -47.27 27.60 25.28
CA GLU B 128 -47.23 28.98 25.77
C GLU B 128 -47.26 29.04 27.29
N ASN B 129 -47.15 27.91 27.96
CA ASN B 129 -47.26 27.82 29.41
C ASN B 129 -45.94 28.00 30.13
N ALA B 130 -44.84 28.27 29.42
CA ALA B 130 -43.53 28.38 30.06
C ALA B 130 -42.62 29.26 29.20
N GLU B 131 -41.41 29.48 29.72
CA GLU B 131 -40.41 30.35 29.10
C GLU B 131 -39.04 29.71 29.23
N GLU B 132 -38.16 30.01 28.27
CA GLU B 132 -36.78 29.53 28.36
C GLU B 132 -36.01 30.43 29.33
N ASP B 133 -35.67 29.86 30.50
CA ASP B 133 -34.94 30.58 31.53
C ASP B 133 -33.54 31.01 31.12
N GLY B 134 -33.05 30.57 29.99
CA GLY B 134 -31.67 30.82 29.69
C GLY B 134 -30.86 29.56 29.89
N THR B 135 -30.80 29.00 31.10
CA THR B 135 -29.79 27.97 31.36
C THR B 135 -30.36 26.57 31.38
N GLY B 136 -31.26 26.25 30.44
CA GLY B 136 -31.66 24.88 30.21
C GLY B 136 -32.91 24.47 30.96
N CYS B 137 -33.51 25.41 31.69
CA CYS B 137 -34.72 25.17 32.46
C CYS B 137 -35.90 25.93 31.87
N PHE B 138 -37.10 25.43 32.16
CA PHE B 138 -38.35 26.12 31.88
C PHE B 138 -38.99 26.57 33.18
N GLU B 139 -39.25 27.86 33.29
CA GLU B 139 -40.05 28.43 34.37
C GLU B 139 -41.51 28.11 34.05
N ILE B 140 -42.16 27.22 34.82
CA ILE B 140 -43.56 26.90 34.50
C ILE B 140 -44.36 28.00 35.19
N PHE B 141 -44.95 28.94 34.45
CA PHE B 141 -45.74 29.97 35.12
C PHE B 141 -47.16 29.46 35.37
N HIS B 142 -47.24 28.44 36.24
CA HIS B 142 -48.47 27.80 36.76
C HIS B 142 -48.05 26.61 37.61
N LYS B 143 -48.94 26.07 38.44
CA LYS B 143 -48.52 25.05 39.42
C LYS B 143 -48.60 23.64 38.84
N CYS B 144 -47.56 22.86 39.12
CA CYS B 144 -47.35 21.55 38.49
C CYS B 144 -46.87 20.59 39.59
N ASP B 145 -47.82 19.89 40.19
CA ASP B 145 -47.48 18.93 41.22
C ASP B 145 -46.78 17.71 40.62
N ASP B 146 -46.32 16.82 41.50
CA ASP B 146 -45.50 15.67 41.09
C ASP B 146 -46.18 14.74 40.10
N ASP B 147 -47.49 14.85 39.88
CA ASP B 147 -48.08 14.15 38.77
C ASP B 147 -48.06 15.00 37.51
N CYS B 148 -48.02 16.34 37.67
CA CYS B 148 -48.01 17.21 36.50
C CYS B 148 -46.67 17.25 35.80
N MET B 149 -45.62 16.81 36.47
CA MET B 149 -44.35 16.63 35.78
C MET B 149 -44.14 15.20 35.27
N ALA B 150 -44.61 14.18 36.01
CA ALA B 150 -44.71 12.88 35.35
C ALA B 150 -45.50 12.97 34.05
N SER B 151 -46.37 13.97 33.89
CA SER B 151 -47.02 14.16 32.59
C SER B 151 -45.99 14.45 31.49
N ILE B 152 -44.96 15.29 31.74
CA ILE B 152 -44.16 15.71 30.58
C ILE B 152 -43.20 14.61 30.19
N ARG B 153 -42.42 14.15 31.17
CA ARG B 153 -41.45 13.09 31.00
C ARG B 153 -42.05 11.86 30.37
N ASN B 154 -43.37 11.75 30.37
CA ASN B 154 -44.07 10.65 29.72
C ASN B 154 -44.92 11.20 28.57
N ASN B 155 -44.60 12.41 28.11
CA ASN B 155 -45.10 12.95 26.86
C ASN B 155 -46.63 12.83 26.78
N THR B 156 -47.31 13.19 27.88
CA THR B 156 -48.77 13.22 27.93
C THR B 156 -49.34 14.61 28.16
N TYR B 157 -48.69 15.41 29.01
CA TYR B 157 -49.12 16.75 29.41
C TYR B 157 -49.93 17.48 28.37
N ASP B 158 -51.19 17.79 28.69
CA ASP B 158 -52.00 18.67 27.87
C ASP B 158 -51.77 20.10 28.33
N HIS B 159 -51.31 20.95 27.41
CA HIS B 159 -51.10 22.37 27.71
C HIS B 159 -52.38 23.16 27.82
N ARG B 160 -53.44 22.76 27.12
CA ARG B 160 -54.65 23.57 27.18
C ARG B 160 -55.24 23.54 28.57
N LYS B 161 -55.02 22.46 29.31
CA LYS B 161 -55.62 22.39 30.64
C LYS B 161 -54.90 23.32 31.64
N TYR B 162 -53.61 23.62 31.44
CA TYR B 162 -53.03 24.69 32.25
C TYR B 162 -52.82 26.01 31.50
N ARG B 163 -53.31 26.12 30.26
CA ARG B 163 -53.07 27.31 29.45
C ARG B 163 -53.66 28.56 30.11
N GLU B 164 -54.93 28.46 30.53
CA GLU B 164 -55.74 29.60 30.99
C GLU B 164 -55.17 30.17 32.28
N GLU B 165 -54.74 29.29 33.18
CA GLU B 165 -54.04 29.67 34.40
C GLU B 165 -52.72 30.37 34.05
N ALA B 166 -51.98 29.82 33.09
CA ALA B 166 -50.66 30.33 32.77
C ALA B 166 -50.72 31.69 32.07
N MET B 167 -51.78 31.93 31.28
CA MET B 167 -51.85 33.15 30.45
C MET B 167 -51.69 34.44 31.26
N GLN B 168 -52.34 34.54 32.43
CA GLN B 168 -52.32 35.70 33.34
C GLN B 168 -51.29 35.65 34.45
N ASN B 169 -50.97 34.46 34.97
CA ASN B 169 -49.84 34.39 35.89
C ASN B 169 -48.57 34.93 35.26
N ARG B 170 -48.41 34.76 33.94
CA ARG B 170 -47.28 35.34 33.25
C ARG B 170 -47.32 36.87 33.23
N ILE B 171 -48.48 37.48 33.48
CA ILE B 171 -48.63 38.93 33.35
C ILE B 171 -49.06 39.52 34.68
N ASP C 1 -57.15 25.65 11.69
CA ASP C 1 -57.00 26.22 10.39
C ASP C 1 -55.55 26.08 10.60
N LYS C 2 -54.89 25.26 9.81
CA LYS C 2 -53.51 25.04 10.17
C LYS C 2 -52.72 24.59 8.95
N ILE C 3 -51.40 24.62 9.09
CA ILE C 3 -50.49 24.11 8.07
C ILE C 3 -49.44 23.20 8.70
N CYS C 4 -49.20 22.06 8.04
CA CYS C 4 -48.20 21.08 8.43
C CYS C 4 -47.05 21.01 7.43
N LEU C 5 -45.84 20.76 7.93
CA LEU C 5 -44.71 20.41 7.07
C LEU C 5 -44.47 18.91 7.09
N GLY C 6 -43.87 18.40 6.02
CA GLY C 6 -43.61 16.98 5.92
C GLY C 6 -42.60 16.69 4.82
N HIS C 7 -42.37 15.40 4.59
CA HIS C 7 -41.40 14.95 3.61
C HIS C 7 -41.91 13.68 2.93
N HIS C 8 -41.30 13.36 1.80
CA HIS C 8 -41.80 12.24 1.01
C HIS C 8 -41.27 10.90 1.54
N ALA C 9 -41.88 9.83 1.05
CA ALA C 9 -41.55 8.46 1.41
C ALA C 9 -42.12 7.55 0.34
N VAL C 10 -41.91 6.24 0.50
CA VAL C 10 -42.36 5.29 -0.52
C VAL C 10 -42.53 3.91 0.09
N SER C 11 -43.16 2.98 -0.64
CA SER C 11 -43.56 1.69 -0.09
C SER C 11 -42.35 0.85 0.33
N ASN C 12 -41.35 0.71 -0.55
CA ASN C 12 -40.10 0.05 -0.18
C ASN C 12 -38.95 0.96 -0.55
N GLY C 13 -38.12 1.32 0.42
CA GLY C 13 -36.84 1.95 0.16
C GLY C 13 -35.76 0.92 -0.07
N THR C 14 -34.52 1.41 -0.06
CA THR C 14 -33.33 0.58 -0.19
C THR C 14 -32.56 0.63 1.12
N LYS C 15 -32.05 -0.52 1.56
CA LYS C 15 -31.32 -0.57 2.83
C LYS C 15 -29.83 -0.33 2.59
N VAL C 16 -29.25 0.57 3.39
CA VAL C 16 -27.86 0.97 3.31
C VAL C 16 -27.25 0.86 4.69
N ASN C 17 -25.96 1.17 4.77
CA ASN C 17 -25.23 1.13 6.03
C ASN C 17 -24.70 2.51 6.34
N THR C 18 -24.54 2.79 7.64
CA THR C 18 -24.04 4.07 8.11
C THR C 18 -22.96 3.82 9.16
N LEU C 19 -22.36 4.92 9.63
CA LEU C 19 -21.40 4.83 10.72
C LEU C 19 -22.04 4.25 11.98
N THR C 20 -23.36 4.39 12.14
CA THR C 20 -24.01 4.02 13.39
C THR C 20 -24.98 2.85 13.33
N GLU C 21 -25.47 2.43 12.16
CA GLU C 21 -26.27 1.22 12.13
C GLU C 21 -26.16 0.53 10.78
N ARG C 22 -26.58 -0.74 10.76
CA ARG C 22 -26.63 -1.53 9.54
C ARG C 22 -28.08 -1.61 9.07
N GLY C 23 -28.30 -1.37 7.79
CA GLY C 23 -29.64 -1.47 7.23
C GLY C 23 -30.66 -0.41 7.58
N VAL C 24 -30.28 0.86 7.37
CA VAL C 24 -31.27 1.93 7.36
C VAL C 24 -31.96 1.91 6.00
N GLU C 25 -33.26 2.11 6.00
CA GLU C 25 -33.99 2.17 4.75
C GLU C 25 -33.99 3.62 4.28
N VAL C 26 -33.50 3.85 3.07
CA VAL C 26 -33.44 5.19 2.51
C VAL C 26 -34.36 5.21 1.30
N VAL C 27 -34.74 6.41 0.90
CA VAL C 27 -35.67 6.54 -0.23
C VAL C 27 -35.05 5.91 -1.47
N ASN C 28 -33.88 6.42 -1.87
CA ASN C 28 -33.19 5.93 -3.06
C ASN C 28 -31.69 5.81 -2.76
N ALA C 29 -31.08 4.75 -3.29
CA ALA C 29 -29.64 4.56 -3.22
C ALA C 29 -29.12 4.13 -4.58
N THR C 30 -27.79 4.09 -4.71
CA THR C 30 -27.15 3.65 -5.95
C THR C 30 -25.88 2.86 -5.64
N GLU C 31 -25.64 1.83 -6.44
CA GLU C 31 -24.50 0.94 -6.25
C GLU C 31 -23.19 1.66 -6.53
N THR C 32 -22.13 1.19 -5.89
CA THR C 32 -20.80 1.79 -5.99
C THR C 32 -19.72 0.80 -6.35
N VAL C 33 -20.00 -0.50 -6.30
CA VAL C 33 -19.05 -1.53 -6.70
C VAL C 33 -19.54 -2.19 -7.98
N GLU C 34 -18.72 -2.16 -9.02
CA GLU C 34 -19.07 -2.79 -10.28
C GLU C 34 -18.99 -4.30 -10.16
N ARG C 35 -20.07 -4.99 -10.55
CA ARG C 35 -20.05 -6.43 -10.64
C ARG C 35 -20.24 -6.99 -12.03
N THR C 36 -20.75 -6.22 -12.99
CA THR C 36 -21.05 -6.80 -14.28
C THR C 36 -19.85 -6.64 -15.20
N ASN C 37 -19.37 -7.78 -15.68
CA ASN C 37 -18.34 -7.85 -16.69
C ASN C 37 -19.05 -7.96 -18.03
N ILE C 38 -18.37 -7.57 -19.11
CA ILE C 38 -18.80 -7.91 -20.44
C ILE C 38 -17.69 -8.76 -21.09
N PRO C 39 -18.03 -9.92 -21.61
CA PRO C 39 -17.01 -10.95 -21.88
C PRO C 39 -16.26 -10.79 -23.18
N ARG C 40 -15.80 -9.59 -23.49
CA ARG C 40 -15.08 -9.35 -24.74
C ARG C 40 -13.99 -8.32 -24.49
N ILE C 41 -12.99 -8.31 -25.37
CA ILE C 41 -11.92 -7.32 -25.31
C ILE C 41 -12.40 -6.12 -26.14
N CYS C 42 -13.11 -5.20 -25.45
CA CYS C 42 -13.65 -3.98 -26.05
C CYS C 42 -12.52 -3.15 -26.63
N SER C 43 -12.32 -3.19 -27.94
CA SER C 43 -11.09 -2.68 -28.54
C SER C 43 -11.32 -1.58 -29.57
N LYS C 44 -12.47 -0.91 -29.56
CA LYS C 44 -12.73 0.06 -30.60
C LYS C 44 -11.85 1.30 -30.43
N GLY C 45 -11.37 1.83 -31.55
CA GLY C 45 -10.51 2.98 -31.55
C GLY C 45 -9.02 2.70 -31.46
N LYS C 46 -8.61 1.48 -31.12
CA LYS C 46 -7.23 1.17 -30.79
C LYS C 46 -6.62 0.21 -31.80
N ARG C 47 -5.35 0.44 -32.13
CA ARG C 47 -4.57 -0.48 -32.94
C ARG C 47 -4.29 -1.73 -32.13
N THR C 48 -5.01 -2.80 -32.44
CA THR C 48 -4.95 -4.04 -31.68
C THR C 48 -4.16 -5.11 -32.44
N VAL C 49 -3.43 -5.92 -31.68
CA VAL C 49 -2.70 -7.06 -32.21
C VAL C 49 -3.00 -8.26 -31.32
N ASP C 50 -3.82 -9.18 -31.83
CA ASP C 50 -4.12 -10.44 -31.14
C ASP C 50 -3.06 -11.43 -31.61
N LEU C 51 -2.08 -11.71 -30.74
CA LEU C 51 -1.00 -12.62 -31.11
C LEU C 51 -1.48 -14.03 -31.42
N GLY C 52 -2.65 -14.42 -30.91
CA GLY C 52 -3.15 -15.76 -31.11
C GLY C 52 -2.17 -16.85 -30.75
N GLN C 53 -1.64 -17.55 -31.75
CA GLN C 53 -0.76 -18.68 -31.52
C GLN C 53 0.71 -18.29 -31.45
N CYS C 54 1.03 -17.01 -31.63
CA CYS C 54 2.40 -16.53 -31.47
C CYS C 54 2.65 -16.10 -30.04
N GLY C 55 3.71 -16.62 -29.44
CA GLY C 55 4.15 -16.12 -28.14
C GLY C 55 4.84 -14.76 -28.29
N LEU C 56 4.65 -13.90 -27.30
CA LEU C 56 5.18 -12.54 -27.36
C LEU C 56 6.68 -12.51 -27.62
N LEU C 57 7.44 -13.37 -26.93
CA LEU C 57 8.89 -13.39 -27.12
C LEU C 57 9.25 -14.01 -28.46
N GLY C 58 8.35 -14.84 -29.00
CA GLY C 58 8.48 -15.34 -30.36
C GLY C 58 8.56 -14.27 -31.42
N THR C 59 8.05 -13.07 -31.13
CA THR C 59 8.20 -11.96 -32.06
C THR C 59 9.65 -11.53 -32.23
N ILE C 60 10.51 -11.84 -31.26
CA ILE C 60 11.92 -11.47 -31.37
C ILE C 60 12.69 -12.51 -32.18
N THR C 61 12.39 -13.80 -31.99
CA THR C 61 13.16 -14.88 -32.59
C THR C 61 12.54 -15.41 -33.87
N GLY C 62 11.21 -15.48 -33.93
CA GLY C 62 10.51 -15.74 -35.16
C GLY C 62 10.34 -17.20 -35.52
N PRO C 63 9.66 -17.97 -34.68
CA PRO C 63 9.21 -19.29 -35.12
C PRO C 63 8.00 -19.16 -36.04
N PRO C 64 7.71 -20.19 -36.84
CA PRO C 64 6.66 -20.06 -37.88
C PRO C 64 5.35 -19.43 -37.42
N GLN C 65 4.86 -19.79 -36.23
CA GLN C 65 3.67 -19.14 -35.68
C GLN C 65 3.74 -17.61 -35.78
N CYS C 66 4.92 -17.04 -35.63
CA CYS C 66 5.08 -15.60 -35.46
C CYS C 66 5.49 -14.89 -36.74
N ASP C 67 5.40 -15.55 -37.89
CA ASP C 67 5.85 -14.92 -39.13
C ASP C 67 5.06 -13.66 -39.45
N GLN C 68 3.78 -13.63 -39.11
CA GLN C 68 3.03 -12.40 -39.35
C GLN C 68 3.29 -11.33 -38.29
N PHE C 69 4.16 -11.59 -37.28
CA PHE C 69 4.27 -10.72 -36.12
C PHE C 69 5.68 -10.22 -35.83
N LEU C 70 6.60 -10.31 -36.79
CA LEU C 70 7.99 -9.94 -36.51
C LEU C 70 8.23 -8.43 -36.48
N GLU C 71 7.33 -7.63 -37.03
CA GLU C 71 7.48 -6.18 -37.06
C GLU C 71 6.13 -5.52 -36.74
N PHE C 72 5.45 -6.03 -35.72
CA PHE C 72 4.09 -5.58 -35.46
C PHE C 72 4.08 -4.18 -34.85
N SER C 73 2.87 -3.65 -34.69
CA SER C 73 2.67 -2.27 -34.24
C SER C 73 1.30 -2.18 -33.61
N ALA C 74 1.24 -1.77 -32.34
CA ALA C 74 -0.01 -1.89 -31.60
C ALA C 74 -0.13 -0.80 -30.54
N ASP C 75 -1.38 -0.44 -30.25
CA ASP C 75 -1.74 0.22 -29.00
C ASP C 75 -2.03 -0.79 -27.90
N LEU C 76 -2.61 -1.93 -28.27
CA LEU C 76 -3.02 -2.98 -27.36
C LEU C 76 -2.56 -4.32 -27.92
N ILE C 77 -1.89 -5.12 -27.10
CA ILE C 77 -1.34 -6.40 -27.51
C ILE C 77 -1.96 -7.47 -26.61
N ILE C 78 -2.54 -8.50 -27.23
CA ILE C 78 -3.28 -9.55 -26.53
C ILE C 78 -2.51 -10.85 -26.66
N GLU C 79 -2.11 -11.43 -25.53
CA GLU C 79 -1.53 -12.76 -25.52
C GLU C 79 -2.62 -13.80 -25.28
N ARG C 80 -2.37 -15.01 -25.77
CA ARG C 80 -3.35 -16.08 -25.76
C ARG C 80 -2.71 -17.30 -25.13
N ARG C 81 -3.51 -18.13 -24.45
CA ARG C 81 -2.96 -19.34 -23.85
C ARG C 81 -2.32 -20.26 -24.89
N GLU C 82 -2.85 -20.31 -26.10
CA GLU C 82 -2.33 -21.25 -27.08
C GLU C 82 -0.97 -20.82 -27.64
N GLY C 83 -0.50 -19.62 -27.31
CA GLY C 83 0.68 -19.06 -27.97
C GLY C 83 1.97 -19.60 -27.40
N SER C 84 2.92 -19.87 -28.30
CA SER C 84 4.20 -20.47 -27.95
C SER C 84 5.34 -19.58 -28.43
N ASP C 85 6.35 -19.41 -27.59
CA ASP C 85 7.51 -18.58 -27.91
C ASP C 85 8.57 -19.34 -28.68
N VAL C 86 8.29 -20.55 -29.15
CA VAL C 86 9.36 -21.52 -29.39
C VAL C 86 8.89 -22.54 -30.40
N CYS C 87 9.83 -23.05 -31.20
CA CYS C 87 9.55 -24.16 -32.10
C CYS C 87 10.45 -25.32 -31.71
N TYR C 88 11.76 -25.19 -31.92
CA TYR C 88 12.74 -26.09 -31.31
C TYR C 88 12.65 -25.92 -29.79
N PRO C 89 12.34 -26.96 -29.03
CA PRO C 89 12.09 -26.80 -27.58
C PRO C 89 13.18 -26.02 -26.86
N GLY C 90 12.76 -25.20 -25.90
CA GLY C 90 13.67 -24.29 -25.22
C GLY C 90 12.89 -23.23 -24.46
N LYS C 91 13.64 -22.29 -23.88
CA LYS C 91 13.10 -21.27 -23.01
C LYS C 91 13.99 -20.04 -23.08
N PHE C 92 13.44 -18.91 -22.62
CA PHE C 92 14.19 -17.68 -22.41
C PHE C 92 14.62 -17.59 -20.95
N VAL C 93 15.89 -17.28 -20.71
CA VAL C 93 16.33 -16.91 -19.36
C VAL C 93 15.90 -15.48 -19.09
N ASN C 94 15.36 -15.24 -17.89
CA ASN C 94 14.88 -13.92 -17.50
C ASN C 94 13.73 -13.50 -18.41
N GLU C 95 12.72 -14.36 -18.47
CA GLU C 95 11.76 -14.30 -19.56
C GLU C 95 10.68 -13.24 -19.31
N GLU C 96 10.15 -13.17 -18.09
CA GLU C 96 9.04 -12.26 -17.83
C GLU C 96 9.47 -10.80 -17.96
N ALA C 97 10.73 -10.48 -17.65
CA ALA C 97 11.22 -9.13 -17.88
C ALA C 97 11.11 -8.73 -19.34
N LEU C 98 11.46 -9.64 -20.25
CA LEU C 98 11.32 -9.37 -21.67
C LEU C 98 9.86 -9.14 -22.05
N ARG C 99 8.94 -9.89 -21.42
CA ARG C 99 7.53 -9.75 -21.76
C ARG C 99 7.00 -8.39 -21.32
N GLN C 100 7.23 -8.03 -20.05
CA GLN C 100 6.85 -6.72 -19.55
C GLN C 100 7.41 -5.59 -20.41
N ILE C 101 8.56 -5.82 -21.06
CA ILE C 101 9.10 -4.84 -21.99
C ILE C 101 8.26 -4.79 -23.26
N LEU C 102 8.14 -5.93 -23.93
CA LEU C 102 7.41 -6.01 -25.20
C LEU C 102 5.96 -5.56 -25.04
N ARG C 103 5.31 -5.91 -23.92
CA ARG C 103 3.91 -5.53 -23.72
C ARG C 103 3.71 -4.01 -23.81
N GLU C 104 4.64 -3.23 -23.27
CA GLU C 104 4.50 -1.78 -23.26
C GLU C 104 5.24 -1.11 -24.41
N SER C 105 5.70 -1.90 -25.39
CA SER C 105 6.58 -1.40 -26.44
C SER C 105 5.88 -0.66 -27.56
N GLY C 106 4.56 -0.82 -27.71
CA GLY C 106 3.90 -0.33 -28.90
C GLY C 106 4.36 -0.98 -30.19
N GLY C 107 4.98 -2.14 -30.12
CA GLY C 107 5.45 -2.85 -31.28
C GLY C 107 6.97 -2.86 -31.36
N ILE C 108 7.47 -3.61 -32.36
CA ILE C 108 8.90 -3.76 -32.58
C ILE C 108 9.22 -3.49 -34.03
N ASP C 109 10.37 -2.87 -34.27
CA ASP C 109 10.89 -2.61 -35.62
C ASP C 109 12.24 -3.30 -35.71
N LYS C 110 12.37 -4.21 -36.67
CA LYS C 110 13.60 -4.96 -36.81
C LYS C 110 14.60 -4.21 -37.68
N GLU C 111 15.85 -4.68 -37.63
CA GLU C 111 16.95 -4.11 -38.39
C GLU C 111 18.10 -5.09 -38.29
N THR C 112 18.76 -5.34 -39.42
CA THR C 112 19.84 -6.32 -39.43
C THR C 112 21.03 -5.83 -38.61
N MET C 113 21.79 -6.78 -38.11
CA MET C 113 23.11 -6.54 -37.55
C MET C 113 24.22 -6.85 -38.53
N GLY C 114 23.87 -7.27 -39.75
CA GLY C 114 24.77 -7.29 -40.88
C GLY C 114 25.73 -8.46 -40.92
N PHE C 115 25.95 -9.13 -39.79
CA PHE C 115 26.88 -10.25 -39.66
C PHE C 115 27.02 -11.14 -40.89
N THR C 116 28.25 -11.28 -41.40
CA THR C 116 28.65 -12.34 -42.31
C THR C 116 29.79 -13.09 -41.63
N TYR C 117 30.08 -14.31 -42.07
CA TYR C 117 31.09 -15.08 -41.37
C TYR C 117 31.88 -15.96 -42.31
N ASN C 118 33.03 -16.42 -41.83
CA ASN C 118 34.03 -17.12 -42.62
C ASN C 118 34.47 -18.34 -41.84
N GLY C 119 34.36 -19.51 -42.47
CA GLY C 119 34.83 -20.74 -41.87
C GLY C 119 33.79 -21.56 -41.16
N ILE C 120 32.50 -21.32 -41.41
CA ILE C 120 31.43 -21.97 -40.68
C ILE C 120 30.31 -22.32 -41.67
N ARG C 121 29.40 -23.14 -41.19
CA ARG C 121 28.08 -23.28 -41.78
C ARG C 121 27.11 -22.44 -40.95
N THR C 122 26.14 -21.84 -41.64
CA THR C 122 25.31 -20.79 -41.07
C THR C 122 23.82 -21.12 -41.17
N ASN C 123 23.48 -22.38 -41.47
CA ASN C 123 22.19 -22.71 -42.07
C ASN C 123 21.56 -23.94 -41.45
N GLY C 124 21.79 -24.18 -40.16
CA GLY C 124 21.23 -25.35 -39.50
C GLY C 124 19.73 -25.22 -39.29
N VAL C 125 19.06 -26.37 -39.30
CA VAL C 125 17.63 -26.45 -39.56
C VAL C 125 17.08 -27.63 -38.75
N THR C 126 15.75 -27.74 -38.64
CA THR C 126 15.13 -28.72 -37.77
C THR C 126 13.70 -29.03 -38.25
N SER C 127 13.23 -30.23 -37.89
CA SER C 127 11.87 -30.66 -38.20
C SER C 127 10.84 -30.04 -37.28
N ALA C 128 11.25 -29.51 -36.12
CA ALA C 128 10.33 -28.80 -35.24
C ALA C 128 9.80 -27.54 -35.93
N CYS C 129 10.69 -26.64 -36.31
CA CYS C 129 10.31 -25.39 -36.97
C CYS C 129 10.10 -25.68 -38.45
N LYS C 130 8.86 -26.02 -38.81
CA LYS C 130 8.51 -26.29 -40.19
C LYS C 130 7.93 -25.06 -40.87
N ARG C 131 8.45 -24.74 -42.05
CA ARG C 131 7.79 -23.86 -43.01
C ARG C 131 7.46 -24.73 -44.21
N SER C 132 8.14 -24.51 -45.32
CA SER C 132 8.32 -25.57 -46.32
C SER C 132 9.41 -26.50 -45.82
N GLY C 133 9.03 -27.75 -45.51
CA GLY C 133 10.02 -28.65 -44.95
C GLY C 133 10.61 -28.12 -43.65
N SER C 134 11.72 -28.74 -43.27
CA SER C 134 12.42 -28.34 -42.06
C SER C 134 12.97 -26.93 -42.21
N SER C 135 12.85 -26.12 -41.15
CA SER C 135 13.28 -24.73 -41.17
C SER C 135 13.89 -24.33 -39.83
N PHE C 136 13.77 -23.04 -39.46
CA PHE C 136 14.41 -22.54 -38.24
C PHE C 136 13.84 -21.16 -37.91
N TYR C 137 14.21 -20.67 -36.72
CA TYR C 137 13.87 -19.33 -36.28
C TYR C 137 14.24 -18.27 -37.31
N ALA C 138 13.22 -17.56 -37.80
CA ALA C 138 13.39 -16.61 -38.89
C ALA C 138 14.44 -15.55 -38.58
N GLU C 139 14.53 -15.11 -37.32
CA GLU C 139 15.40 -14.01 -36.96
C GLU C 139 16.77 -14.45 -36.46
N MET C 140 17.07 -15.74 -36.47
CA MET C 140 18.35 -16.23 -35.95
C MET C 140 18.93 -17.24 -36.92
N LYS C 141 20.12 -17.76 -36.59
CA LYS C 141 20.85 -18.64 -37.48
C LYS C 141 21.62 -19.68 -36.66
N TRP C 142 21.47 -20.93 -37.04
CA TRP C 142 22.20 -22.04 -36.43
C TRP C 142 23.60 -22.07 -37.02
N LEU C 143 24.58 -21.64 -36.23
CA LEU C 143 25.96 -21.60 -36.69
C LEU C 143 26.67 -22.89 -36.30
N LEU C 144 27.33 -23.51 -37.27
CA LEU C 144 27.86 -24.86 -37.14
C LEU C 144 29.29 -24.88 -37.67
N SER C 145 29.93 -26.04 -37.52
CA SER C 145 31.18 -26.31 -38.21
C SER C 145 30.91 -26.85 -39.60
N ASN C 146 31.84 -26.56 -40.52
CA ASN C 146 31.63 -26.84 -41.95
C ASN C 146 31.26 -28.30 -42.22
N THR C 147 31.87 -29.22 -41.48
CA THR C 147 31.63 -30.65 -41.70
C THR C 147 31.70 -31.36 -40.37
N ASP C 148 31.05 -32.53 -40.30
CA ASP C 148 30.98 -33.29 -39.06
C ASP C 148 32.30 -33.29 -38.32
N ASN C 149 32.25 -32.94 -37.02
CA ASN C 149 33.42 -32.81 -36.17
C ASN C 149 34.43 -31.72 -36.52
N ALA C 150 34.24 -30.95 -37.60
CA ALA C 150 35.21 -29.91 -37.95
C ALA C 150 35.41 -28.89 -36.82
N ALA C 151 36.58 -28.27 -36.79
CA ALA C 151 36.84 -27.26 -35.78
C ALA C 151 35.96 -26.04 -36.03
N PHE C 152 35.46 -25.47 -34.94
CA PHE C 152 34.75 -24.21 -34.96
C PHE C 152 35.73 -23.06 -34.73
N PRO C 153 36.13 -22.34 -35.79
CA PRO C 153 36.97 -21.14 -35.60
C PRO C 153 36.53 -20.27 -34.43
N GLN C 154 37.44 -20.00 -33.51
CA GLN C 154 37.21 -19.09 -32.40
C GLN C 154 36.88 -17.68 -32.91
N MET C 155 35.61 -17.27 -32.87
CA MET C 155 35.20 -16.06 -33.59
C MET C 155 34.70 -14.98 -32.66
N THR C 156 34.78 -13.75 -33.16
CA THR C 156 34.28 -12.57 -32.48
C THR C 156 33.47 -11.76 -33.48
N LYS C 157 32.25 -11.37 -33.08
CA LYS C 157 31.38 -10.53 -33.88
C LYS C 157 30.92 -9.36 -33.01
N SER C 158 30.69 -8.23 -33.66
CA SER C 158 30.24 -7.04 -32.95
C SER C 158 29.19 -6.31 -33.78
N TYR C 159 28.22 -5.73 -33.08
CA TYR C 159 27.21 -4.87 -33.67
C TYR C 159 27.10 -3.63 -32.80
N LYS C 160 27.02 -2.46 -33.43
CA LYS C 160 26.82 -1.22 -32.70
C LYS C 160 25.45 -0.62 -33.05
N ASN C 161 24.70 -0.28 -32.01
CA ASN C 161 23.42 0.42 -32.10
C ASN C 161 23.65 1.81 -32.69
N THR C 162 23.41 1.93 -33.99
CA THR C 162 23.53 3.21 -34.70
C THR C 162 22.42 4.18 -34.35
N ARG C 163 21.36 3.72 -33.70
CA ARG C 163 20.14 4.51 -33.55
C ARG C 163 20.17 5.30 -32.23
N LYS C 164 19.12 6.08 -31.99
CA LYS C 164 19.01 6.87 -30.77
C LYS C 164 18.02 6.27 -29.79
N SER C 165 17.59 5.03 -30.02
CA SER C 165 16.76 4.24 -29.13
C SER C 165 17.51 2.96 -28.76
N PRO C 166 17.20 2.34 -27.62
CA PRO C 166 17.92 1.11 -27.25
C PRO C 166 17.42 -0.10 -28.01
N ALA C 167 18.34 -0.99 -28.35
CA ALA C 167 18.06 -2.20 -29.09
C ALA C 167 17.86 -3.40 -28.16
N ILE C 168 17.14 -4.40 -28.66
CA ILE C 168 17.05 -5.71 -28.05
C ILE C 168 17.89 -6.69 -28.88
N ILE C 169 18.96 -7.19 -28.28
CA ILE C 169 19.79 -8.24 -28.85
C ILE C 169 19.42 -9.53 -28.16
N VAL C 170 19.33 -10.60 -28.94
CA VAL C 170 19.03 -11.89 -28.38
C VAL C 170 19.89 -12.92 -29.10
N TRP C 171 20.65 -13.67 -28.32
CA TRP C 171 21.39 -14.83 -28.76
C TRP C 171 20.89 -16.00 -27.91
N GLY C 172 21.41 -17.19 -28.21
CA GLY C 172 21.02 -18.39 -27.50
C GLY C 172 22.16 -19.39 -27.40
N ILE C 173 21.92 -20.44 -26.61
CA ILE C 173 22.89 -21.50 -26.42
C ILE C 173 22.22 -22.82 -26.77
N HIS C 174 22.91 -23.66 -27.54
CA HIS C 174 22.38 -24.96 -27.93
C HIS C 174 22.96 -26.01 -26.98
N HIS C 175 22.08 -26.62 -26.20
CA HIS C 175 22.43 -27.72 -25.32
C HIS C 175 22.09 -29.02 -26.06
N SER C 176 23.12 -29.75 -26.48
CA SER C 176 22.95 -30.90 -27.36
C SER C 176 22.68 -32.16 -26.54
N VAL C 177 21.99 -33.11 -27.17
CA VAL C 177 21.55 -34.32 -26.45
C VAL C 177 22.72 -35.04 -25.80
N SER C 178 23.89 -35.04 -26.45
CA SER C 178 25.06 -35.68 -25.86
C SER C 178 26.31 -34.85 -26.18
N THR C 179 27.35 -35.07 -25.37
CA THR C 179 28.66 -34.56 -25.72
C THR C 179 29.15 -35.15 -27.02
N ALA C 180 28.77 -36.41 -27.29
CA ALA C 180 29.03 -37.03 -28.59
C ALA C 180 28.58 -36.14 -29.74
N GLU C 181 27.28 -35.81 -29.79
CA GLU C 181 26.76 -35.06 -30.92
C GLU C 181 26.87 -33.55 -30.76
N GLN C 182 27.23 -33.05 -29.57
CA GLN C 182 27.81 -31.71 -29.50
C GLN C 182 28.94 -31.59 -30.51
N THR C 183 29.75 -32.64 -30.62
CA THR C 183 30.92 -32.63 -31.48
C THR C 183 30.54 -32.70 -32.96
N LYS C 184 29.65 -33.63 -33.33
CA LYS C 184 29.20 -33.72 -34.72
C LYS C 184 28.75 -32.37 -35.24
N LEU C 185 28.22 -31.55 -34.34
CA LEU C 185 27.84 -30.17 -34.67
C LEU C 185 29.05 -29.24 -34.64
N TYR C 186 29.48 -28.87 -33.43
CA TYR C 186 30.39 -27.74 -33.23
C TYR C 186 31.84 -28.16 -32.95
N GLY C 187 32.24 -29.36 -33.34
CA GLY C 187 33.55 -29.82 -32.94
C GLY C 187 33.68 -30.10 -31.45
N SER C 188 34.93 -30.31 -31.02
CA SER C 188 35.23 -30.88 -29.72
C SER C 188 35.63 -29.82 -28.70
N GLY C 189 35.93 -30.29 -27.48
CA GLY C 189 36.45 -29.46 -26.42
C GLY C 189 35.42 -28.66 -25.64
N ASN C 190 35.88 -28.10 -24.52
CA ASN C 190 35.10 -27.15 -23.72
C ASN C 190 34.58 -26.01 -24.60
N LYS C 191 33.27 -25.76 -24.51
CA LYS C 191 32.64 -24.79 -25.37
C LYS C 191 32.28 -23.52 -24.60
N LEU C 192 32.83 -22.38 -25.06
CA LEU C 192 32.71 -21.07 -24.44
C LEU C 192 32.11 -20.08 -25.42
N VAL C 193 30.97 -19.48 -25.08
CA VAL C 193 30.51 -18.30 -25.78
C VAL C 193 30.42 -17.20 -24.76
N THR C 194 30.95 -16.04 -25.09
CA THR C 194 31.14 -15.04 -24.07
C THR C 194 30.49 -13.77 -24.59
N VAL C 195 29.87 -12.98 -23.72
CA VAL C 195 29.07 -11.89 -24.25
C VAL C 195 29.13 -10.69 -23.34
N GLY C 196 29.72 -9.60 -23.84
CA GLY C 196 29.65 -8.36 -23.12
C GLY C 196 29.41 -7.11 -23.96
N SER C 197 28.49 -6.26 -23.53
CA SER C 197 28.35 -4.94 -24.13
C SER C 197 29.52 -4.12 -23.61
N SER C 198 29.23 -3.09 -22.82
CA SER C 198 30.12 -2.64 -21.76
C SER C 198 29.39 -2.39 -20.44
N ASN C 199 28.09 -2.12 -20.47
CA ASN C 199 27.25 -2.02 -19.29
C ASN C 199 26.80 -3.42 -18.84
N TYR C 200 27.33 -4.45 -19.50
CA TYR C 200 27.01 -5.84 -19.19
C TYR C 200 28.17 -6.73 -19.60
N GLN C 201 28.57 -7.61 -18.69
CA GLN C 201 29.53 -8.66 -18.99
C GLN C 201 28.99 -9.97 -18.42
N GLN C 202 29.35 -11.06 -19.08
CA GLN C 202 28.87 -12.40 -18.76
C GLN C 202 29.39 -13.39 -19.79
N SER C 203 29.25 -14.68 -19.53
CA SER C 203 29.65 -15.68 -20.50
C SER C 203 28.90 -16.97 -20.23
N PHE C 204 28.98 -17.88 -21.20
CA PHE C 204 28.06 -19.00 -21.26
C PHE C 204 28.78 -20.28 -21.68
N VAL C 205 28.28 -21.38 -21.16
CA VAL C 205 28.79 -22.73 -21.44
C VAL C 205 27.60 -23.55 -21.91
N PRO C 206 27.74 -24.41 -22.92
CA PRO C 206 26.66 -25.36 -23.20
C PRO C 206 26.54 -26.38 -22.10
N SER C 207 25.59 -27.28 -22.23
CA SER C 207 25.31 -28.20 -21.13
C SER C 207 24.73 -29.49 -21.66
N PRO C 208 25.46 -30.22 -22.50
CA PRO C 208 24.87 -31.37 -23.18
C PRO C 208 24.51 -32.50 -22.22
N GLY C 209 23.49 -33.25 -22.58
CA GLY C 209 22.93 -34.26 -21.72
C GLY C 209 21.49 -34.55 -22.10
N ALA C 210 21.01 -35.69 -21.62
CA ALA C 210 19.67 -36.14 -21.97
C ALA C 210 18.59 -35.28 -21.33
N ARG C 211 17.48 -35.20 -22.05
CA ARG C 211 16.24 -34.52 -21.73
C ARG C 211 15.12 -35.28 -22.43
N PRO C 212 13.90 -35.17 -21.92
CA PRO C 212 12.81 -35.94 -22.54
C PRO C 212 12.33 -35.23 -23.80
N GLN C 213 11.65 -36.01 -24.65
CA GLN C 213 11.35 -35.56 -26.00
C GLN C 213 10.23 -34.53 -25.99
N VAL C 214 10.43 -33.44 -26.74
CA VAL C 214 9.47 -32.35 -26.85
C VAL C 214 9.55 -31.85 -28.28
N ASN C 215 8.42 -31.91 -29.00
CA ASN C 215 8.36 -31.78 -30.45
C ASN C 215 9.15 -32.89 -31.17
N GLY C 216 9.32 -34.04 -30.51
CA GLY C 216 10.18 -35.10 -31.03
C GLY C 216 11.58 -35.13 -30.46
N LEU C 217 12.22 -33.98 -30.34
CA LEU C 217 13.60 -33.85 -29.87
C LEU C 217 13.78 -33.73 -28.37
N SER C 218 14.98 -34.17 -27.97
CA SER C 218 15.47 -34.14 -26.60
C SER C 218 16.53 -33.07 -26.40
N GLY C 219 16.72 -32.18 -27.37
CA GLY C 219 17.63 -31.06 -27.22
C GLY C 219 16.89 -29.78 -26.87
N ARG C 220 17.65 -28.78 -26.42
CA ARG C 220 17.10 -27.49 -26.02
C ARG C 220 18.02 -26.37 -26.49
N ILE C 221 17.45 -25.30 -27.04
CA ILE C 221 18.12 -24.00 -27.12
C ILE C 221 17.56 -23.09 -26.03
N ASP C 222 18.44 -22.49 -25.22
CA ASP C 222 18.03 -21.47 -24.27
C ASP C 222 18.52 -20.10 -24.75
N PHE C 223 17.55 -19.21 -24.99
CA PHE C 223 17.81 -17.88 -25.53
C PHE C 223 18.16 -16.91 -24.42
N HIS C 224 19.07 -15.99 -24.71
CA HIS C 224 19.46 -14.94 -23.77
C HIS C 224 19.35 -13.59 -24.46
N TRP C 225 19.40 -12.52 -23.68
CA TRP C 225 19.10 -11.20 -24.22
C TRP C 225 19.59 -10.11 -23.30
N LEU C 226 19.92 -8.96 -23.90
CA LEU C 226 20.31 -7.73 -23.22
C LEU C 226 19.89 -6.54 -24.07
N ILE C 227 19.51 -5.45 -23.41
CA ILE C 227 19.15 -4.20 -24.06
C ILE C 227 20.41 -3.37 -24.31
N LEU C 228 20.80 -3.26 -25.59
CA LEU C 228 21.93 -2.43 -26.01
C LEU C 228 21.47 -0.99 -26.18
N ASN C 229 22.24 -0.07 -25.65
CA ASN C 229 21.86 1.33 -25.60
C ASN C 229 22.55 2.10 -26.73
N PRO C 230 22.08 3.31 -27.05
CA PRO C 230 22.64 4.07 -28.18
C PRO C 230 24.16 4.25 -28.14
N ASN C 231 24.77 4.25 -29.33
CA ASN C 231 26.22 4.37 -29.55
C ASN C 231 27.05 3.41 -28.69
N ASP C 232 26.41 2.37 -28.17
CA ASP C 232 27.04 1.25 -27.49
C ASP C 232 27.40 0.15 -28.47
N THR C 233 28.37 -0.68 -28.10
CA THR C 233 28.69 -1.87 -28.84
C THR C 233 28.49 -3.14 -28.00
N VAL C 234 28.12 -4.22 -28.66
CA VAL C 234 28.05 -5.56 -28.07
C VAL C 234 28.97 -6.49 -28.86
N THR C 235 29.80 -7.25 -28.14
CA THR C 235 30.73 -8.17 -28.76
C THR C 235 30.39 -9.62 -28.41
N PHE C 236 30.43 -10.47 -29.42
CA PHE C 236 30.05 -11.88 -29.31
C PHE C 236 31.29 -12.73 -29.54
N SER C 237 31.94 -13.15 -28.44
CA SER C 237 33.09 -14.02 -28.52
C SER C 237 32.61 -15.45 -28.31
N PHE C 238 32.84 -16.32 -29.29
CA PHE C 238 32.15 -17.59 -29.20
C PHE C 238 32.87 -18.65 -29.99
N ASN C 239 32.58 -19.87 -29.61
CA ASN C 239 33.34 -21.01 -30.05
C ASN C 239 32.48 -22.15 -30.59
N GLY C 240 31.17 -22.02 -30.56
CA GLY C 240 30.24 -23.11 -30.82
C GLY C 240 29.03 -23.02 -29.91
N ALA C 241 28.17 -24.05 -29.98
CA ALA C 241 26.88 -24.04 -29.29
C ALA C 241 26.17 -22.70 -29.32
N PHE C 242 26.27 -22.00 -30.44
CA PHE C 242 25.80 -20.62 -30.58
C PHE C 242 24.66 -20.59 -31.60
N ILE C 243 23.56 -19.91 -31.26
CA ILE C 243 22.59 -19.49 -32.27
C ILE C 243 22.69 -17.97 -32.32
N ALA C 244 22.88 -17.43 -33.53
CA ALA C 244 23.35 -16.07 -33.69
C ALA C 244 22.22 -15.16 -34.15
N PRO C 245 22.15 -13.94 -33.61
CA PRO C 245 21.07 -13.03 -34.01
C PRO C 245 21.38 -12.43 -35.36
N ASP C 246 20.43 -12.58 -36.30
CA ASP C 246 20.57 -11.88 -37.57
C ASP C 246 20.11 -10.43 -37.45
N ARG C 247 18.94 -10.20 -36.86
CA ARG C 247 18.40 -8.86 -36.69
C ARG C 247 18.24 -8.53 -35.21
N ALA C 248 18.47 -7.27 -34.88
CA ALA C 248 18.13 -6.72 -33.58
C ALA C 248 16.74 -6.08 -33.64
N SER C 249 16.16 -5.87 -32.47
CA SER C 249 14.81 -5.36 -32.37
C SER C 249 14.80 -4.02 -31.66
N PHE C 250 13.98 -3.10 -32.17
CA PHE C 250 13.81 -1.78 -31.60
C PHE C 250 12.33 -1.57 -31.32
N LEU C 251 12.03 -0.79 -30.29
CA LEU C 251 10.66 -0.65 -29.81
C LEU C 251 10.03 0.60 -30.41
N ARG C 252 8.74 0.51 -30.73
CA ARG C 252 8.11 1.52 -31.57
C ARG C 252 7.62 2.72 -30.77
N GLY C 253 7.10 2.48 -29.57
CA GLY C 253 6.47 3.55 -28.81
C GLY C 253 5.87 3.07 -27.50
N LYS C 254 4.57 3.30 -27.31
CA LYS C 254 3.87 2.90 -26.10
C LYS C 254 2.76 1.93 -26.45
N SER C 255 2.47 1.02 -25.52
CA SER C 255 1.28 0.18 -25.61
C SER C 255 0.97 -0.38 -24.22
N MET C 256 -0.14 -1.09 -24.14
CA MET C 256 -0.49 -1.90 -22.98
C MET C 256 -0.75 -3.31 -23.45
N GLY C 257 -0.21 -4.29 -22.72
CA GLY C 257 -0.42 -5.69 -23.02
C GLY C 257 -1.32 -6.35 -21.98
N ILE C 258 -2.17 -7.26 -22.44
CA ILE C 258 -3.05 -8.04 -21.58
C ILE C 258 -2.97 -9.51 -21.99
N GLN C 259 -3.49 -10.36 -21.10
CA GLN C 259 -3.65 -11.79 -21.34
C GLN C 259 -5.13 -12.11 -21.21
N SER C 260 -5.68 -12.81 -22.19
CA SER C 260 -7.12 -13.06 -22.17
C SER C 260 -7.47 -14.23 -23.08
N GLY C 261 -8.69 -14.71 -22.89
CA GLY C 261 -9.24 -15.81 -23.66
C GLY C 261 -10.58 -15.52 -24.31
N VAL C 262 -10.98 -14.25 -24.37
CA VAL C 262 -12.26 -13.87 -24.96
C VAL C 262 -12.04 -13.05 -26.23
N GLN C 263 -13.10 -12.96 -27.03
CA GLN C 263 -13.04 -12.37 -28.37
C GLN C 263 -12.82 -10.86 -28.35
N VAL C 264 -12.05 -10.39 -29.34
CA VAL C 264 -12.00 -8.97 -29.69
C VAL C 264 -13.40 -8.48 -30.09
N ASP C 265 -13.69 -7.23 -29.74
CA ASP C 265 -14.94 -6.58 -30.15
C ASP C 265 -14.66 -5.10 -30.41
N ALA C 266 -14.76 -4.69 -31.68
CA ALA C 266 -14.49 -3.32 -32.11
C ALA C 266 -15.74 -2.43 -32.12
N ASN C 267 -16.82 -2.85 -31.48
CA ASN C 267 -18.01 -2.04 -31.29
C ASN C 267 -18.03 -1.41 -29.90
N CYS C 268 -17.10 -1.85 -29.05
CA CYS C 268 -17.02 -1.52 -27.65
C CYS C 268 -15.75 -0.73 -27.36
N GLU C 269 -15.88 0.33 -26.57
CA GLU C 269 -14.71 1.03 -26.04
C GLU C 269 -14.49 0.61 -24.59
N GLY C 270 -13.22 0.45 -24.21
CA GLY C 270 -12.88 0.21 -22.82
C GLY C 270 -11.41 0.34 -22.49
N ASP C 271 -11.10 0.77 -21.28
CA ASP C 271 -9.73 0.95 -20.82
C ASP C 271 -9.34 0.05 -19.66
N CYS C 272 -10.28 -0.73 -19.11
CA CYS C 272 -9.99 -1.65 -18.02
C CYS C 272 -10.22 -3.08 -18.51
N TYR C 273 -9.14 -3.86 -18.56
CA TYR C 273 -9.17 -5.21 -19.10
C TYR C 273 -8.78 -6.22 -18.03
N HIS C 274 -9.41 -7.39 -18.11
CA HIS C 274 -8.94 -8.59 -17.44
C HIS C 274 -9.13 -9.76 -18.40
N SER C 275 -8.71 -10.95 -17.97
CA SER C 275 -8.63 -12.06 -18.92
C SER C 275 -10.00 -12.55 -19.35
N GLY C 276 -11.05 -12.26 -18.58
CA GLY C 276 -12.40 -12.63 -18.95
C GLY C 276 -13.24 -11.53 -19.56
N GLY C 277 -12.66 -10.40 -19.89
CA GLY C 277 -13.35 -9.40 -20.69
C GLY C 277 -12.91 -7.99 -20.31
N THR C 278 -13.88 -7.10 -20.23
CA THR C 278 -13.64 -5.67 -20.08
C THR C 278 -14.60 -5.10 -19.06
N ILE C 279 -14.08 -4.29 -18.15
CA ILE C 279 -14.88 -3.64 -17.11
C ILE C 279 -15.21 -2.23 -17.60
N ILE C 280 -16.43 -2.05 -18.09
CA ILE C 280 -16.93 -0.73 -18.45
C ILE C 280 -17.76 -0.23 -17.28
N SER C 281 -17.28 0.84 -16.63
CA SER C 281 -17.93 1.34 -15.43
C SER C 281 -17.32 2.69 -15.09
N ASN C 282 -18.13 3.60 -14.56
CA ASN C 282 -17.62 4.81 -13.96
C ASN C 282 -17.56 4.74 -12.44
N LEU C 283 -17.87 3.58 -11.86
CA LEU C 283 -17.95 3.46 -10.40
C LEU C 283 -16.56 3.40 -9.79
N PRO C 284 -16.41 3.85 -8.54
CA PRO C 284 -15.06 3.90 -7.93
C PRO C 284 -14.46 2.53 -7.66
N PHE C 285 -15.27 1.51 -7.42
CA PHE C 285 -14.77 0.22 -6.99
C PHE C 285 -15.33 -0.89 -7.86
N GLN C 286 -14.63 -2.02 -7.87
CA GLN C 286 -15.05 -3.21 -8.60
C GLN C 286 -14.76 -4.46 -7.78
N ASN C 287 -15.59 -5.47 -7.99
CA ASN C 287 -15.42 -6.77 -7.36
C ASN C 287 -15.21 -7.88 -8.40
N ILE C 288 -14.73 -7.54 -9.62
CA ILE C 288 -14.69 -8.55 -10.70
C ILE C 288 -13.39 -9.33 -10.65
N ASP C 289 -12.26 -8.63 -10.73
CA ASP C 289 -10.97 -9.29 -10.88
C ASP C 289 -9.88 -8.40 -10.30
N SER C 290 -9.18 -8.90 -9.27
CA SER C 290 -8.18 -8.08 -8.59
C SER C 290 -6.91 -7.90 -9.40
N ARG C 291 -6.75 -8.62 -10.50
CA ARG C 291 -5.60 -8.46 -11.38
C ARG C 291 -5.95 -7.75 -12.68
N ALA C 292 -7.14 -7.13 -12.76
CA ALA C 292 -7.47 -6.28 -13.89
C ALA C 292 -6.37 -5.24 -14.11
N VAL C 293 -6.18 -4.84 -15.37
CA VAL C 293 -5.15 -3.88 -15.73
C VAL C 293 -5.76 -2.81 -16.62
N GLY C 294 -4.98 -1.76 -16.85
CA GLY C 294 -5.46 -0.59 -17.55
C GLY C 294 -5.85 0.53 -16.62
N LYS C 295 -6.95 1.20 -16.92
CA LYS C 295 -7.47 2.30 -16.10
C LYS C 295 -8.77 1.80 -15.50
N CYS C 296 -8.70 1.33 -14.26
CA CYS C 296 -9.73 0.52 -13.64
C CYS C 296 -10.29 1.18 -12.38
N PRO C 297 -11.51 0.85 -11.99
CA PRO C 297 -11.92 1.06 -10.60
C PRO C 297 -11.09 0.19 -9.67
N ARG C 298 -11.09 0.55 -8.40
CA ARG C 298 -10.31 -0.19 -7.43
C ARG C 298 -11.03 -1.49 -7.06
N TYR C 299 -10.30 -2.60 -7.10
CA TYR C 299 -10.85 -3.86 -6.62
C TYR C 299 -11.03 -3.76 -5.12
N VAL C 300 -12.22 -4.14 -4.66
CA VAL C 300 -12.53 -4.24 -3.25
C VAL C 300 -13.03 -5.66 -3.01
N LYS C 301 -12.94 -6.09 -1.75
CA LYS C 301 -13.42 -7.43 -1.42
C LYS C 301 -14.94 -7.53 -1.50
N GLN C 302 -15.65 -6.43 -1.26
CA GLN C 302 -17.08 -6.49 -1.05
C GLN C 302 -17.84 -6.64 -2.37
N ARG C 303 -18.87 -7.48 -2.36
CA ARG C 303 -19.76 -7.61 -3.51
C ARG C 303 -20.54 -6.34 -3.79
N SER C 304 -20.92 -5.60 -2.76
CA SER C 304 -21.82 -4.47 -2.92
C SER C 304 -21.60 -3.47 -1.79
N LEU C 305 -21.83 -2.20 -2.11
CA LEU C 305 -21.76 -1.10 -1.13
C LEU C 305 -22.68 -0.01 -1.66
N LEU C 306 -23.83 0.15 -1.01
CA LEU C 306 -24.86 1.06 -1.51
C LEU C 306 -24.71 2.45 -0.90
N LEU C 307 -24.83 3.46 -1.74
CA LEU C 307 -24.65 4.86 -1.37
C LEU C 307 -26.00 5.55 -1.42
N ALA C 308 -26.45 6.08 -0.28
CA ALA C 308 -27.74 6.76 -0.22
C ALA C 308 -27.75 7.98 -1.12
N THR C 309 -28.85 8.14 -1.86
CA THR C 309 -29.10 9.33 -2.66
C THR C 309 -30.40 10.01 -2.27
N GLY C 310 -31.10 9.51 -1.25
CA GLY C 310 -32.28 10.15 -0.72
C GLY C 310 -32.24 10.13 0.79
N MET C 311 -33.30 10.68 1.38
CA MET C 311 -33.37 10.78 2.83
C MET C 311 -33.80 9.44 3.45
N LYS C 312 -33.89 9.44 4.77
CA LYS C 312 -34.51 8.32 5.48
C LYS C 312 -35.94 8.15 5.01
N ASN C 313 -36.30 6.89 4.72
CA ASN C 313 -37.66 6.54 4.34
C ASN C 313 -38.42 6.15 5.59
N VAL C 314 -39.35 7.00 6.00
CA VAL C 314 -40.25 6.69 7.12
C VAL C 314 -41.67 6.59 6.56
N PRO C 315 -42.29 5.41 6.59
CA PRO C 315 -43.73 5.33 6.31
C PRO C 315 -44.52 5.21 7.59
N GLU C 316 -45.80 4.85 7.49
CA GLU C 316 -46.64 4.75 8.68
C GLU C 316 -46.72 3.30 9.17
N GLY D 1 -31.32 10.43 14.25
CA GLY D 1 -30.46 10.83 13.16
C GLY D 1 -30.24 12.32 13.06
N LEU D 2 -29.79 12.91 14.17
CA LEU D 2 -29.38 14.32 14.24
C LEU D 2 -30.53 15.28 13.95
N PHE D 3 -30.34 16.57 14.27
CA PHE D 3 -31.23 17.68 13.91
C PHE D 3 -32.72 17.49 14.26
N GLY D 4 -33.13 16.27 14.62
CA GLY D 4 -34.40 16.03 15.29
C GLY D 4 -35.65 16.00 14.42
N ALA D 5 -35.57 16.24 13.12
CA ALA D 5 -36.78 16.38 12.32
C ALA D 5 -37.25 15.05 11.73
N ILE D 6 -36.60 14.59 10.66
CA ILE D 6 -37.02 13.36 9.99
C ILE D 6 -36.82 12.18 10.92
N ALA D 7 -37.80 11.29 10.94
CA ALA D 7 -37.94 10.27 11.98
C ALA D 7 -37.67 10.88 13.36
N GLY D 8 -38.48 11.89 13.68
CA GLY D 8 -38.35 12.62 14.93
C GLY D 8 -39.67 13.28 15.26
N PHE D 9 -39.66 14.57 15.62
CA PHE D 9 -40.91 15.24 15.96
C PHE D 9 -41.86 15.32 14.77
N ILE D 10 -41.38 15.10 13.55
CA ILE D 10 -42.24 14.94 12.37
C ILE D 10 -42.46 13.42 12.20
N GLU D 11 -43.47 12.90 12.87
CA GLU D 11 -43.74 11.46 12.85
C GLU D 11 -44.23 10.98 11.47
N ASN D 12 -43.31 10.27 10.79
CA ASN D 12 -43.36 9.67 9.45
C ASN D 12 -43.79 10.61 8.32
N GLY D 13 -43.38 10.27 7.10
CA GLY D 13 -43.52 11.12 5.95
C GLY D 13 -44.68 10.72 5.04
N TRP D 14 -44.71 11.36 3.86
CA TRP D 14 -45.90 11.43 3.01
C TRP D 14 -45.63 10.72 1.69
N GLU D 15 -46.27 9.55 1.50
CA GLU D 15 -46.22 8.89 0.20
C GLU D 15 -46.97 9.67 -0.89
N GLY D 16 -47.92 10.53 -0.51
CA GLY D 16 -48.70 11.27 -1.47
C GLY D 16 -47.93 12.39 -2.17
N LEU D 17 -46.85 12.85 -1.56
CA LEU D 17 -45.98 13.87 -2.14
C LEU D 17 -45.14 13.25 -3.27
N ILE D 18 -45.43 13.63 -4.52
CA ILE D 18 -44.69 13.18 -5.69
C ILE D 18 -44.05 14.35 -6.43
N ASP D 19 -44.18 15.58 -5.91
CA ASP D 19 -43.65 16.75 -6.57
C ASP D 19 -42.27 17.16 -6.06
N GLY D 20 -41.82 16.58 -4.96
CA GLY D 20 -40.54 16.97 -4.39
C GLY D 20 -40.23 16.18 -3.14
N TRP D 21 -39.25 16.67 -2.38
CA TRP D 21 -38.85 16.01 -1.15
C TRP D 21 -39.57 16.59 0.06
N TYR D 22 -39.67 17.91 0.16
CA TYR D 22 -40.32 18.59 1.29
C TYR D 22 -41.56 19.33 0.80
N GLY D 23 -42.62 19.31 1.62
CA GLY D 23 -43.89 19.89 1.23
C GLY D 23 -44.64 20.53 2.39
N PHE D 24 -45.67 21.29 2.03
CA PHE D 24 -46.69 21.82 2.95
C PHE D 24 -48.01 21.11 2.69
N ARG D 25 -48.68 20.70 3.77
CA ARG D 25 -50.06 20.25 3.72
C ARG D 25 -50.90 21.16 4.60
N HIS D 26 -51.80 21.93 4.00
CA HIS D 26 -52.63 22.88 4.73
C HIS D 26 -54.04 22.33 4.95
N GLN D 27 -54.77 23.01 5.83
CA GLN D 27 -56.18 22.74 6.06
C GLN D 27 -56.83 24.03 6.56
N ASN D 28 -57.79 24.53 5.81
CA ASN D 28 -58.34 25.85 6.05
C ASN D 28 -59.82 25.84 5.71
N ALA D 29 -60.36 27.01 5.41
CA ALA D 29 -61.66 27.17 4.79
C ALA D 29 -61.97 26.12 3.72
N GLN D 30 -61.27 26.09 2.57
CA GLN D 30 -61.76 25.22 1.51
C GLN D 30 -61.57 23.76 1.89
N GLY D 31 -60.62 23.47 2.78
CA GLY D 31 -60.21 22.11 3.12
C GLY D 31 -58.73 21.82 2.92
N GLU D 32 -58.36 20.55 2.81
CA GLU D 32 -56.95 20.15 2.72
C GLU D 32 -56.38 20.40 1.33
N GLY D 33 -55.04 20.46 1.26
CA GLY D 33 -54.30 20.42 0.02
C GLY D 33 -52.84 20.12 0.30
N THR D 34 -52.02 20.12 -0.75
CA THR D 34 -50.60 19.83 -0.59
C THR D 34 -49.81 20.42 -1.77
N ALA D 35 -48.55 20.79 -1.49
CA ALA D 35 -47.66 21.37 -2.50
C ALA D 35 -46.22 21.30 -2.01
N ALA D 36 -45.30 21.03 -2.94
CA ALA D 36 -43.90 20.76 -2.63
C ALA D 36 -43.04 22.02 -2.80
N ASP D 37 -42.13 22.22 -1.84
CA ASP D 37 -41.23 23.37 -1.79
C ASP D 37 -39.98 23.10 -2.61
N TYR D 38 -40.01 23.51 -3.88
CA TYR D 38 -38.89 23.38 -4.81
C TYR D 38 -37.52 23.72 -4.23
N LYS D 39 -37.37 24.94 -3.72
CA LYS D 39 -36.05 25.44 -3.33
C LYS D 39 -35.41 24.67 -2.19
N SER D 40 -36.20 24.21 -1.22
CA SER D 40 -35.59 23.32 -0.21
C SER D 40 -35.25 21.98 -0.83
N THR D 41 -36.17 21.44 -1.64
CA THR D 41 -35.90 20.19 -2.37
C THR D 41 -34.64 20.31 -3.22
N GLN D 42 -34.52 21.41 -3.98
CA GLN D 42 -33.38 21.55 -4.88
C GLN D 42 -32.07 21.65 -4.13
N SER D 43 -32.09 22.19 -2.90
CA SER D 43 -30.86 22.28 -2.13
C SER D 43 -30.36 20.90 -1.74
N ALA D 44 -31.27 19.98 -1.41
CA ALA D 44 -30.87 18.61 -1.10
C ALA D 44 -30.34 17.90 -2.34
N ILE D 45 -31.14 17.85 -3.40
CA ILE D 45 -30.74 17.15 -4.63
C ILE D 45 -29.41 17.69 -5.15
N ASP D 46 -29.26 19.01 -5.19
CA ASP D 46 -28.01 19.60 -5.65
C ASP D 46 -26.84 19.20 -4.76
N GLN D 47 -27.06 19.06 -3.46
CA GLN D 47 -25.98 18.63 -2.57
C GLN D 47 -25.67 17.15 -2.75
N ILE D 48 -26.70 16.31 -2.92
CA ILE D 48 -26.45 14.90 -3.21
C ILE D 48 -25.72 14.75 -4.54
N THR D 49 -26.07 15.60 -5.52
CA THR D 49 -25.41 15.52 -6.82
C THR D 49 -23.92 15.85 -6.70
N GLY D 50 -23.58 16.86 -5.91
CA GLY D 50 -22.19 17.13 -5.58
C GLY D 50 -21.43 15.89 -5.14
N LYS D 51 -22.02 15.13 -4.23
CA LYS D 51 -21.41 13.89 -3.78
C LYS D 51 -21.27 12.89 -4.92
N LEU D 52 -22.31 12.79 -5.77
CA LEU D 52 -22.33 11.77 -6.81
C LEU D 52 -21.28 12.03 -7.89
N ASN D 53 -20.94 13.30 -8.14
CA ASN D 53 -19.86 13.61 -9.05
C ASN D 53 -18.50 13.49 -8.38
N ARG D 54 -18.46 13.57 -7.05
CA ARG D 54 -17.22 13.29 -6.34
C ARG D 54 -16.80 11.83 -6.47
N LEU D 55 -17.75 10.89 -6.54
CA LEU D 55 -17.42 9.47 -6.46
C LEU D 55 -17.65 8.68 -7.74
N ILE D 56 -18.58 9.08 -8.59
CA ILE D 56 -18.73 8.45 -9.90
C ILE D 56 -17.77 9.20 -10.80
N ALA D 57 -16.52 8.75 -10.81
CA ALA D 57 -15.40 9.57 -11.20
C ALA D 57 -14.29 8.66 -11.67
N LYS D 58 -13.26 9.26 -12.26
CA LYS D 58 -12.40 8.62 -13.25
C LYS D 58 -10.96 8.74 -12.78
N THR D 59 -10.41 7.64 -12.27
CA THR D 59 -8.96 7.55 -12.24
C THR D 59 -8.45 7.30 -13.64
N ASN D 60 -7.39 8.01 -14.04
CA ASN D 60 -6.74 7.77 -15.31
C ASN D 60 -5.39 7.11 -15.05
N GLN D 61 -5.24 6.48 -13.90
CA GLN D 61 -3.95 5.92 -13.51
C GLN D 61 -3.86 4.52 -14.08
N GLN D 62 -2.91 4.32 -14.97
CA GLN D 62 -2.76 3.03 -15.61
C GLN D 62 -1.88 2.11 -14.77
N PHE D 63 -2.28 0.85 -14.69
CA PHE D 63 -1.47 -0.20 -14.09
C PHE D 63 -1.33 -1.33 -15.09
N GLU D 64 -0.20 -2.01 -15.03
CA GLU D 64 0.14 -3.07 -15.97
C GLU D 64 0.42 -4.36 -15.19
N LEU D 65 0.70 -5.42 -15.93
CA LEU D 65 1.04 -6.70 -15.31
C LEU D 65 2.47 -6.65 -14.78
N ILE D 66 2.68 -7.29 -13.63
CA ILE D 66 4.01 -7.70 -13.20
C ILE D 66 3.91 -9.17 -12.85
N ASP D 67 2.93 -9.82 -13.46
CA ASP D 67 2.33 -11.06 -12.98
C ASP D 67 1.93 -11.82 -14.23
N ASN D 68 1.57 -13.09 -14.08
CA ASN D 68 1.40 -13.87 -15.31
C ASN D 68 0.46 -15.05 -15.05
N GLU D 69 -0.67 -15.04 -15.75
CA GLU D 69 -1.76 -15.99 -15.62
C GLU D 69 -1.51 -17.29 -16.38
N PHE D 70 -0.55 -17.32 -17.30
CA PHE D 70 -0.34 -18.45 -18.19
C PHE D 70 0.93 -19.23 -17.87
N ASN D 71 2.01 -18.53 -17.54
CA ASN D 71 3.29 -19.13 -17.14
C ASN D 71 3.68 -18.43 -15.85
N GLU D 72 3.29 -19.02 -14.72
CA GLU D 72 3.54 -18.43 -13.41
C GLU D 72 5.01 -18.05 -13.27
N VAL D 73 5.25 -16.88 -12.67
CA VAL D 73 6.59 -16.35 -12.50
C VAL D 73 7.23 -17.10 -11.32
N GLU D 74 8.53 -16.92 -11.09
CA GLU D 74 9.15 -17.68 -10.01
C GLU D 74 8.53 -17.27 -8.68
N LYS D 75 8.49 -18.22 -7.74
CA LYS D 75 7.52 -18.16 -6.65
C LYS D 75 7.91 -17.16 -5.55
N GLN D 76 9.19 -16.80 -5.43
CA GLN D 76 9.53 -15.80 -4.43
C GLN D 76 8.96 -14.44 -4.82
N ILE D 77 9.24 -13.99 -6.03
CA ILE D 77 8.68 -12.72 -6.49
C ILE D 77 7.17 -12.80 -6.58
N GLY D 78 6.63 -13.98 -6.90
CA GLY D 78 5.20 -14.15 -6.90
C GLY D 78 4.58 -13.88 -5.54
N ASN D 79 5.17 -14.46 -4.49
CA ASN D 79 4.64 -14.29 -3.15
C ASN D 79 4.73 -12.84 -2.68
N VAL D 80 5.82 -12.15 -2.99
CA VAL D 80 5.92 -10.73 -2.67
C VAL D 80 4.86 -9.94 -3.43
N ILE D 81 4.63 -10.29 -4.71
CA ILE D 81 3.61 -9.60 -5.49
C ILE D 81 2.23 -9.85 -4.90
N ASN D 82 1.92 -11.12 -4.61
CA ASN D 82 0.62 -11.45 -4.04
C ASN D 82 0.46 -10.84 -2.66
N TRP D 83 1.52 -10.86 -1.85
CA TRP D 83 1.49 -10.20 -0.54
C TRP D 83 1.21 -8.71 -0.67
N THR D 84 1.86 -8.05 -1.65
CA THR D 84 1.65 -6.62 -1.83
C THR D 84 0.24 -6.32 -2.33
N ARG D 85 -0.22 -7.07 -3.33
CA ARG D 85 -1.58 -6.86 -3.86
C ARG D 85 -2.63 -7.02 -2.76
N ASP D 86 -2.45 -8.01 -1.89
CA ASP D 86 -3.48 -8.29 -0.88
C ASP D 86 -3.49 -7.22 0.21
N SER D 87 -2.31 -6.73 0.61
CA SER D 87 -2.25 -5.60 1.53
C SER D 87 -2.95 -4.37 0.96
N ILE D 88 -2.65 -4.05 -0.30
CA ILE D 88 -3.31 -2.93 -0.96
C ILE D 88 -4.81 -3.18 -1.08
N THR D 89 -5.19 -4.43 -1.35
CA THR D 89 -6.61 -4.78 -1.42
C THR D 89 -7.31 -4.50 -0.09
N GLU D 90 -6.69 -4.90 1.03
CA GLU D 90 -7.26 -4.62 2.34
C GLU D 90 -7.51 -3.13 2.53
N VAL D 91 -6.54 -2.30 2.14
CA VAL D 91 -6.67 -0.86 2.28
C VAL D 91 -7.91 -0.35 1.56
N TRP D 92 -8.07 -0.72 0.29
CA TRP D 92 -9.17 -0.17 -0.50
C TRP D 92 -10.52 -0.72 -0.04
N SER D 93 -10.55 -1.95 0.49
CA SER D 93 -11.80 -2.48 1.03
C SER D 93 -12.18 -1.75 2.31
N TYR D 94 -11.18 -1.38 3.12
CA TYR D 94 -11.42 -0.54 4.29
C TYR D 94 -11.90 0.84 3.87
N ASN D 95 -11.19 1.47 2.93
CA ASN D 95 -11.55 2.83 2.52
C ASN D 95 -12.96 2.87 1.93
N ALA D 96 -13.31 1.86 1.14
CA ALA D 96 -14.62 1.86 0.50
C ALA D 96 -15.73 1.71 1.54
N GLU D 97 -15.63 0.67 2.38
CA GLU D 97 -16.64 0.47 3.43
C GLU D 97 -16.78 1.70 4.31
N LEU D 98 -15.68 2.42 4.55
CA LEU D 98 -15.73 3.57 5.44
C LEU D 98 -16.24 4.82 4.72
N LEU D 99 -15.78 5.06 3.48
CA LEU D 99 -16.23 6.24 2.74
C LEU D 99 -17.74 6.30 2.65
N ILE D 100 -18.37 5.19 2.30
CA ILE D 100 -19.80 5.24 2.01
C ILE D 100 -20.62 5.17 3.29
N ALA D 101 -20.14 4.48 4.32
CA ALA D 101 -20.73 4.64 5.65
C ALA D 101 -20.68 6.10 6.09
N MET D 102 -19.55 6.76 5.85
CA MET D 102 -19.38 8.15 6.28
C MET D 102 -20.33 9.09 5.53
N GLU D 103 -20.38 8.98 4.21
CA GLU D 103 -21.24 9.86 3.41
C GLU D 103 -22.72 9.52 3.58
N ASN D 104 -23.03 8.28 3.97
CA ASN D 104 -24.43 7.93 4.24
C ASN D 104 -24.91 8.59 5.52
N GLN D 105 -24.08 8.61 6.57
CA GLN D 105 -24.42 9.36 7.76
C GLN D 105 -24.60 10.84 7.43
N HIS D 106 -23.70 11.39 6.61
CA HIS D 106 -23.82 12.80 6.23
C HIS D 106 -25.04 13.03 5.33
N THR D 107 -25.34 12.09 4.44
CA THR D 107 -26.48 12.25 3.54
C THR D 107 -27.79 12.28 4.31
N ILE D 108 -28.06 11.22 5.08
CA ILE D 108 -29.25 11.14 5.92
C ILE D 108 -29.44 12.42 6.73
N ASP D 109 -28.38 12.84 7.44
CA ASP D 109 -28.50 13.99 8.31
C ASP D 109 -28.64 15.28 7.52
N LEU D 110 -28.00 15.34 6.34
CA LEU D 110 -28.13 16.50 5.47
C LEU D 110 -29.59 16.76 5.10
N ALA D 111 -30.34 15.69 4.82
CA ALA D 111 -31.76 15.85 4.51
C ALA D 111 -32.55 16.28 5.73
N ASP D 112 -32.29 15.67 6.87
CA ASP D 112 -32.97 16.08 8.10
C ASP D 112 -32.71 17.56 8.38
N SER D 113 -31.48 18.02 8.13
CA SER D 113 -31.13 19.42 8.29
C SER D 113 -32.04 20.34 7.46
N GLU D 114 -32.27 19.98 6.20
CA GLU D 114 -33.04 20.85 5.31
C GLU D 114 -34.50 21.00 5.73
N MET D 115 -35.02 20.08 6.53
CA MET D 115 -36.38 20.23 7.04
C MET D 115 -36.41 21.18 8.23
N ASP D 116 -35.58 20.92 9.25
CA ASP D 116 -35.46 21.86 10.37
C ASP D 116 -35.15 23.26 9.87
N LYS D 117 -34.43 23.37 8.75
CA LYS D 117 -34.23 24.67 8.12
C LYS D 117 -35.53 25.22 7.53
N LEU D 118 -36.47 24.35 7.18
CA LEU D 118 -37.71 24.81 6.58
C LEU D 118 -38.77 25.12 7.63
N TYR D 119 -39.00 24.20 8.57
CA TYR D 119 -39.85 24.41 9.74
C TYR D 119 -39.61 25.76 10.39
N GLU D 120 -38.42 25.96 10.97
CA GLU D 120 -38.13 27.19 11.73
C GLU D 120 -37.84 28.38 10.85
N ARG D 121 -38.21 28.34 9.56
CA ARG D 121 -38.24 29.52 8.71
C ARG D 121 -39.65 29.97 8.36
N VAL D 122 -40.64 29.09 8.40
CA VAL D 122 -42.02 29.53 8.30
C VAL D 122 -42.55 29.96 9.67
N LYS D 123 -42.09 29.32 10.76
CA LYS D 123 -42.36 29.83 12.09
C LYS D 123 -41.81 31.24 12.25
N ARG D 124 -40.74 31.58 11.53
CA ARG D 124 -40.21 32.94 11.59
C ARG D 124 -41.09 33.93 10.83
N GLN D 125 -41.65 33.54 9.68
CA GLN D 125 -42.66 34.39 9.05
C GLN D 125 -43.87 34.57 9.96
N LEU D 126 -44.34 33.48 10.55
CA LEU D 126 -45.61 33.52 11.29
C LEU D 126 -45.45 34.10 12.68
N ARG D 127 -44.25 34.58 13.03
CA ARG D 127 -44.02 35.49 14.15
C ARG D 127 -44.78 35.14 15.42
N GLU D 128 -45.87 35.85 15.66
CA GLU D 128 -46.73 35.64 16.82
C GLU D 128 -48.13 35.21 16.41
N ASN D 129 -48.35 34.89 15.15
CA ASN D 129 -49.67 34.52 14.65
C ASN D 129 -49.97 33.03 14.71
N ALA D 130 -49.05 32.21 15.23
CA ALA D 130 -49.24 30.77 15.26
C ALA D 130 -48.39 30.18 16.37
N GLU D 131 -48.53 28.86 16.58
CA GLU D 131 -47.85 28.14 17.66
C GLU D 131 -47.39 26.76 17.20
N GLU D 132 -46.37 26.25 17.91
CA GLU D 132 -45.81 24.93 17.64
C GLU D 132 -46.77 23.85 18.10
N ASP D 133 -47.38 23.13 17.14
CA ASP D 133 -48.29 22.03 17.46
C ASP D 133 -47.61 20.85 18.14
N GLY D 134 -46.28 20.79 18.13
CA GLY D 134 -45.62 19.59 18.62
C GLY D 134 -45.06 18.72 17.51
N THR D 135 -45.93 18.27 16.60
CA THR D 135 -45.58 17.27 15.59
C THR D 135 -45.53 17.86 14.17
N GLY D 136 -45.00 19.07 14.03
CA GLY D 136 -44.62 19.60 12.73
C GLY D 136 -45.60 20.52 12.04
N CYS D 137 -46.72 20.86 12.66
CA CYS D 137 -47.71 21.77 12.11
C CYS D 137 -47.73 23.08 12.90
N PHE D 138 -48.25 24.12 12.26
CA PHE D 138 -48.57 25.36 12.96
C PHE D 138 -50.08 25.54 13.03
N GLU D 139 -50.60 25.72 14.23
CA GLU D 139 -51.99 26.13 14.42
C GLU D 139 -52.05 27.62 14.09
N ILE D 140 -52.61 27.99 12.93
CA ILE D 140 -52.65 29.42 12.59
C ILE D 140 -53.93 29.95 13.25
N PHE D 141 -53.79 30.72 14.35
CA PHE D 141 -54.93 31.23 15.11
C PHE D 141 -55.46 32.53 14.48
N HIS D 142 -55.97 32.33 13.26
CA HIS D 142 -56.67 33.30 12.44
C HIS D 142 -56.88 32.66 11.06
N LYS D 143 -57.86 33.11 10.28
CA LYS D 143 -58.19 32.41 9.04
C LYS D 143 -57.37 32.97 7.87
N CYS D 144 -56.83 32.02 7.09
CA CYS D 144 -55.81 32.11 6.03
C CYS D 144 -56.37 31.26 4.89
N ASP D 145 -57.12 31.87 3.98
CA ASP D 145 -57.69 31.16 2.84
C ASP D 145 -56.59 30.75 1.87
N ASP D 146 -56.97 30.00 0.83
CA ASP D 146 -56.03 29.46 -0.16
C ASP D 146 -55.16 30.51 -0.84
N ASP D 147 -55.45 31.80 -0.69
CA ASP D 147 -54.55 32.82 -1.20
C ASP D 147 -53.48 33.20 -0.19
N CYS D 148 -53.81 33.12 1.08
CA CYS D 148 -52.88 33.42 2.16
C CYS D 148 -51.98 32.22 2.46
N MET D 149 -52.34 31.04 1.95
CA MET D 149 -51.46 29.88 2.02
C MET D 149 -50.36 29.93 0.96
N ALA D 150 -50.73 30.22 -0.29
CA ALA D 150 -49.70 30.55 -1.29
C ALA D 150 -48.85 31.73 -0.85
N SER D 151 -49.39 32.60 0.01
CA SER D 151 -48.58 33.66 0.61
C SER D 151 -47.40 33.10 1.41
N ILE D 152 -47.65 32.06 2.22
CA ILE D 152 -46.57 31.49 3.04
C ILE D 152 -45.70 30.58 2.19
N ARG D 153 -46.30 29.72 1.36
CA ARG D 153 -45.54 28.86 0.45
C ARG D 153 -44.53 29.58 -0.44
N ASN D 154 -44.69 30.88 -0.73
CA ASN D 154 -43.68 31.53 -1.56
C ASN D 154 -43.18 32.81 -0.86
N ASN D 155 -43.10 32.70 0.47
CA ASN D 155 -42.33 33.62 1.30
C ASN D 155 -42.74 35.07 1.07
N THR D 156 -44.05 35.32 1.08
CA THR D 156 -44.61 36.66 0.98
C THR D 156 -45.36 37.10 2.23
N TYR D 157 -46.12 36.19 2.83
CA TYR D 157 -46.98 36.42 3.98
C TYR D 157 -46.49 37.52 4.91
N ASP D 158 -47.25 38.61 5.02
CA ASP D 158 -46.99 39.64 6.02
C ASP D 158 -47.78 39.30 7.28
N HIS D 159 -47.07 39.18 8.41
CA HIS D 159 -47.70 38.85 9.69
C HIS D 159 -48.47 40.02 10.32
N ARG D 160 -48.10 41.28 10.05
CA ARG D 160 -48.74 42.38 10.77
C ARG D 160 -50.19 42.53 10.38
N LYS D 161 -50.50 42.30 9.13
CA LYS D 161 -51.86 42.46 8.62
C LYS D 161 -52.83 41.47 9.28
N TYR D 162 -52.36 40.26 9.63
CA TYR D 162 -53.14 39.33 10.46
C TYR D 162 -52.74 39.32 11.94
N ARG D 163 -51.86 40.22 12.37
CA ARG D 163 -51.35 40.24 13.74
C ARG D 163 -52.45 40.36 14.79
N GLU D 164 -53.21 41.46 14.68
CA GLU D 164 -54.16 41.87 15.70
C GLU D 164 -55.34 40.90 15.81
N GLU D 165 -55.85 40.44 14.66
CA GLU D 165 -56.83 39.37 14.63
C GLU D 165 -56.32 38.17 15.41
N ALA D 166 -55.07 37.80 15.16
CA ALA D 166 -54.58 36.56 15.74
C ALA D 166 -54.40 36.70 17.25
N MET D 167 -53.88 37.85 17.70
CA MET D 167 -53.41 37.96 19.09
C MET D 167 -54.49 37.61 20.11
N GLN D 168 -55.73 38.07 19.93
CA GLN D 168 -56.72 37.73 20.95
C GLN D 168 -57.59 36.55 20.49
N ASN D 169 -57.57 36.21 19.19
CA ASN D 169 -58.07 34.90 18.79
C ASN D 169 -57.38 33.78 19.55
N ARG D 170 -56.10 33.96 19.91
CA ARG D 170 -55.37 33.03 20.76
C ARG D 170 -55.88 33.03 22.19
N ILE D 171 -56.61 34.07 22.62
CA ILE D 171 -56.94 34.22 24.04
C ILE D 171 -58.44 34.22 24.25
N ASP E 1 -35.96 49.71 17.18
CA ASP E 1 -34.94 49.97 18.15
C ASP E 1 -34.64 48.54 18.01
N LYS E 2 -33.48 48.13 17.53
CA LYS E 2 -33.38 46.70 17.28
C LYS E 2 -31.94 46.24 17.32
N ILE E 3 -31.78 44.91 17.30
CA ILE E 3 -30.49 44.24 17.33
C ILE E 3 -30.39 43.26 16.15
N CYS E 4 -29.29 43.32 15.41
CA CYS E 4 -28.99 42.36 14.35
C CYS E 4 -27.69 41.63 14.62
N LEU E 5 -27.66 40.33 14.30
CA LEU E 5 -26.44 39.55 14.27
C LEU E 5 -25.98 39.28 12.84
N GLY E 6 -24.69 39.06 12.69
CA GLY E 6 -24.09 38.84 11.40
C GLY E 6 -22.71 38.23 11.53
N HIS E 7 -22.03 38.15 10.39
CA HIS E 7 -20.68 37.59 10.33
C HIS E 7 -19.88 38.34 9.28
N HIS E 8 -18.55 38.15 9.32
CA HIS E 8 -17.68 38.91 8.44
C HIS E 8 -17.59 38.27 7.05
N ALA E 9 -16.99 39.02 6.12
CA ALA E 9 -16.83 38.62 4.72
C ALA E 9 -15.72 39.46 4.10
N VAL E 10 -15.48 39.25 2.80
CA VAL E 10 -14.36 39.91 2.15
C VAL E 10 -14.64 40.04 0.64
N SER E 11 -13.84 40.88 -0.04
CA SER E 11 -14.08 41.16 -1.45
C SER E 11 -13.85 39.93 -2.31
N ASN E 12 -12.72 39.26 -2.12
CA ASN E 12 -12.45 37.98 -2.76
C ASN E 12 -11.99 37.00 -1.69
N GLY E 13 -12.69 35.89 -1.54
CA GLY E 13 -12.22 34.77 -0.77
C GLY E 13 -11.37 33.82 -1.61
N THR E 14 -11.12 32.65 -1.04
CA THR E 14 -10.42 31.57 -1.72
C THR E 14 -11.39 30.42 -1.93
N LYS E 15 -11.40 29.85 -3.12
CA LYS E 15 -12.33 28.78 -3.45
C LYS E 15 -11.71 27.43 -3.14
N VAL E 16 -12.48 26.58 -2.46
CA VAL E 16 -12.03 25.27 -2.02
C VAL E 16 -13.05 24.23 -2.45
N ASN E 17 -12.79 22.97 -2.10
CA ASN E 17 -13.66 21.87 -2.45
C ASN E 17 -14.20 21.22 -1.18
N THR E 18 -15.39 20.65 -1.28
CA THR E 18 -16.07 20.00 -0.16
C THR E 18 -16.63 18.66 -0.60
N LEU E 19 -17.24 17.94 0.35
CA LEU E 19 -17.95 16.70 0.03
C LEU E 19 -19.09 16.94 -0.95
N THR E 20 -19.67 18.13 -0.96
CA THR E 20 -20.87 18.39 -1.75
C THR E 20 -20.68 19.40 -2.88
N GLU E 21 -19.63 20.20 -2.87
CA GLU E 21 -19.41 21.16 -3.95
C GLU E 21 -17.92 21.33 -4.24
N ARG E 22 -17.62 21.79 -5.45
CA ARG E 22 -16.28 22.20 -5.86
C ARG E 22 -16.26 23.71 -6.06
N GLY E 23 -15.24 24.37 -5.52
CA GLY E 23 -15.10 25.81 -5.61
C GLY E 23 -16.12 26.57 -4.80
N VAL E 24 -16.26 26.26 -3.49
CA VAL E 24 -17.06 27.10 -2.60
C VAL E 24 -16.15 28.26 -2.19
N GLU E 25 -16.67 29.47 -2.06
CA GLU E 25 -15.78 30.55 -1.64
C GLU E 25 -15.77 30.63 -0.11
N VAL E 26 -14.57 30.57 0.48
CA VAL E 26 -14.40 30.68 1.92
C VAL E 26 -13.55 31.91 2.22
N VAL E 27 -13.62 32.37 3.47
CA VAL E 27 -12.91 33.59 3.88
C VAL E 27 -11.41 33.41 3.69
N ASN E 28 -10.84 32.42 4.35
CA ASN E 28 -9.41 32.16 4.29
C ASN E 28 -9.16 30.66 4.16
N ALA E 29 -8.19 30.28 3.34
CA ALA E 29 -7.73 28.91 3.23
C ALA E 29 -6.20 28.89 3.22
N THR E 30 -5.64 27.69 3.33
CA THR E 30 -4.19 27.53 3.26
C THR E 30 -3.85 26.24 2.54
N GLU E 31 -2.79 26.29 1.73
CA GLU E 31 -2.39 25.16 0.91
C GLU E 31 -1.90 24.00 1.76
N THR E 32 -2.00 22.78 1.20
CA THR E 32 -1.66 21.56 1.90
C THR E 32 -0.67 20.67 1.13
N VAL E 33 -0.42 20.95 -0.14
CA VAL E 33 0.53 20.22 -0.96
C VAL E 33 1.74 21.11 -1.20
N GLU E 34 2.92 20.63 -0.81
CA GLU E 34 4.14 21.38 -1.05
C GLU E 34 4.51 21.32 -2.53
N ARG E 35 4.74 22.48 -3.13
CA ARG E 35 5.26 22.56 -4.49
C ARG E 35 6.64 23.20 -4.56
N THR E 36 7.10 23.85 -3.50
CA THR E 36 8.34 24.60 -3.57
C THR E 36 9.50 23.68 -3.21
N ASN E 37 10.39 23.50 -4.16
CA ASN E 37 11.68 22.87 -3.94
C ASN E 37 12.67 24.00 -3.74
N ILE E 38 13.75 23.74 -3.04
CA ILE E 38 14.93 24.60 -3.07
C ILE E 38 16.09 23.76 -3.58
N PRO E 39 16.82 24.20 -4.59
CA PRO E 39 17.70 23.36 -5.39
C PRO E 39 19.08 23.06 -4.81
N ARG E 40 19.13 22.70 -3.52
CA ARG E 40 20.41 22.42 -2.90
C ARG E 40 20.25 21.28 -1.89
N ILE E 41 21.38 20.66 -1.55
CA ILE E 41 21.42 19.60 -0.54
C ILE E 41 21.61 20.29 0.81
N CYS E 42 20.48 20.65 1.44
CA CYS E 42 20.46 21.31 2.75
C CYS E 42 21.11 20.40 3.78
N SER E 43 22.37 20.65 4.14
CA SER E 43 23.15 19.67 4.88
C SER E 43 23.68 20.18 6.21
N LYS E 44 23.11 21.26 6.74
CA LYS E 44 23.68 21.83 7.96
C LYS E 44 23.42 20.93 9.16
N GLY E 45 24.42 20.82 10.02
CA GLY E 45 24.34 19.96 11.19
C GLY E 45 24.82 18.54 11.01
N LYS E 46 25.00 18.07 9.78
CA LYS E 46 25.26 16.65 9.51
C LYS E 46 26.62 16.44 8.89
N ARG E 47 27.26 15.33 9.28
CA ARG E 47 28.52 14.88 8.68
C ARG E 47 28.22 14.38 7.27
N THR E 48 28.59 15.19 6.28
CA THR E 48 28.28 14.92 4.88
C THR E 48 29.52 14.44 4.14
N VAL E 49 29.32 13.52 3.19
CA VAL E 49 30.37 13.03 2.32
C VAL E 49 29.83 13.07 0.89
N ASP E 50 30.30 14.03 0.10
CA ASP E 50 29.96 14.12 -1.32
C ASP E 50 31.00 13.30 -2.08
N LEU E 51 30.61 12.11 -2.52
CA LEU E 51 31.55 11.22 -3.20
C LEU E 51 32.07 11.80 -4.52
N GLY E 52 31.36 12.75 -5.12
CA GLY E 52 31.75 13.31 -6.41
C GLY E 52 32.05 12.27 -7.47
N GLN E 53 33.31 12.14 -7.84
CA GLN E 53 33.71 11.23 -8.92
C GLN E 53 34.02 9.83 -8.42
N CYS E 54 33.92 9.57 -7.12
CA CYS E 54 34.09 8.23 -6.59
C CYS E 54 32.74 7.53 -6.56
N GLY E 55 32.68 6.34 -7.16
CA GLY E 55 31.50 5.50 -7.02
C GLY E 55 31.45 4.87 -5.64
N LEU E 56 30.23 4.72 -5.11
CA LEU E 56 30.06 4.18 -3.77
C LEU E 56 30.74 2.83 -3.60
N LEU E 57 30.63 1.95 -4.59
CA LEU E 57 31.28 0.65 -4.48
C LEU E 57 32.78 0.76 -4.65
N GLY E 58 33.25 1.82 -5.31
CA GLY E 58 34.67 2.14 -5.36
C GLY E 58 35.31 2.35 -4.00
N THR E 59 34.51 2.68 -2.98
CA THR E 59 35.06 2.81 -1.63
C THR E 59 35.54 1.47 -1.08
N ILE E 60 35.03 0.36 -1.58
CA ILE E 60 35.49 -0.95 -1.11
C ILE E 60 36.77 -1.37 -1.80
N THR E 61 36.87 -1.13 -3.11
CA THR E 61 37.98 -1.63 -3.91
C THR E 61 39.09 -0.62 -4.10
N GLY E 62 38.75 0.66 -4.23
CA GLY E 62 39.72 1.73 -4.16
C GLY E 62 40.44 2.03 -5.47
N PRO E 63 39.69 2.42 -6.51
CA PRO E 63 40.34 3.02 -7.67
C PRO E 63 40.74 4.46 -7.37
N PRO E 64 41.68 5.02 -8.15
CA PRO E 64 42.23 6.35 -7.81
C PRO E 64 41.21 7.41 -7.43
N GLN E 65 40.07 7.47 -8.13
CA GLN E 65 38.99 8.39 -7.75
C GLN E 65 38.68 8.33 -6.25
N CYS E 66 38.79 7.15 -5.66
CA CYS E 66 38.28 6.90 -4.31
C CYS E 66 39.38 6.85 -3.24
N ASP E 67 40.58 7.34 -3.54
CA ASP E 67 41.66 7.26 -2.55
C ASP E 67 41.33 8.04 -1.29
N GLN E 68 40.63 9.16 -1.41
CA GLN E 68 40.22 9.96 -0.27
C GLN E 68 38.98 9.39 0.44
N PHE E 69 38.44 8.26 -0.03
CA PHE E 69 37.14 7.77 0.41
C PHE E 69 37.20 6.33 0.92
N LEU E 70 38.40 5.82 1.23
CA LEU E 70 38.52 4.41 1.60
C LEU E 70 38.10 4.12 3.03
N GLU E 71 38.04 5.14 3.89
CA GLU E 71 37.66 4.97 5.29
C GLU E 71 36.74 6.11 5.72
N PHE E 72 35.76 6.43 4.90
CA PHE E 72 34.97 7.63 5.14
C PHE E 72 34.00 7.40 6.30
N SER E 73 33.33 8.48 6.69
CA SER E 73 32.46 8.49 7.87
C SER E 73 31.42 9.57 7.67
N ALA E 74 30.14 9.21 7.68
CA ALA E 74 29.12 10.15 7.26
C ALA E 74 27.80 9.90 7.99
N ASP E 75 27.05 10.99 8.17
CA ASP E 75 25.61 10.93 8.41
C ASP E 75 24.83 10.89 7.10
N LEU E 76 25.35 11.56 6.08
CA LEU E 76 24.70 11.72 4.78
C LEU E 76 25.71 11.40 3.69
N ILE E 77 25.33 10.55 2.74
CA ILE E 77 26.20 10.15 1.65
C ILE E 77 25.53 10.55 0.33
N ILE E 78 26.26 11.28 -0.49
CA ILE E 78 25.76 11.81 -1.75
C ILE E 78 26.52 11.15 -2.89
N GLU E 79 25.79 10.44 -3.75
CA GLU E 79 26.35 9.94 -4.99
C GLU E 79 26.09 10.90 -6.14
N ARG E 80 26.96 10.86 -7.12
CA ARG E 80 26.98 11.81 -8.22
C ARG E 80 26.99 11.03 -9.52
N ARG E 81 26.37 11.59 -10.57
CA ARG E 81 26.36 10.91 -11.85
C ARG E 81 27.77 10.66 -12.38
N GLU E 82 28.71 11.57 -12.11
CA GLU E 82 30.04 11.42 -12.68
C GLU E 82 30.84 10.31 -12.02
N GLY E 83 30.32 9.71 -10.95
CA GLY E 83 31.13 8.80 -10.15
C GLY E 83 31.22 7.41 -10.76
N SER E 84 32.41 6.84 -10.66
CA SER E 84 32.74 5.55 -11.24
C SER E 84 33.22 4.62 -10.13
N ASP E 85 32.72 3.39 -10.16
CA ASP E 85 33.06 2.38 -9.17
C ASP E 85 34.31 1.60 -9.55
N VAL E 86 35.03 2.01 -10.59
CA VAL E 86 35.85 1.08 -11.34
C VAL E 86 36.94 1.86 -12.04
N CYS E 87 38.11 1.21 -12.22
CA CYS E 87 39.17 1.78 -13.05
C CYS E 87 39.43 0.85 -14.23
N TYR E 88 39.95 -0.35 -13.99
CA TYR E 88 39.95 -1.40 -14.99
C TYR E 88 38.51 -1.79 -15.26
N PRO E 89 38.02 -1.71 -16.50
CA PRO E 89 36.58 -1.91 -16.78
C PRO E 89 35.97 -3.17 -16.16
N GLY E 90 34.72 -3.08 -15.71
CA GLY E 90 34.06 -4.18 -15.03
C GLY E 90 32.76 -3.78 -14.32
N LYS E 91 32.29 -4.72 -13.48
CA LYS E 91 31.01 -4.69 -12.79
C LYS E 91 31.18 -5.29 -11.41
N PHE E 92 30.22 -4.99 -10.54
CA PHE E 92 29.97 -5.78 -9.35
C PHE E 92 28.81 -6.73 -9.64
N VAL E 93 28.98 -8.00 -9.34
CA VAL E 93 27.84 -8.91 -9.34
C VAL E 93 27.03 -8.65 -8.10
N ASN E 94 25.71 -8.56 -8.25
CA ASN E 94 24.79 -8.33 -7.14
C ASN E 94 25.04 -6.94 -6.54
N GLU E 95 24.97 -5.91 -7.40
CA GLU E 95 25.58 -4.62 -7.10
C GLU E 95 24.68 -3.71 -6.25
N GLU E 96 23.41 -3.58 -6.60
CA GLU E 96 22.57 -2.61 -5.90
C GLU E 96 22.37 -2.99 -4.44
N ALA E 97 22.39 -4.29 -4.13
CA ALA E 97 22.35 -4.71 -2.73
C ALA E 97 23.53 -4.12 -1.96
N LEU E 98 24.73 -4.17 -2.55
CA LEU E 98 25.90 -3.59 -1.91
C LEU E 98 25.75 -2.09 -1.70
N ARG E 99 25.14 -1.39 -2.65
CA ARG E 99 24.99 0.05 -2.52
C ARG E 99 24.01 0.40 -1.40
N GLN E 100 22.82 -0.21 -1.42
CA GLN E 100 21.86 -0.03 -0.34
C GLN E 100 22.46 -0.34 1.02
N ILE E 101 23.47 -1.20 1.07
CA ILE E 101 24.17 -1.46 2.33
C ILE E 101 25.04 -0.26 2.69
N LEU E 102 25.97 0.09 1.79
CA LEU E 102 26.91 1.18 2.02
C LEU E 102 26.19 2.51 2.30
N ARG E 103 25.09 2.78 1.59
CA ARG E 103 24.37 4.03 1.78
C ARG E 103 23.93 4.21 3.23
N GLU E 104 23.50 3.12 3.88
CA GLU E 104 22.99 3.17 5.24
C GLU E 104 24.05 2.80 6.28
N SER E 105 25.31 2.68 5.88
CA SER E 105 26.37 2.15 6.74
C SER E 105 26.95 3.18 7.70
N GLY E 106 26.72 4.48 7.47
CA GLY E 106 27.43 5.50 8.21
C GLY E 106 28.94 5.51 8.01
N GLY E 107 29.42 4.93 6.92
CA GLY E 107 30.84 4.89 6.61
C GLY E 107 31.40 3.49 6.75
N ILE E 108 32.67 3.36 6.37
CA ILE E 108 33.37 2.09 6.39
C ILE E 108 34.70 2.27 7.11
N ASP E 109 35.09 1.24 7.86
CA ASP E 109 36.39 1.19 8.54
C ASP E 109 37.10 -0.04 8.00
N LYS E 110 38.28 0.16 7.41
CA LYS E 110 39.00 -0.94 6.82
C LYS E 110 39.89 -1.64 7.84
N GLU E 111 40.33 -2.83 7.46
CA GLU E 111 41.28 -3.62 8.23
C GLU E 111 41.78 -4.75 7.35
N THR E 112 43.09 -4.98 7.36
CA THR E 112 43.67 -6.00 6.52
C THR E 112 43.26 -7.39 6.98
N MET E 113 43.26 -8.31 6.03
CA MET E 113 43.15 -9.73 6.30
C MET E 113 44.50 -10.42 6.30
N GLY E 114 45.58 -9.66 6.12
CA GLY E 114 46.92 -10.12 6.42
C GLY E 114 47.58 -10.98 5.38
N PHE E 115 46.81 -11.54 4.44
CA PHE E 115 47.30 -12.47 3.41
C PHE E 115 48.73 -12.22 2.95
N THR E 116 49.54 -13.27 2.99
CA THR E 116 50.84 -13.34 2.35
C THR E 116 50.76 -14.44 1.29
N TYR E 117 51.75 -14.51 0.41
CA TYR E 117 51.70 -15.53 -0.62
C TYR E 117 53.10 -16.01 -1.01
N ASN E 118 53.13 -17.23 -1.54
CA ASN E 118 54.34 -17.95 -1.88
C ASN E 118 54.14 -18.63 -3.23
N GLY E 119 55.00 -18.33 -4.19
CA GLY E 119 54.97 -18.98 -5.48
C GLY E 119 54.22 -18.24 -6.57
N ILE E 120 53.88 -16.97 -6.35
CA ILE E 120 53.10 -16.19 -7.29
C ILE E 120 53.60 -14.76 -7.25
N ARG E 121 53.17 -13.97 -8.24
CA ARG E 121 53.31 -12.53 -8.17
C ARG E 121 52.07 -11.88 -7.59
N THR E 122 52.27 -10.75 -6.92
CA THR E 122 51.25 -10.13 -6.09
C THR E 122 50.93 -8.73 -6.54
N ASN E 123 51.41 -8.32 -7.71
CA ASN E 123 51.65 -6.91 -8.00
C ASN E 123 51.24 -6.50 -9.41
N GLY E 124 50.22 -7.14 -9.98
CA GLY E 124 49.82 -6.82 -11.34
C GLY E 124 49.13 -5.47 -11.41
N VAL E 125 49.29 -4.79 -12.55
CA VAL E 125 49.09 -3.36 -12.68
C VAL E 125 48.57 -3.06 -14.09
N THR E 126 48.07 -1.84 -14.30
CA THR E 126 47.41 -1.49 -15.56
C THR E 126 47.42 0.02 -15.77
N SER E 127 47.32 0.41 -17.05
CA SER E 127 47.26 1.82 -17.43
C SER E 127 45.89 2.45 -17.17
N ALA E 128 44.84 1.65 -16.98
CA ALA E 128 43.54 2.20 -16.62
C ALA E 128 43.61 2.89 -15.26
N CYS E 129 43.98 2.15 -14.23
CA CYS E 129 44.11 2.73 -12.90
C CYS E 129 45.49 3.38 -12.80
N LYS E 130 45.63 4.66 -13.17
CA LYS E 130 46.93 5.31 -13.02
C LYS E 130 46.95 6.00 -11.67
N ARG E 131 48.05 5.87 -10.96
CA ARG E 131 48.34 6.87 -9.94
C ARG E 131 49.56 7.63 -10.45
N SER E 132 50.71 7.41 -9.82
CA SER E 132 51.97 7.62 -10.52
C SER E 132 52.16 6.44 -11.46
N GLY E 133 52.14 6.72 -12.77
CA GLY E 133 52.22 5.63 -13.72
C GLY E 133 51.06 4.64 -13.53
N SER E 134 51.23 3.49 -14.18
CA SER E 134 50.23 2.44 -14.09
C SER E 134 50.12 1.91 -12.66
N SER E 135 48.89 1.67 -12.21
CA SER E 135 48.64 1.21 -10.84
C SER E 135 47.49 0.20 -10.80
N PHE E 136 46.74 0.15 -9.69
CA PHE E 136 45.69 -0.84 -9.52
C PHE E 136 44.80 -0.44 -8.34
N TYR E 137 43.69 -1.18 -8.19
CA TYR E 137 42.80 -1.01 -7.05
C TYR E 137 43.54 -1.05 -5.73
N ALA E 138 43.46 0.06 -4.98
CA ALA E 138 44.22 0.22 -3.75
C ALA E 138 43.97 -0.90 -2.75
N GLU E 139 42.73 -1.39 -2.68
CA GLU E 139 42.35 -2.36 -1.66
C GLU E 139 42.45 -3.81 -2.14
N MET E 140 42.92 -4.04 -3.36
CA MET E 140 42.99 -5.38 -3.91
C MET E 140 44.35 -5.57 -4.56
N LYS E 141 44.59 -6.78 -5.07
CA LYS E 141 45.89 -7.17 -5.58
C LYS E 141 45.72 -8.14 -6.74
N TRP E 142 46.39 -7.86 -7.85
CA TRP E 142 46.37 -8.74 -9.00
C TRP E 142 47.34 -9.89 -8.75
N LEU E 143 46.81 -11.09 -8.53
CA LEU E 143 47.64 -12.26 -8.29
C LEU E 143 47.90 -12.99 -9.60
N LEU E 144 49.18 -13.30 -9.86
CA LEU E 144 49.64 -13.78 -11.16
C LEU E 144 50.53 -15.00 -10.93
N SER E 145 50.96 -15.62 -12.04
CA SER E 145 52.03 -16.60 -11.99
C SER E 145 53.38 -15.91 -12.08
N ASN E 146 54.40 -16.53 -11.48
CA ASN E 146 55.69 -15.88 -11.28
C ASN E 146 56.27 -15.29 -12.56
N THR E 147 56.18 -16.03 -13.65
CA THR E 147 56.71 -15.57 -14.93
C THR E 147 55.84 -16.14 -16.02
N ASP E 148 55.90 -15.48 -17.18
CA ASP E 148 55.01 -15.79 -18.29
C ASP E 148 54.77 -17.28 -18.46
N ASN E 149 53.50 -17.65 -18.50
CA ASN E 149 53.03 -18.97 -18.84
C ASN E 149 53.30 -20.02 -17.74
N ALA E 150 53.95 -19.66 -16.63
CA ALA E 150 54.20 -20.52 -15.46
C ALA E 150 52.94 -21.01 -14.74
N ALA E 151 53.07 -22.11 -14.00
CA ALA E 151 51.98 -22.67 -13.21
C ALA E 151 51.59 -21.76 -12.05
N PHE E 152 50.28 -21.66 -11.81
CA PHE E 152 49.70 -20.99 -10.65
C PHE E 152 49.44 -22.01 -9.54
N PRO E 153 50.31 -22.09 -8.51
CA PRO E 153 50.05 -22.98 -7.37
C PRO E 153 48.60 -22.99 -6.90
N GLN E 154 47.99 -24.18 -6.85
CA GLN E 154 46.64 -24.34 -6.30
C GLN E 154 46.62 -23.89 -4.84
N MET E 155 46.11 -22.69 -4.57
CA MET E 155 46.27 -22.10 -3.25
C MET E 155 44.94 -21.89 -2.56
N THR E 156 44.98 -21.94 -1.23
CA THR E 156 43.79 -21.69 -0.45
C THR E 156 44.19 -20.76 0.70
N LYS E 157 43.46 -19.65 0.89
CA LYS E 157 43.70 -18.74 2.01
C LYS E 157 42.40 -18.46 2.75
N SER E 158 42.52 -18.14 4.04
CA SER E 158 41.35 -17.90 4.87
C SER E 158 41.55 -16.66 5.75
N TYR E 159 40.43 -15.98 6.02
CA TYR E 159 40.38 -14.83 6.92
C TYR E 159 39.27 -15.06 7.93
N LYS E 160 39.54 -14.74 9.20
CA LYS E 160 38.54 -14.85 10.25
C LYS E 160 38.11 -13.47 10.72
N ASN E 161 36.81 -13.24 10.75
CA ASN E 161 36.23 -12.02 11.31
C ASN E 161 36.47 -12.01 12.82
N THR E 162 37.55 -11.33 13.25
CA THR E 162 37.86 -11.23 14.67
C THR E 162 36.90 -10.30 15.43
N ARG E 163 36.12 -9.50 14.73
CA ARG E 163 35.35 -8.44 15.35
C ARG E 163 33.95 -8.94 15.70
N LYS E 164 33.14 -8.06 16.32
CA LYS E 164 31.77 -8.38 16.69
C LYS E 164 30.76 -7.71 15.76
N SER E 165 31.23 -7.17 14.65
CA SER E 165 30.37 -6.66 13.61
C SER E 165 30.66 -7.44 12.35
N PRO E 166 29.70 -7.52 11.42
CA PRO E 166 29.95 -8.28 10.20
C PRO E 166 30.80 -7.52 9.21
N ALA E 167 31.67 -8.25 8.55
CA ALA E 167 32.56 -7.71 7.54
C ALA E 167 31.99 -7.91 6.14
N ILE E 168 32.45 -7.05 5.23
CA ILE E 168 32.32 -7.26 3.80
C ILE E 168 33.66 -7.62 3.19
N ILE E 169 33.71 -8.83 2.65
CA ILE E 169 34.81 -9.38 1.88
C ILE E 169 34.42 -9.19 0.43
N VAL E 170 35.35 -8.71 -0.38
CA VAL E 170 35.09 -8.62 -1.81
C VAL E 170 36.34 -9.11 -2.51
N TRP E 171 36.17 -10.10 -3.39
CA TRP E 171 37.16 -10.64 -4.30
C TRP E 171 36.63 -10.40 -5.72
N GLY E 172 37.43 -10.75 -6.72
CA GLY E 172 37.04 -10.57 -8.11
C GLY E 172 37.56 -11.67 -9.03
N ILE E 173 37.06 -11.66 -10.28
CA ILE E 173 37.44 -12.62 -11.29
C ILE E 173 37.93 -11.86 -12.51
N HIS E 174 39.07 -12.27 -13.08
CA HIS E 174 39.64 -11.61 -14.25
C HIS E 174 39.26 -12.41 -15.47
N HIS E 175 38.45 -11.82 -16.35
CA HIS E 175 38.09 -12.42 -17.62
C HIS E 175 39.04 -11.84 -18.67
N SER E 176 39.91 -12.69 -19.20
CA SER E 176 41.01 -12.24 -20.05
C SER E 176 40.56 -12.14 -21.50
N VAL E 177 41.23 -11.26 -22.25
CA VAL E 177 40.81 -11.01 -23.63
C VAL E 177 40.79 -12.29 -24.45
N SER E 178 41.74 -13.20 -24.19
CA SER E 178 41.77 -14.47 -24.89
C SER E 178 42.20 -15.58 -23.93
N THR E 179 41.87 -16.82 -24.30
CA THR E 179 42.45 -17.96 -23.62
C THR E 179 43.96 -17.99 -23.78
N ALA E 180 44.46 -17.52 -24.92
CA ALA E 180 45.89 -17.33 -25.13
C ALA E 180 46.54 -16.56 -23.98
N GLU E 181 46.08 -15.33 -23.73
CA GLU E 181 46.73 -14.51 -22.72
C GLU E 181 46.17 -14.72 -21.32
N GLN E 182 45.08 -15.48 -21.16
CA GLN E 182 44.80 -16.09 -19.87
C GLN E 182 46.03 -16.84 -19.38
N THR E 183 46.72 -17.55 -20.27
CA THR E 183 47.87 -18.35 -19.90
C THR E 183 49.08 -17.49 -19.57
N LYS E 184 49.39 -16.50 -20.43
CA LYS E 184 50.51 -15.59 -20.15
C LYS E 184 50.41 -15.01 -18.74
N LEU E 185 49.19 -14.84 -18.25
CA LEU E 185 48.94 -14.42 -16.88
C LEU E 185 49.02 -15.61 -15.92
N TYR E 186 47.98 -16.43 -15.87
CA TYR E 186 47.77 -17.39 -14.79
C TYR E 186 48.10 -18.83 -15.18
N GLY E 187 48.93 -19.05 -16.20
CA GLY E 187 49.11 -20.41 -16.68
C GLY E 187 47.87 -20.97 -17.37
N SER E 188 47.94 -22.27 -17.66
CA SER E 188 47.00 -22.91 -18.57
C SER E 188 45.91 -23.67 -17.81
N GLY E 189 45.02 -24.29 -18.58
CA GLY E 189 43.99 -25.17 -18.06
C GLY E 189 42.76 -24.48 -17.52
N ASN E 190 41.73 -25.29 -17.29
CA ASN E 190 40.52 -24.85 -16.62
C ASN E 190 40.85 -24.16 -15.31
N LYS E 191 40.35 -22.94 -15.14
CA LYS E 191 40.63 -22.13 -13.96
C LYS E 191 39.39 -22.08 -13.08
N LEU E 192 39.54 -22.54 -11.85
CA LEU E 192 38.48 -22.61 -10.84
C LEU E 192 38.93 -21.81 -9.62
N VAL E 193 38.13 -20.84 -9.21
CA VAL E 193 38.27 -20.25 -7.88
C VAL E 193 36.98 -20.48 -7.13
N THR E 194 37.13 -20.89 -5.88
CA THR E 194 36.03 -21.39 -5.08
C THR E 194 35.97 -20.60 -3.79
N VAL E 195 34.75 -20.36 -3.31
CA VAL E 195 34.61 -19.41 -2.21
C VAL E 195 33.45 -19.87 -1.36
N GLY E 196 33.75 -20.27 -0.14
CA GLY E 196 32.69 -20.50 0.82
C GLY E 196 33.03 -20.01 2.20
N SER E 197 32.10 -19.30 2.83
CA SER E 197 32.23 -19.00 4.24
C SER E 197 31.89 -20.30 4.95
N SER E 198 30.81 -20.31 5.72
CA SER E 198 29.99 -21.50 5.87
C SER E 198 28.50 -21.23 5.72
N ASN E 199 28.04 -19.99 5.91
CA ASN E 199 26.68 -19.57 5.61
C ASN E 199 26.54 -19.26 4.12
N TYR E 200 27.61 -19.49 3.37
CA TYR E 200 27.61 -19.24 1.94
C TYR E 200 28.62 -20.14 1.26
N GLN E 201 28.18 -20.78 0.19
CA GLN E 201 29.00 -21.61 -0.67
C GLN E 201 28.70 -21.28 -2.13
N GLN E 202 29.72 -21.38 -2.97
CA GLN E 202 29.67 -21.00 -4.38
C GLN E 202 31.05 -21.12 -4.99
N SER E 203 31.15 -21.02 -6.32
CA SER E 203 32.46 -21.04 -6.95
C SER E 203 32.35 -20.41 -8.33
N PHE E 204 33.53 -20.13 -8.90
CA PHE E 204 33.62 -19.26 -10.06
C PHE E 204 34.67 -19.76 -11.04
N VAL E 205 34.40 -19.53 -12.32
CA VAL E 205 35.29 -19.87 -13.43
C VAL E 205 35.49 -18.60 -14.24
N PRO E 206 36.70 -18.31 -14.74
CA PRO E 206 36.84 -17.19 -15.66
C PRO E 206 36.12 -17.46 -16.98
N SER E 207 36.18 -16.49 -17.87
CA SER E 207 35.38 -16.59 -19.09
C SER E 207 36.03 -15.79 -20.20
N PRO E 208 37.25 -16.13 -20.60
CA PRO E 208 38.00 -15.28 -21.52
C PRO E 208 37.36 -15.22 -22.90
N GLY E 209 37.58 -14.09 -23.57
CA GLY E 209 36.96 -13.81 -24.84
C GLY E 209 36.91 -12.32 -25.09
N ALA E 210 36.75 -11.96 -26.35
CA ALA E 210 36.76 -10.56 -26.73
C ALA E 210 35.52 -9.82 -26.22
N ARG E 211 35.73 -8.54 -25.94
CA ARG E 211 34.73 -7.54 -25.59
C ARG E 211 35.30 -6.22 -26.10
N PRO E 212 34.44 -5.21 -26.27
CA PRO E 212 34.94 -3.98 -26.90
C PRO E 212 35.73 -3.13 -25.92
N GLN E 213 36.49 -2.20 -26.47
CA GLN E 213 37.48 -1.49 -25.68
C GLN E 213 36.82 -0.49 -24.74
N VAL E 214 37.25 -0.48 -23.48
CA VAL E 214 36.73 0.38 -22.43
C VAL E 214 37.90 0.80 -21.56
N ASN E 215 38.16 2.11 -21.50
CA ASN E 215 39.41 2.66 -20.96
C ASN E 215 40.62 2.20 -21.77
N GLY E 216 40.40 1.84 -23.04
CA GLY E 216 41.46 1.27 -23.85
C GLY E 216 41.46 -0.25 -23.92
N LEU E 217 41.24 -0.93 -22.81
CA LEU E 217 41.36 -2.38 -22.78
C LEU E 217 40.02 -3.06 -23.02
N SER E 218 40.10 -4.32 -23.51
CA SER E 218 38.95 -5.14 -23.82
C SER E 218 38.72 -6.25 -22.79
N GLY E 219 39.43 -6.21 -21.66
CA GLY E 219 39.23 -7.18 -20.59
C GLY E 219 38.33 -6.63 -19.48
N ARG E 220 37.90 -7.54 -18.60
CA ARG E 220 37.01 -7.15 -17.52
C ARG E 220 37.38 -7.81 -16.21
N ILE E 221 37.33 -7.04 -15.10
CA ILE E 221 37.18 -7.62 -13.76
C ILE E 221 35.72 -7.54 -13.35
N ASP E 222 35.14 -8.67 -12.96
CA ASP E 222 33.85 -8.67 -12.30
C ASP E 222 34.04 -9.03 -10.83
N PHE E 223 33.70 -8.09 -9.95
CA PHE E 223 33.90 -8.20 -8.51
C PHE E 223 32.74 -8.94 -7.85
N HIS E 224 33.03 -9.72 -6.82
CA HIS E 224 32.02 -10.41 -6.04
C HIS E 224 32.23 -10.11 -4.56
N TRP E 225 31.25 -10.48 -3.73
CA TRP E 225 31.25 -10.03 -2.34
C TRP E 225 30.30 -10.87 -1.48
N LEU E 226 30.59 -10.94 -0.18
CA LEU E 226 29.76 -11.63 0.80
C LEU E 226 29.86 -10.94 2.15
N ILE E 227 28.77 -10.98 2.92
CA ILE E 227 28.76 -10.52 4.31
C ILE E 227 29.29 -11.66 5.19
N LEU E 228 30.51 -11.51 5.68
CA LEU E 228 31.10 -12.42 6.65
C LEU E 228 30.71 -11.95 8.06
N ASN E 229 30.24 -12.90 8.90
CA ASN E 229 29.72 -12.59 10.24
C ASN E 229 30.78 -12.89 11.33
N PRO E 230 30.60 -12.36 12.56
CA PRO E 230 31.60 -12.50 13.65
C PRO E 230 32.03 -13.94 13.96
N ASN E 231 33.28 -14.11 14.42
CA ASN E 231 34.01 -15.39 14.63
C ASN E 231 33.85 -16.36 13.46
N ASP E 232 33.31 -15.92 12.31
CA ASP E 232 33.28 -16.73 11.10
C ASP E 232 34.61 -16.71 10.27
N THR E 233 34.80 -17.75 9.46
CA THR E 233 35.90 -17.74 8.51
C THR E 233 35.39 -17.87 7.08
N VAL E 234 36.12 -17.24 6.17
CA VAL E 234 35.90 -17.35 4.73
C VAL E 234 37.15 -17.99 4.14
N THR E 235 36.95 -18.97 3.28
CA THR E 235 38.07 -19.66 2.65
C THR E 235 38.06 -19.42 1.14
N PHE E 236 39.24 -19.12 0.62
CA PHE E 236 39.43 -18.73 -0.78
C PHE E 236 40.28 -19.81 -1.44
N SER E 237 39.63 -20.76 -2.11
CA SER E 237 40.33 -21.82 -2.83
C SER E 237 40.41 -21.40 -4.29
N PHE E 238 41.63 -21.29 -4.82
CA PHE E 238 41.75 -20.68 -6.13
C PHE E 238 43.05 -21.08 -6.82
N ASN E 239 43.01 -20.99 -8.15
CA ASN E 239 44.04 -21.47 -9.05
C ASN E 239 44.52 -20.40 -10.03
N GLY E 240 43.94 -19.20 -10.00
CA GLY E 240 44.16 -18.19 -11.03
C GLY E 240 42.90 -17.38 -11.27
N ALA E 241 42.96 -16.55 -12.31
CA ALA E 241 41.94 -15.54 -12.63
C ALA E 241 41.40 -14.85 -11.38
N PHE E 242 42.27 -14.59 -10.41
CA PHE E 242 41.87 -14.12 -9.10
C PHE E 242 42.44 -12.73 -8.86
N ILE E 243 41.57 -11.82 -8.44
CA ILE E 243 41.91 -10.57 -7.80
C ILE E 243 41.42 -10.62 -6.36
N ALA E 244 42.38 -10.44 -5.42
CA ALA E 244 42.37 -10.85 -4.02
C ALA E 244 42.22 -9.66 -3.09
N PRO E 245 41.41 -9.80 -2.05
CA PRO E 245 41.17 -8.67 -1.14
C PRO E 245 42.36 -8.48 -0.20
N ASP E 246 42.87 -7.27 -0.16
CA ASP E 246 43.88 -6.92 0.83
C ASP E 246 43.25 -6.60 2.18
N ARG E 247 42.22 -5.76 2.18
CA ARG E 247 41.53 -5.37 3.39
C ARG E 247 40.05 -5.72 3.30
N ALA E 248 39.48 -6.07 4.46
CA ALA E 248 38.04 -6.19 4.59
C ALA E 248 37.47 -4.86 5.07
N SER E 249 36.17 -4.71 4.90
CA SER E 249 35.49 -3.46 5.24
C SER E 249 34.45 -3.75 6.32
N PHE E 250 34.37 -2.83 7.29
CA PHE E 250 33.41 -2.92 8.38
C PHE E 250 32.64 -1.61 8.41
N LEU E 251 31.38 -1.66 8.81
CA LEU E 251 30.52 -0.49 8.70
C LEU E 251 30.46 0.23 10.03
N ARG E 252 30.40 1.55 9.97
CA ARG E 252 30.64 2.39 11.13
C ARG E 252 29.40 2.57 11.99
N GLY E 253 28.23 2.67 11.36
CA GLY E 253 27.01 2.99 12.08
C GLY E 253 25.80 3.15 11.21
N LYS E 254 25.16 4.32 11.29
CA LYS E 254 23.96 4.64 10.53
C LYS E 254 24.24 5.82 9.61
N SER E 255 23.55 5.83 8.46
CA SER E 255 23.54 7.00 7.60
C SER E 255 22.34 6.90 6.66
N MET E 256 22.15 7.96 5.88
CA MET E 256 21.19 8.01 4.79
C MET E 256 21.97 8.37 3.53
N GLY E 257 21.72 7.62 2.45
CA GLY E 257 22.33 7.89 1.16
C GLY E 257 21.30 8.42 0.17
N ILE E 258 21.73 9.40 -0.61
CA ILE E 258 20.95 9.96 -1.69
C ILE E 258 21.89 10.10 -2.87
N GLN E 259 21.29 10.28 -4.03
CA GLN E 259 22.07 10.59 -5.20
C GLN E 259 21.39 11.79 -5.83
N SER E 260 22.18 12.81 -6.20
CA SER E 260 21.73 14.16 -6.56
C SER E 260 22.75 14.82 -7.48
N GLY E 261 22.33 15.94 -8.10
CA GLY E 261 23.20 16.72 -8.96
C GLY E 261 23.29 18.18 -8.57
N VAL E 262 22.84 18.53 -7.37
CA VAL E 262 22.84 19.91 -6.92
C VAL E 262 23.82 20.09 -5.75
N GLN E 263 24.15 21.35 -5.51
CA GLN E 263 25.19 21.74 -4.57
C GLN E 263 24.80 21.45 -3.12
N VAL E 264 25.77 20.97 -2.34
CA VAL E 264 25.63 20.95 -0.89
C VAL E 264 25.52 22.38 -0.38
N ASP E 265 24.72 22.58 0.68
CA ASP E 265 24.57 23.89 1.31
C ASP E 265 24.44 23.72 2.82
N ALA E 266 25.44 24.20 3.58
CA ALA E 266 25.49 24.06 5.03
C ALA E 266 24.85 25.23 5.78
N ASN E 267 24.06 26.05 5.10
CA ASN E 267 23.27 27.10 5.74
C ASN E 267 21.84 26.64 5.93
N CYS E 268 21.49 25.52 5.33
CA CYS E 268 20.15 24.98 5.24
C CYS E 268 20.05 23.67 6.01
N GLU E 269 18.99 23.51 6.80
CA GLU E 269 18.66 22.23 7.42
C GLU E 269 17.54 21.56 6.62
N GLY E 270 17.63 20.25 6.45
CA GLY E 270 16.56 19.50 5.84
C GLY E 270 16.68 17.99 5.98
N ASP E 271 15.53 17.30 6.07
CA ASP E 271 15.50 15.86 6.21
C ASP E 271 14.84 15.13 5.05
N CYS E 272 14.29 15.85 4.07
CA CYS E 272 13.67 15.24 2.89
C CYS E 272 14.45 15.63 1.65
N TYR E 273 15.07 14.65 1.01
CA TYR E 273 15.95 14.89 -0.12
C TYR E 273 15.43 14.19 -1.36
N HIS E 274 15.64 14.83 -2.51
CA HIS E 274 15.53 14.21 -3.82
C HIS E 274 16.69 14.73 -4.67
N SER E 275 16.79 14.23 -5.90
CA SER E 275 17.99 14.48 -6.70
C SER E 275 18.09 15.94 -7.14
N GLY E 276 16.98 16.67 -7.15
CA GLY E 276 16.99 18.08 -7.49
C GLY E 276 16.95 19.04 -6.33
N GLY E 277 17.09 18.57 -5.11
CA GLY E 277 17.30 19.46 -3.99
C GLY E 277 16.70 18.88 -2.72
N THR E 278 16.05 19.74 -1.94
CA THR E 278 15.60 19.40 -0.60
C THR E 278 14.21 20.00 -0.39
N ILE E 279 13.29 19.20 0.17
CA ILE E 279 11.93 19.65 0.43
C ILE E 279 11.83 20.06 1.90
N ILE E 280 11.85 21.37 2.15
CA ILE E 280 11.58 21.92 3.49
C ILE E 280 10.12 22.33 3.53
N SER E 281 9.36 21.68 4.42
CA SER E 281 7.93 21.90 4.50
C SER E 281 7.39 21.20 5.74
N ASN E 282 6.38 21.81 6.37
CA ASN E 282 5.60 21.09 7.38
C ASN E 282 4.31 20.52 6.80
N LEU E 283 4.11 20.61 5.47
CA LEU E 283 2.84 20.22 4.89
C LEU E 283 2.71 18.70 4.84
N PRO E 284 1.48 18.18 4.91
CA PRO E 284 1.31 16.72 4.92
C PRO E 284 1.65 16.06 3.59
N PHE E 285 1.49 16.77 2.48
CA PHE E 285 1.64 16.18 1.15
C PHE E 285 2.58 17.02 0.30
N GLN E 286 3.16 16.38 -0.72
CA GLN E 286 4.03 17.06 -1.67
C GLN E 286 3.75 16.54 -3.08
N ASN E 287 3.97 17.42 -4.07
CA ASN E 287 3.79 17.08 -5.48
C ASN E 287 5.11 17.24 -6.26
N ILE E 288 6.24 17.13 -5.59
CA ILE E 288 7.53 17.50 -6.17
C ILE E 288 8.23 16.29 -6.79
N ASP E 289 8.45 15.24 -6.01
CA ASP E 289 9.21 14.08 -6.48
C ASP E 289 8.73 12.85 -5.71
N SER E 290 8.17 11.87 -6.43
CA SER E 290 7.61 10.68 -5.79
C SER E 290 8.68 9.71 -5.30
N ARG E 291 9.94 9.92 -5.65
CA ARG E 291 11.03 9.10 -5.14
C ARG E 291 11.89 9.83 -4.11
N ALA E 292 11.41 10.96 -3.60
CA ALA E 292 12.07 11.62 -2.48
C ALA E 292 12.29 10.63 -1.34
N VAL E 293 13.38 10.83 -0.59
CA VAL E 293 13.75 9.96 0.50
C VAL E 293 14.06 10.80 1.73
N GLY E 294 14.22 10.12 2.86
CA GLY E 294 14.38 10.79 4.13
C GLY E 294 13.07 10.84 4.90
N LYS E 295 12.78 11.97 5.54
CA LYS E 295 11.56 12.15 6.30
C LYS E 295 10.75 13.21 5.55
N CYS E 296 9.79 12.75 4.75
CA CYS E 296 9.15 13.55 3.74
C CYS E 296 7.65 13.66 3.96
N PRO E 297 7.01 14.70 3.42
CA PRO E 297 5.57 14.61 3.19
C PRO E 297 5.29 13.53 2.15
N ARG E 298 4.05 13.05 2.16
CA ARG E 298 3.68 11.96 1.25
C ARG E 298 3.44 12.53 -0.15
N TYR E 299 3.98 11.85 -1.15
CA TYR E 299 3.73 12.26 -2.52
C TYR E 299 2.28 11.99 -2.90
N VAL E 300 1.62 13.00 -3.45
CA VAL E 300 0.27 12.86 -4.00
C VAL E 300 0.28 13.33 -5.45
N LYS E 301 -0.73 12.89 -6.20
CA LYS E 301 -0.81 13.27 -7.61
C LYS E 301 -1.14 14.73 -7.79
N GLN E 302 -1.88 15.33 -6.86
CA GLN E 302 -2.47 16.65 -7.09
C GLN E 302 -1.44 17.76 -6.87
N ARG E 303 -1.47 18.75 -7.76
CA ARG E 303 -0.63 19.93 -7.58
C ARG E 303 -1.07 20.77 -6.38
N SER E 304 -2.36 20.77 -6.06
CA SER E 304 -2.87 21.65 -5.02
C SER E 304 -4.12 21.05 -4.38
N LEU E 305 -4.31 21.37 -3.10
CA LEU E 305 -5.50 20.97 -2.34
C LEU E 305 -5.64 21.99 -1.21
N LEU E 306 -6.64 22.86 -1.31
CA LEU E 306 -6.78 23.96 -0.36
C LEU E 306 -7.67 23.58 0.81
N LEU E 307 -7.23 23.93 2.02
CA LEU E 307 -7.91 23.58 3.26
C LEU E 307 -8.50 24.84 3.85
N ALA E 308 -9.82 24.87 4.01
CA ALA E 308 -10.50 26.04 4.55
C ALA E 308 -10.06 26.30 5.98
N THR E 309 -9.79 27.57 6.29
CA THR E 309 -9.51 28.02 7.64
C THR E 309 -10.47 29.10 8.10
N GLY E 310 -11.45 29.47 7.26
CA GLY E 310 -12.48 30.41 7.64
C GLY E 310 -13.85 29.93 7.20
N MET E 311 -14.86 30.75 7.48
CA MET E 311 -16.23 30.37 7.15
C MET E 311 -16.50 30.58 5.67
N LYS E 312 -17.71 30.22 5.24
CA LYS E 312 -18.17 30.56 3.91
C LYS E 312 -18.19 32.08 3.75
N ASN E 313 -17.67 32.55 2.63
CA ASN E 313 -17.67 33.98 2.30
C ASN E 313 -18.92 34.31 1.49
N VAL E 314 -19.84 35.05 2.09
CA VAL E 314 -21.01 35.56 1.38
C VAL E 314 -20.92 37.08 1.35
N PRO E 315 -20.78 37.70 0.18
CA PRO E 315 -20.95 39.16 0.11
C PRO E 315 -22.33 39.53 -0.42
N GLU E 316 -22.49 40.76 -0.87
CA GLU E 316 -23.79 41.22 -1.36
C GLU E 316 -23.87 41.10 -2.87
N GLY F 1 -25.79 24.73 3.63
CA GLY F 1 -24.64 24.26 4.39
C GLY F 1 -24.93 24.07 5.86
N LEU F 2 -25.95 23.27 6.17
CA LEU F 2 -26.32 22.88 7.52
C LEU F 2 -26.69 24.05 8.42
N PHE F 3 -27.28 23.74 9.58
CA PHE F 3 -27.55 24.67 10.67
C PHE F 3 -28.31 25.94 10.27
N GLY F 4 -28.41 26.23 8.98
CA GLY F 4 -29.35 27.20 8.47
C GLY F 4 -28.97 28.67 8.59
N ALA F 5 -27.84 29.00 9.21
CA ALA F 5 -27.55 30.41 9.47
C ALA F 5 -26.75 31.07 8.34
N ILE F 6 -25.45 30.80 8.26
CA ILE F 6 -24.61 31.44 7.25
C ILE F 6 -25.03 30.96 5.87
N ALA F 7 -25.10 31.90 4.92
CA ALA F 7 -25.79 31.69 3.65
C ALA F 7 -27.12 30.98 3.88
N GLY F 8 -27.93 31.62 4.71
CA GLY F 8 -29.22 31.10 5.10
C GLY F 8 -30.12 32.24 5.56
N PHE F 9 -30.77 32.09 6.71
CA PHE F 9 -31.66 33.16 7.15
C PHE F 9 -30.90 34.44 7.49
N ILE F 10 -29.57 34.39 7.64
CA ILE F 10 -28.75 35.62 7.63
C ILE F 10 -28.30 35.80 6.19
N GLU F 11 -29.11 36.52 5.40
CA GLU F 11 -28.77 36.80 4.02
C GLU F 11 -27.52 37.69 3.95
N ASN F 12 -26.40 37.10 3.53
CA ASN F 12 -25.06 37.69 3.37
C ASN F 12 -24.48 38.42 4.59
N GLY F 13 -23.14 38.46 4.64
CA GLY F 13 -22.40 38.94 5.79
C GLY F 13 -21.80 40.32 5.61
N TRP F 14 -20.92 40.67 6.55
CA TRP F 14 -20.50 42.05 6.81
C TRP F 14 -19.03 42.24 6.48
N GLU F 15 -18.74 42.97 5.38
CA GLU F 15 -17.37 43.39 5.11
C GLU F 15 -16.89 44.42 6.13
N GLY F 16 -17.80 45.15 6.76
CA GLY F 16 -17.43 46.19 7.71
C GLY F 16 -16.89 45.66 9.02
N LEU F 17 -17.21 44.42 9.36
CA LEU F 17 -16.66 43.75 10.55
C LEU F 17 -15.21 43.34 10.29
N ILE F 18 -14.25 44.00 10.96
CA ILE F 18 -12.86 43.61 10.86
C ILE F 18 -12.29 43.20 12.22
N ASP F 19 -13.12 43.18 13.26
CA ASP F 19 -12.65 42.88 14.61
C ASP F 19 -12.83 41.42 15.00
N GLY F 20 -13.54 40.63 14.21
CA GLY F 20 -13.78 39.25 14.55
C GLY F 20 -14.58 38.55 13.48
N TRP F 21 -15.11 37.38 13.83
CA TRP F 21 -15.91 36.62 12.86
C TRP F 21 -17.41 36.92 13.00
N TYR F 22 -17.92 36.95 14.23
CA TYR F 22 -19.34 37.18 14.50
C TYR F 22 -19.52 38.50 15.24
N GLY F 23 -20.59 39.25 14.92
CA GLY F 23 -20.80 40.56 15.48
C GLY F 23 -22.26 40.89 15.72
N PHE F 24 -22.46 41.98 16.47
CA PHE F 24 -23.76 42.62 16.66
C PHE F 24 -23.79 43.94 15.90
N ARG F 25 -24.89 44.18 15.17
CA ARG F 25 -25.20 45.50 14.62
C ARG F 25 -26.47 46.02 15.26
N HIS F 26 -26.35 47.08 16.05
CA HIS F 26 -27.49 47.64 16.76
C HIS F 26 -28.01 48.91 16.06
N GLN F 27 -29.21 49.32 16.45
CA GLN F 27 -29.76 50.60 16.01
C GLN F 27 -30.80 51.04 17.03
N ASN F 28 -30.57 52.21 17.64
CA ASN F 28 -31.37 52.64 18.78
C ASN F 28 -31.53 54.15 18.73
N ALA F 29 -31.81 54.75 19.88
CA ALA F 29 -31.78 56.20 20.10
C ALA F 29 -30.64 56.87 19.33
N GLN F 30 -29.38 56.57 19.72
CA GLN F 30 -28.25 57.28 19.12
C GLN F 30 -28.02 56.91 17.66
N GLY F 31 -28.49 55.75 17.21
CA GLY F 31 -28.21 55.30 15.86
C GLY F 31 -27.47 53.98 15.79
N GLU F 32 -26.87 53.70 14.63
CA GLU F 32 -26.23 52.42 14.36
C GLU F 32 -24.85 52.31 15.03
N GLY F 33 -24.40 51.07 15.17
CA GLY F 33 -23.02 50.75 15.53
C GLY F 33 -22.78 49.28 15.25
N THR F 34 -21.57 48.82 15.63
CA THR F 34 -21.18 47.43 15.45
C THR F 34 -20.07 47.09 16.43
N ALA F 35 -20.01 45.80 16.80
CA ALA F 35 -19.00 45.30 17.72
C ALA F 35 -18.93 43.79 17.60
N ALA F 36 -17.72 43.25 17.65
CA ALA F 36 -17.47 41.83 17.39
C ALA F 36 -17.44 41.02 18.69
N ASP F 37 -18.09 39.85 18.65
CA ASP F 37 -18.22 38.93 19.79
C ASP F 37 -16.99 38.02 19.84
N TYR F 38 -16.03 38.44 20.66
CA TYR F 38 -14.83 37.65 20.96
C TYR F 38 -15.10 36.18 21.28
N LYS F 39 -15.94 35.90 22.28
CA LYS F 39 -16.00 34.53 22.83
C LYS F 39 -16.51 33.55 21.78
N SER F 40 -17.46 33.95 20.94
CA SER F 40 -17.87 33.08 19.85
C SER F 40 -16.80 32.99 18.77
N THR F 41 -16.21 34.13 18.41
CA THR F 41 -15.12 34.15 17.45
C THR F 41 -13.98 33.23 17.88
N GLN F 42 -13.58 33.33 19.15
CA GLN F 42 -12.44 32.53 19.63
C GLN F 42 -12.75 31.04 19.59
N SER F 43 -14.02 30.65 19.75
CA SER F 43 -14.36 29.24 19.67
C SER F 43 -14.13 28.68 18.28
N ALA F 44 -14.46 29.46 17.24
CA ALA F 44 -14.19 29.03 15.88
C ALA F 44 -12.69 28.96 15.64
N ILE F 45 -11.99 30.08 15.88
CA ILE F 45 -10.55 30.14 15.62
C ILE F 45 -9.82 29.01 16.34
N ASP F 46 -10.14 28.81 17.62
CA ASP F 46 -9.48 27.74 18.37
C ASP F 46 -9.78 26.36 17.80
N GLN F 47 -10.99 26.18 17.25
CA GLN F 47 -11.32 24.89 16.65
C GLN F 47 -10.62 24.70 15.31
N ILE F 48 -10.52 25.75 14.50
CA ILE F 48 -9.80 25.63 13.23
C ILE F 48 -8.32 25.32 13.46
N THR F 49 -7.70 25.96 14.46
CA THR F 49 -6.29 25.69 14.71
C THR F 49 -6.08 24.24 15.17
N GLY F 50 -6.99 23.73 16.00
CA GLY F 50 -7.00 22.32 16.35
C GLY F 50 -6.83 21.45 15.13
N LYS F 51 -7.61 21.74 14.08
CA LYS F 51 -7.44 21.03 12.82
C LYS F 51 -6.07 21.29 12.23
N LEU F 52 -5.61 22.54 12.29
CA LEU F 52 -4.38 22.93 11.61
C LEU F 52 -3.17 22.27 12.25
N ASN F 53 -3.22 21.99 13.56
CA ASN F 53 -2.16 21.24 14.20
C ASN F 53 -2.29 19.75 13.98
N ARG F 54 -3.48 19.25 13.66
CA ARG F 54 -3.62 17.86 13.27
C ARG F 54 -2.90 17.55 11.96
N LEU F 55 -2.89 18.49 11.00
CA LEU F 55 -2.42 18.14 9.66
C LEU F 55 -1.13 18.79 9.21
N ILE F 56 -0.78 19.99 9.66
CA ILE F 56 0.53 20.54 9.32
C ILE F 56 1.45 19.99 10.39
N ALA F 57 1.96 18.79 10.16
CA ALA F 57 2.49 17.98 11.24
C ALA F 57 3.48 17.01 10.64
N LYS F 58 4.37 16.45 11.48
CA LYS F 58 5.56 15.86 10.88
C LYS F 58 5.73 14.42 11.31
N THR F 59 5.54 13.55 10.33
CA THR F 59 5.95 12.17 10.48
C THR F 59 7.47 12.04 10.45
N ASN F 60 7.96 11.18 11.34
CA ASN F 60 9.37 10.86 11.51
C ASN F 60 9.73 9.53 10.85
N GLN F 61 8.94 9.10 9.88
CA GLN F 61 9.17 7.81 9.26
C GLN F 61 10.12 8.02 8.09
N GLN F 62 11.31 7.44 8.20
CA GLN F 62 12.31 7.60 7.17
C GLN F 62 12.12 6.55 6.09
N PHE F 63 12.25 6.96 4.83
CA PHE F 63 12.25 6.03 3.72
C PHE F 63 13.53 6.19 2.92
N GLU F 64 13.96 5.08 2.33
CA GLU F 64 15.26 4.99 1.69
C GLU F 64 15.08 4.60 0.24
N LEU F 65 16.18 4.54 -0.50
CA LEU F 65 16.13 4.07 -1.87
C LEU F 65 16.01 2.56 -1.89
N ILE F 66 15.23 2.06 -2.85
CA ILE F 66 15.24 0.69 -3.34
C ILE F 66 15.42 0.69 -4.85
N ASP F 67 15.95 1.79 -5.35
CA ASP F 67 15.75 2.25 -6.72
C ASP F 67 16.99 3.05 -7.07
N ASN F 68 17.16 3.36 -8.36
CA ASN F 68 18.42 3.96 -8.80
C ASN F 68 18.21 4.77 -10.06
N GLU F 69 18.47 6.07 -9.96
CA GLU F 69 18.29 7.06 -10.99
C GLU F 69 19.45 7.10 -11.98
N PHE F 70 20.58 6.47 -11.65
CA PHE F 70 21.80 6.58 -12.44
C PHE F 70 22.15 5.29 -13.16
N ASN F 71 22.00 4.14 -12.49
CA ASN F 71 22.21 2.83 -13.10
C ASN F 71 20.97 2.01 -12.74
N GLU F 72 19.98 2.04 -13.64
CA GLU F 72 18.71 1.37 -13.40
C GLU F 72 18.91 -0.08 -13.00
N VAL F 73 18.11 -0.54 -12.04
CA VAL F 73 18.21 -1.92 -11.55
C VAL F 73 17.58 -2.83 -12.59
N GLU F 74 17.71 -4.14 -12.41
CA GLU F 74 17.13 -5.02 -13.42
C GLU F 74 15.61 -4.89 -13.42
N LYS F 75 15.02 -5.09 -14.60
CA LYS F 75 13.70 -4.50 -14.89
C LYS F 75 12.56 -5.27 -14.23
N GLN F 76 12.75 -6.52 -13.84
CA GLN F 76 11.65 -7.22 -13.16
C GLN F 76 11.40 -6.60 -11.80
N ILE F 77 12.46 -6.49 -10.98
CA ILE F 77 12.27 -5.86 -9.67
C ILE F 77 11.93 -4.39 -9.83
N GLY F 78 12.44 -3.74 -10.88
CA GLY F 78 12.04 -2.38 -11.16
C GLY F 78 10.54 -2.23 -11.35
N ASN F 79 9.96 -3.12 -12.16
CA ASN F 79 8.52 -3.05 -12.43
C ASN F 79 7.70 -3.33 -11.17
N VAL F 80 8.13 -4.29 -10.34
CA VAL F 80 7.45 -4.51 -9.05
C VAL F 80 7.58 -3.27 -8.17
N ILE F 81 8.74 -2.64 -8.17
CA ILE F 81 8.94 -1.42 -7.38
C ILE F 81 8.04 -0.30 -7.88
N ASN F 82 8.06 -0.07 -9.20
CA ASN F 82 7.22 0.98 -9.77
C ASN F 82 5.74 0.68 -9.59
N TRP F 83 5.35 -0.58 -9.76
CA TRP F 83 3.97 -0.98 -9.51
C TRP F 83 3.56 -0.72 -8.06
N THR F 84 4.45 -1.03 -7.11
CA THR F 84 4.12 -0.82 -5.71
C THR F 84 4.04 0.66 -5.38
N ARG F 85 5.03 1.44 -5.83
CA ARG F 85 5.02 2.89 -5.58
C ARG F 85 3.76 3.55 -6.12
N ASP F 86 3.32 3.12 -7.31
CA ASP F 86 2.17 3.77 -7.94
C ASP F 86 0.87 3.41 -7.22
N SER F 87 0.74 2.16 -6.80
CA SER F 87 -0.40 1.78 -5.97
C SER F 87 -0.42 2.59 -4.68
N ILE F 88 0.74 2.73 -4.04
CA ILE F 88 0.86 3.54 -2.83
C ILE F 88 0.53 5.00 -3.13
N THR F 89 0.97 5.50 -4.29
CA THR F 89 0.66 6.88 -4.68
C THR F 89 -0.85 7.09 -4.82
N GLU F 90 -1.54 6.14 -5.47
CA GLU F 90 -2.99 6.24 -5.61
C GLU F 90 -3.68 6.37 -4.26
N VAL F 91 -3.25 5.56 -3.28
CA VAL F 91 -3.85 5.59 -1.95
C VAL F 91 -3.74 6.98 -1.34
N TRP F 92 -2.53 7.56 -1.33
CA TRP F 92 -2.34 8.84 -0.67
C TRP F 92 -3.01 9.99 -1.41
N SER F 93 -3.12 9.89 -2.73
CA SER F 93 -3.85 10.91 -3.47
C SER F 93 -5.34 10.83 -3.19
N TYR F 94 -5.85 9.61 -3.00
CA TYR F 94 -7.24 9.44 -2.57
C TYR F 94 -7.44 9.96 -1.16
N ASN F 95 -6.56 9.58 -0.23
CA ASN F 95 -6.72 10.01 1.16
C ASN F 95 -6.67 11.52 1.28
N ALA F 96 -5.74 12.16 0.55
CA ALA F 96 -5.57 13.60 0.66
C ALA F 96 -6.80 14.34 0.13
N GLU F 97 -7.22 14.02 -1.10
CA GLU F 97 -8.42 14.65 -1.66
C GLU F 97 -9.64 14.45 -0.77
N LEU F 98 -9.74 13.30 -0.11
CA LEU F 98 -10.90 13.02 0.73
C LEU F 98 -10.80 13.70 2.08
N LEU F 99 -9.61 13.64 2.72
CA LEU F 99 -9.42 14.30 4.00
C LEU F 99 -9.81 15.77 3.93
N ILE F 100 -9.38 16.46 2.88
CA ILE F 100 -9.54 17.91 2.84
C ILE F 100 -10.95 18.30 2.40
N ALA F 101 -11.57 17.51 1.53
CA ALA F 101 -13.01 17.65 1.32
C ALA F 101 -13.77 17.46 2.63
N MET F 102 -13.38 16.44 3.41
CA MET F 102 -14.08 16.12 4.66
C MET F 102 -13.90 17.25 5.69
N GLU F 103 -12.66 17.73 5.87
CA GLU F 103 -12.42 18.80 6.82
C GLU F 103 -13.04 20.12 6.36
N ASN F 104 -13.24 20.29 5.05
CA ASN F 104 -13.86 21.52 4.55
C ASN F 104 -15.36 21.55 4.82
N GLN F 105 -16.04 20.42 4.60
CA GLN F 105 -17.45 20.34 4.96
C GLN F 105 -17.64 20.57 6.45
N HIS F 106 -16.77 19.98 7.28
CA HIS F 106 -16.86 20.17 8.72
C HIS F 106 -16.54 21.61 9.11
N THR F 107 -15.56 22.22 8.43
CA THR F 107 -15.18 23.60 8.77
C THR F 107 -16.33 24.57 8.48
N ILE F 108 -16.80 24.58 7.23
CA ILE F 108 -17.93 25.42 6.83
C ILE F 108 -19.09 25.26 7.80
N ASP F 109 -19.48 24.02 8.10
CA ASP F 109 -20.62 23.80 8.97
C ASP F 109 -20.29 24.18 10.41
N LEU F 110 -19.03 24.01 10.81
CA LEU F 110 -18.58 24.43 12.13
C LEU F 110 -18.81 25.93 12.37
N ALA F 111 -18.53 26.75 11.37
CA ALA F 111 -18.73 28.19 11.52
C ALA F 111 -20.21 28.54 11.59
N ASP F 112 -21.02 27.98 10.69
CA ASP F 112 -22.45 28.21 10.74
C ASP F 112 -23.02 27.80 12.08
N SER F 113 -22.53 26.68 12.62
CA SER F 113 -22.99 26.26 13.94
C SER F 113 -22.80 27.36 14.97
N GLU F 114 -21.61 27.97 15.00
CA GLU F 114 -21.32 28.98 16.00
C GLU F 114 -22.21 30.20 15.86
N MET F 115 -22.83 30.40 14.70
CA MET F 115 -23.77 31.50 14.54
C MET F 115 -25.14 31.17 15.13
N ASP F 116 -25.73 30.03 14.73
CA ASP F 116 -26.97 29.58 15.33
C ASP F 116 -26.90 29.49 16.84
N LYS F 117 -25.73 29.13 17.38
CA LYS F 117 -25.53 29.12 18.82
C LYS F 117 -25.50 30.53 19.40
N LEU F 118 -25.16 31.53 18.60
CA LEU F 118 -25.09 32.90 19.05
C LEU F 118 -26.45 33.59 18.98
N TYR F 119 -27.07 33.55 17.82
CA TYR F 119 -28.45 33.96 17.63
C TYR F 119 -29.36 33.45 18.75
N GLU F 120 -29.50 32.13 18.84
CA GLU F 120 -30.40 31.51 19.82
C GLU F 120 -29.82 31.47 21.23
N ARG F 121 -28.81 32.27 21.51
CA ARG F 121 -28.46 32.43 22.89
C ARG F 121 -28.77 33.85 23.37
N VAL F 122 -28.86 34.82 22.45
CA VAL F 122 -29.36 36.15 22.81
C VAL F 122 -30.88 36.21 22.81
N LYS F 123 -31.55 35.44 21.95
CA LYS F 123 -32.99 35.27 22.07
C LYS F 123 -33.37 34.72 23.45
N ARG F 124 -32.50 33.94 24.04
CA ARG F 124 -32.79 33.42 25.37
C ARG F 124 -32.56 34.48 26.44
N GLN F 125 -31.63 35.41 26.22
CA GLN F 125 -31.57 36.60 27.06
C GLN F 125 -32.86 37.41 26.98
N LEU F 126 -33.33 37.70 25.75
CA LEU F 126 -34.46 38.60 25.54
C LEU F 126 -35.81 37.93 25.67
N ARG F 127 -35.84 36.63 25.97
CA ARG F 127 -36.99 35.83 26.40
C ARG F 127 -38.34 36.31 25.82
N GLU F 128 -39.01 37.27 26.47
CA GLU F 128 -40.29 37.76 25.94
C GLU F 128 -40.28 39.24 25.56
N ASN F 129 -39.13 39.89 25.60
CA ASN F 129 -39.07 41.31 25.28
C ASN F 129 -38.79 41.59 23.82
N ALA F 130 -38.72 40.56 22.97
CA ALA F 130 -38.41 40.78 21.56
C ALA F 130 -38.90 39.60 20.73
N GLU F 131 -38.85 39.77 19.40
CA GLU F 131 -39.14 38.67 18.48
C GLU F 131 -38.16 38.71 17.33
N GLU F 132 -37.91 37.54 16.76
CA GLU F 132 -37.05 37.47 15.59
C GLU F 132 -37.78 37.82 14.30
N ASP F 133 -37.29 38.91 13.71
CA ASP F 133 -37.71 39.54 12.48
C ASP F 133 -37.65 38.64 11.26
N GLY F 134 -37.10 37.44 11.40
CA GLY F 134 -36.91 36.58 10.24
C GLY F 134 -35.48 36.42 9.77
N THR F 135 -34.80 37.52 9.44
CA THR F 135 -33.48 37.40 8.82
C THR F 135 -32.36 37.86 9.74
N GLY F 136 -32.42 37.45 11.01
CA GLY F 136 -31.28 37.56 11.91
C GLY F 136 -31.31 38.73 12.88
N CYS F 137 -32.37 39.52 12.89
CA CYS F 137 -32.50 40.60 13.85
C CYS F 137 -33.62 40.32 14.85
N PHE F 138 -33.51 40.96 16.01
CA PHE F 138 -34.56 41.00 17.02
C PHE F 138 -35.15 42.40 17.05
N GLU F 139 -36.46 42.49 16.87
CA GLU F 139 -37.17 43.73 17.10
C GLU F 139 -37.31 43.87 18.61
N ILE F 140 -36.52 44.75 19.23
CA ILE F 140 -36.63 44.94 20.68
C ILE F 140 -37.71 46.00 20.88
N PHE F 141 -38.89 45.56 21.36
CA PHE F 141 -40.09 46.38 21.59
C PHE F 141 -40.07 47.03 22.99
N HIS F 142 -39.10 47.93 23.18
CA HIS F 142 -38.92 48.73 24.39
C HIS F 142 -37.60 49.45 24.18
N LYS F 143 -37.25 50.46 24.94
CA LYS F 143 -36.05 51.17 24.55
C LYS F 143 -34.83 50.66 25.32
N CYS F 144 -33.71 50.59 24.57
CA CYS F 144 -32.40 49.99 24.86
C CYS F 144 -31.36 50.98 24.35
N ASP F 145 -30.93 51.88 25.22
CA ASP F 145 -29.90 52.82 24.85
C ASP F 145 -28.55 52.10 24.78
N ASP F 146 -27.52 52.83 24.35
CA ASP F 146 -26.20 52.24 24.15
C ASP F 146 -25.60 51.59 25.39
N ASP F 147 -26.18 51.81 26.56
CA ASP F 147 -25.77 51.08 27.76
C ASP F 147 -26.55 49.78 27.89
N CYS F 148 -27.77 49.76 27.35
CA CYS F 148 -28.59 48.54 27.32
C CYS F 148 -28.18 47.61 26.18
N MET F 149 -27.35 48.09 25.24
CA MET F 149 -26.80 47.20 24.23
C MET F 149 -25.56 46.48 24.71
N ALA F 150 -24.61 47.19 25.35
CA ALA F 150 -23.54 46.50 26.06
C ALA F 150 -24.07 45.55 27.11
N SER F 151 -25.29 45.77 27.59
CA SER F 151 -25.92 44.77 28.45
C SER F 151 -26.07 43.44 27.75
N ILE F 152 -26.47 43.46 26.48
CA ILE F 152 -26.70 42.22 25.75
C ILE F 152 -25.38 41.63 25.27
N ARG F 153 -24.54 42.48 24.66
CA ARG F 153 -23.22 42.09 24.20
C ARG F 153 -22.32 41.40 25.25
N ASN F 154 -22.56 41.56 26.57
CA ASN F 154 -21.68 40.83 27.49
C ASN F 154 -22.50 40.15 28.61
N ASN F 155 -23.57 39.43 28.21
CA ASN F 155 -24.34 38.54 29.10
C ASN F 155 -24.76 39.21 30.40
N THR F 156 -25.29 40.41 30.35
CA THR F 156 -25.79 40.86 31.63
C THR F 156 -27.28 41.13 31.62
N TYR F 157 -27.76 41.68 30.50
CA TYR F 157 -29.12 42.14 30.26
C TYR F 157 -30.12 41.38 31.12
N ASP F 158 -30.76 42.09 32.05
CA ASP F 158 -31.84 41.53 32.84
C ASP F 158 -33.15 41.76 32.13
N HIS F 159 -33.93 40.70 31.98
CA HIS F 159 -35.18 40.79 31.28
C HIS F 159 -36.30 41.49 32.03
N ARG F 160 -36.55 41.12 33.28
CA ARG F 160 -37.77 41.61 33.91
C ARG F 160 -37.76 43.15 34.10
N LYS F 161 -36.56 43.79 34.12
CA LYS F 161 -36.53 45.27 34.18
C LYS F 161 -37.25 45.90 33.00
N TYR F 162 -37.02 45.41 31.78
CA TYR F 162 -37.76 45.91 30.63
C TYR F 162 -38.97 45.03 30.31
N ARG F 163 -39.27 44.06 31.18
CA ARG F 163 -40.39 43.17 30.93
C ARG F 163 -41.72 43.94 30.90
N GLU F 164 -42.04 44.68 31.98
CA GLU F 164 -43.34 45.37 32.09
C GLU F 164 -43.62 46.15 30.84
N GLU F 165 -42.65 46.99 30.52
CA GLU F 165 -42.74 47.91 29.41
C GLU F 165 -42.99 47.17 28.12
N ALA F 166 -42.19 46.14 27.89
CA ALA F 166 -42.22 45.52 26.58
C ALA F 166 -43.54 44.83 26.31
N MET F 167 -44.13 44.19 27.33
CA MET F 167 -45.33 43.37 27.08
C MET F 167 -46.46 44.13 26.40
N GLN F 168 -46.74 45.35 26.85
CA GLN F 168 -47.83 46.09 26.22
C GLN F 168 -47.31 47.02 25.13
N ASN F 169 -46.00 47.33 25.13
CA ASN F 169 -45.49 47.98 23.93
C ASN F 169 -45.74 47.10 22.72
N ARG F 170 -45.78 45.79 22.95
CA ARG F 170 -46.06 44.71 22.01
C ARG F 170 -47.48 44.71 21.51
N ILE F 171 -48.41 45.33 22.23
CA ILE F 171 -49.83 45.18 21.91
C ILE F 171 -50.48 46.53 21.63
C1 NAG G . -2.05 -38.31 -17.45
C2 NAG G . -3.43 -37.61 -17.92
C3 NAG G . -4.62 -38.53 -17.63
C4 NAG G . -4.38 -39.83 -18.40
C5 NAG G . -3.09 -40.57 -17.97
C6 NAG G . -2.73 -41.73 -18.90
C7 NAG G . -3.56 -35.82 -16.29
C8 NAG G . -3.83 -34.37 -16.00
N2 NAG G . -3.73 -36.24 -17.53
O3 NAG G . -5.81 -37.85 -18.08
O4 NAG G . -5.45 -40.74 -18.20
O5 NAG G . -1.97 -39.68 -18.01
O6 NAG G . -3.86 -42.50 -19.24
O7 NAG G . -3.19 -36.61 -15.41
C1 NAG H . 14.07 -5.63 7.44
C2 NAG H . 15.58 -5.56 7.72
C3 NAG H . 15.96 -6.53 8.84
C4 NAG H . 15.14 -6.21 10.08
C5 NAG H . 13.66 -6.31 9.75
C6 NAG H . 12.76 -5.93 10.92
C7 NAG H . 17.64 -5.46 6.38
C8 NAG H . 18.29 -5.82 5.09
N2 NAG H . 16.36 -5.83 6.52
O3 NAG H . 17.35 -6.42 9.13
O4 NAG H . 15.47 -7.12 11.13
O5 NAG H . 13.34 -5.42 8.68
O6 NAG H . 11.54 -5.38 10.47
O7 NAG H . 18.24 -4.87 7.28
C1 NAG I . 26.36 9.01 -31.21
C2 NAG I . 26.09 10.36 -30.60
C3 NAG I . 25.71 11.33 -31.68
C4 NAG I . 26.88 11.44 -32.66
C5 NAG I . 27.33 10.06 -33.16
C6 NAG I . 28.69 10.12 -33.85
C7 NAG I . 23.94 9.67 -29.51
C8 NAG I . 23.11 9.82 -28.27
N2 NAG I . 25.11 10.34 -29.52
O3 NAG I . 25.40 12.61 -31.13
O4 NAG I . 26.51 12.25 -33.78
O5 NAG I . 27.47 9.10 -32.09
O6 NAG I . 28.67 10.94 -35.01
O7 NAG I . 23.56 8.98 -30.46
C1 NAG J . -0.73 -15.56 -6.50
C2 NAG J . -0.38 -17.05 -6.44
C3 NAG J . -1.02 -17.80 -7.62
C4 NAG J . -2.51 -17.55 -7.65
C5 NAG J . -2.79 -16.06 -7.71
C6 NAG J . -4.25 -15.72 -7.66
C7 NAG J . 1.62 -18.28 -5.77
C8 NAG J . 3.13 -18.36 -5.84
N2 NAG J . 1.06 -17.26 -6.42
O3 NAG J . -0.75 -19.19 -7.52
O4 NAG J . -3.10 -18.19 -8.77
O5 NAG J . -2.17 -15.40 -6.60
O6 NAG J . -4.47 -14.37 -7.24
O7 NAG J . 0.97 -19.10 -5.13
C1 NAG K . 34.59 -14.59 19.23
C2 NAG K . 33.46 -14.93 20.17
C3 NAG K . 33.82 -14.44 21.57
C4 NAG K . 35.04 -15.24 22.04
C5 NAG K . 36.26 -15.19 21.09
C6 NAG K . 37.17 -16.41 21.27
C7 NAG K . 31.78 -13.14 19.83
C8 NAG K . 30.41 -12.87 19.33
N2 NAG K . 32.16 -14.43 19.79
O3 NAG K . 32.63 -14.61 22.37
O4 NAG K . 35.33 -15.04 23.41
O5 NAG K . 35.82 -15.25 19.71
O6 NAG K . 38.23 -16.13 22.17
O7 NAG K . 32.52 -12.24 20.25
C1 NAG L . 10.21 3.20 -13.08
C2 NAG L . 10.73 2.96 -14.50
C3 NAG L . 11.87 3.94 -14.82
C4 NAG L . 11.39 5.37 -14.60
C5 NAG L . 10.86 5.54 -13.19
C6 NAG L . 10.28 6.91 -12.94
C7 NAG L . 11.01 0.92 -15.82
C8 NAG L . 11.53 -0.49 -15.85
N2 NAG L . 11.17 1.59 -14.68
O3 NAG L . 12.30 3.75 -16.16
O4 NAG L . 12.45 6.28 -14.84
O5 NAG L . 9.82 4.59 -12.93
O6 NAG L . 9.58 6.96 -11.70
O7 NAG L . 10.46 1.42 -16.80
#